data_6E5N
#
_entry.id   6E5N
#
loop_
_entity.id
_entity.type
_entity.pdbx_description
1 polymer 'Unconventional myosin-VI'
2 polymer 'Clathrin light chain A'
#
loop_
_entity_poly.entity_id
_entity_poly.type
_entity_poly.pdbx_seq_one_letter_code
_entity_poly.pdbx_strand_id
1 'polypeptide(L)'
;GPLGSRPKMTPEQMAKEMSEFLSRGPAVLATKAAAGTKKYDLSKWKYAELRDTINTSCDIELLAACREEFHRRLKVYHAW
KSKNKKR
;
B
2 'polypeptide(L)' GPLGSPEFIENDEAFAILDGGAPG A
#
# COMPACT_ATOMS: atom_id res chain seq x y z
N ARG A 6 -4.14 -15.17 8.37
CA ARG A 6 -3.73 -14.09 7.43
C ARG A 6 -4.42 -14.30 6.08
N PRO A 7 -4.50 -13.27 5.28
CA PRO A 7 -5.15 -13.34 3.93
C PRO A 7 -4.41 -14.27 2.98
N LYS A 8 -3.11 -14.43 3.19
CA LYS A 8 -2.29 -15.29 2.34
C LYS A 8 -2.57 -15.00 0.87
N MET A 9 -2.77 -13.74 0.54
CA MET A 9 -3.05 -13.35 -0.83
C MET A 9 -1.75 -13.16 -1.61
N THR A 10 -1.79 -13.48 -2.90
CA THR A 10 -0.61 -13.34 -3.73
C THR A 10 -0.27 -11.87 -3.93
N PRO A 11 0.94 -11.55 -4.31
CA PRO A 11 1.38 -10.14 -4.52
C PRO A 11 0.43 -9.39 -5.46
N GLU A 12 0.02 -10.05 -6.53
CA GLU A 12 -0.89 -9.43 -7.48
C GLU A 12 -2.26 -9.21 -6.85
N GLN A 13 -2.72 -10.19 -6.06
CA GLN A 13 -4.02 -10.08 -5.40
C GLN A 13 -4.04 -8.91 -4.42
N MET A 14 -2.96 -8.78 -3.65
CA MET A 14 -2.87 -7.70 -2.68
C MET A 14 -2.87 -6.37 -3.40
N ALA A 15 -2.17 -6.29 -4.52
CA ALA A 15 -2.11 -5.05 -5.28
C ALA A 15 -3.49 -4.67 -5.79
N LYS A 16 -4.25 -5.66 -6.25
CA LYS A 16 -5.59 -5.41 -6.77
C LYS A 16 -6.47 -4.81 -5.69
N GLU A 17 -6.39 -5.36 -4.49
CA GLU A 17 -7.19 -4.85 -3.39
C GLU A 17 -6.81 -3.42 -3.06
N MET A 18 -5.51 -3.12 -3.09
CA MET A 18 -5.05 -1.77 -2.78
C MET A 18 -5.62 -0.77 -3.79
N SER A 19 -5.63 -1.15 -5.06
CA SER A 19 -6.14 -0.28 -6.11
C SER A 19 -7.63 -0.01 -5.89
N GLU A 20 -8.37 -1.06 -5.55
CA GLU A 20 -9.80 -0.92 -5.32
C GLU A 20 -10.08 0.05 -4.17
N PHE A 21 -9.27 -0.03 -3.11
CA PHE A 21 -9.46 0.86 -1.97
C PHE A 21 -9.15 2.29 -2.36
N LEU A 22 -8.10 2.47 -3.15
CA LEU A 22 -7.70 3.78 -3.60
C LEU A 22 -8.77 4.41 -4.49
N SER A 23 -9.35 3.58 -5.36
CA SER A 23 -10.38 4.05 -6.28
C SER A 23 -11.65 4.38 -5.51
N ARG A 24 -11.98 3.55 -4.52
CA ARG A 24 -13.15 3.77 -3.71
C ARG A 24 -13.08 5.12 -2.99
N GLY A 25 -11.92 5.41 -2.41
CA GLY A 25 -11.73 6.66 -1.70
C GLY A 25 -10.46 7.37 -2.15
N PRO A 26 -10.50 7.98 -3.30
CA PRO A 26 -9.32 8.70 -3.86
C PRO A 26 -8.86 9.84 -2.94
N ALA A 27 -7.55 10.05 -2.88
CA ALA A 27 -6.99 11.10 -2.04
C ALA A 27 -5.96 11.92 -2.81
N VAL A 28 -6.40 13.07 -3.32
CA VAL A 28 -5.51 13.93 -4.08
C VAL A 28 -4.42 14.49 -3.17
N LEU A 29 -4.81 14.89 -1.97
CA LEU A 29 -3.89 15.46 -1.00
C LEU A 29 -3.29 16.77 -1.51
N ALA A 30 -3.98 17.39 -2.46
CA ALA A 30 -3.51 18.65 -3.03
C ALA A 30 -3.51 19.75 -1.97
N THR A 31 -4.36 19.58 -0.96
CA THR A 31 -4.45 20.56 0.11
C THR A 31 -3.32 20.39 1.11
N LYS A 32 -3.15 21.38 1.97
CA LYS A 32 -2.11 21.34 2.98
C LYS A 32 -2.35 20.19 3.97
N ALA A 33 -3.54 19.59 3.91
CA ALA A 33 -3.89 18.49 4.80
C ALA A 33 -2.87 17.37 4.69
N ALA A 34 -2.21 17.28 3.54
CA ALA A 34 -1.21 16.24 3.32
C ALA A 34 -0.07 16.37 4.34
N ALA A 35 0.31 17.62 4.62
CA ALA A 35 1.38 17.87 5.58
C ALA A 35 0.92 17.51 6.99
N GLY A 36 1.79 16.81 7.72
CA GLY A 36 1.47 16.41 9.08
C GLY A 36 0.79 15.03 9.09
N THR A 37 0.41 14.55 7.90
CA THR A 37 -0.24 13.25 7.79
C THR A 37 0.73 12.21 7.24
N LYS A 38 1.53 12.62 6.26
CA LYS A 38 2.49 11.72 5.67
C LYS A 38 3.55 11.29 6.69
N LYS A 39 3.71 12.08 7.75
CA LYS A 39 4.68 11.78 8.78
C LYS A 39 4.38 10.44 9.44
N TYR A 40 3.11 10.03 9.36
CA TYR A 40 2.68 8.77 9.96
C TYR A 40 3.43 7.61 9.32
N ASP A 41 3.90 6.69 10.16
CA ASP A 41 4.64 5.53 9.67
C ASP A 41 3.71 4.34 9.52
N LEU A 42 3.36 4.03 8.28
CA LEU A 42 2.47 2.91 8.00
C LEU A 42 3.18 1.85 7.15
N SER A 43 4.35 2.21 6.61
CA SER A 43 5.11 1.28 5.79
C SER A 43 5.53 0.06 6.61
N LYS A 44 5.49 0.20 7.93
CA LYS A 44 5.85 -0.91 8.81
C LYS A 44 4.63 -1.75 9.16
N TRP A 45 3.44 -1.29 8.76
CA TRP A 45 2.21 -2.02 9.04
C TRP A 45 1.93 -3.04 7.95
N LYS A 46 1.61 -4.24 8.38
CA LYS A 46 1.31 -5.31 7.44
C LYS A 46 0.09 -4.97 6.58
N TYR A 47 -0.04 -5.65 5.45
CA TYR A 47 -1.15 -5.41 4.56
C TYR A 47 -2.46 -5.64 5.30
N ALA A 48 -2.54 -6.75 6.02
CA ALA A 48 -3.75 -7.06 6.78
C ALA A 48 -4.01 -5.99 7.84
N GLU A 49 -2.93 -5.54 8.48
CA GLU A 49 -3.05 -4.53 9.52
C GLU A 49 -3.60 -3.22 8.95
N LEU A 50 -3.10 -2.82 7.78
CA LEU A 50 -3.57 -1.60 7.16
C LEU A 50 -5.03 -1.73 6.77
N ARG A 51 -5.40 -2.89 6.27
CA ARG A 51 -6.77 -3.11 5.86
C ARG A 51 -7.71 -2.93 7.06
N ASP A 52 -7.35 -3.54 8.18
CA ASP A 52 -8.14 -3.44 9.39
C ASP A 52 -8.11 -2.00 9.91
N THR A 53 -6.94 -1.37 9.84
CA THR A 53 -6.80 -0.01 10.32
C THR A 53 -7.72 0.93 9.55
N ILE A 54 -7.76 0.78 8.24
CA ILE A 54 -8.61 1.63 7.41
C ILE A 54 -10.08 1.44 7.76
N ASN A 55 -10.50 0.18 7.88
CA ASN A 55 -11.88 -0.13 8.21
C ASN A 55 -12.25 0.41 9.58
N THR A 56 -11.32 0.34 10.52
CA THR A 56 -11.56 0.84 11.86
C THR A 56 -11.15 2.31 11.99
N SER A 57 -10.62 2.87 10.91
CA SER A 57 -10.17 4.26 10.94
C SER A 57 -11.36 5.20 11.12
N CYS A 58 -11.27 6.06 12.11
CA CYS A 58 -12.32 7.02 12.39
C CYS A 58 -11.84 8.45 12.11
N ASP A 59 -10.61 8.59 11.62
CA ASP A 59 -10.05 9.90 11.32
C ASP A 59 -9.71 10.02 9.84
N ILE A 60 -10.06 11.16 9.24
CA ILE A 60 -9.76 11.39 7.84
C ILE A 60 -8.26 11.42 7.58
N GLU A 61 -7.52 11.97 8.53
CA GLU A 61 -6.07 12.07 8.41
C GLU A 61 -5.44 10.67 8.32
N LEU A 62 -5.92 9.77 9.18
CA LEU A 62 -5.41 8.41 9.17
C LEU A 62 -5.77 7.72 7.86
N LEU A 63 -6.97 7.98 7.38
CA LEU A 63 -7.44 7.36 6.14
C LEU A 63 -6.53 7.77 4.99
N ALA A 64 -6.18 9.05 4.96
CA ALA A 64 -5.28 9.57 3.94
C ALA A 64 -3.91 8.92 4.06
N ALA A 65 -3.47 8.71 5.29
CA ALA A 65 -2.17 8.12 5.54
C ALA A 65 -2.09 6.71 4.96
N CYS A 66 -3.16 5.94 5.17
CA CYS A 66 -3.20 4.57 4.67
C CYS A 66 -3.22 4.58 3.15
N ARG A 67 -3.98 5.52 2.59
CA ARG A 67 -4.08 5.64 1.14
C ARG A 67 -2.72 5.94 0.55
N GLU A 68 -1.97 6.81 1.21
CA GLU A 68 -0.64 7.17 0.75
C GLU A 68 0.29 5.96 0.78
N GLU A 69 0.19 5.18 1.86
CA GLU A 69 1.03 4.00 2.00
C GLU A 69 0.71 2.99 0.89
N PHE A 70 -0.57 2.84 0.60
CA PHE A 70 -1.00 1.90 -0.41
C PHE A 70 -0.47 2.32 -1.78
N HIS A 71 -0.56 3.61 -2.10
CA HIS A 71 -0.07 4.11 -3.37
C HIS A 71 1.43 3.88 -3.50
N ARG A 72 2.18 4.21 -2.45
CA ARG A 72 3.62 4.04 -2.47
C ARG A 72 3.99 2.57 -2.59
N ARG A 73 3.27 1.73 -1.84
CA ARG A 73 3.52 0.30 -1.88
C ARG A 73 3.23 -0.26 -3.26
N LEU A 74 2.12 0.19 -3.85
CA LEU A 74 1.75 -0.26 -5.18
C LEU A 74 2.79 0.16 -6.21
N LYS A 75 3.30 1.39 -6.07
CA LYS A 75 4.28 1.90 -7.00
C LYS A 75 5.54 1.04 -6.97
N VAL A 76 6.00 0.72 -5.76
CA VAL A 76 7.19 -0.10 -5.61
C VAL A 76 6.96 -1.48 -6.22
N TYR A 77 5.77 -2.02 -5.99
CA TYR A 77 5.43 -3.34 -6.51
C TYR A 77 5.54 -3.35 -8.03
N HIS A 78 4.97 -2.35 -8.67
CA HIS A 78 5.01 -2.25 -10.11
C HIS A 78 6.46 -2.15 -10.60
N ALA A 79 7.26 -1.35 -9.90
CA ALA A 79 8.65 -1.20 -10.28
C ALA A 79 9.40 -2.53 -10.14
N TRP A 80 9.14 -3.26 -9.06
CA TRP A 80 9.79 -4.54 -8.85
C TRP A 80 9.46 -5.51 -9.97
N LYS A 81 8.19 -5.56 -10.34
CA LYS A 81 7.74 -6.42 -11.42
C LYS A 81 8.42 -6.04 -12.72
N SER A 82 8.60 -4.75 -12.90
CA SER A 82 9.26 -4.26 -14.10
C SER A 82 10.67 -4.83 -14.20
N LYS A 83 11.37 -4.87 -13.08
CA LYS A 83 12.74 -5.39 -13.07
C LYS A 83 12.76 -6.88 -13.44
N ASN A 84 11.86 -7.65 -12.82
CA ASN A 84 11.80 -9.09 -13.09
C ASN A 84 11.27 -9.38 -14.49
N LYS A 85 10.28 -8.60 -14.92
CA LYS A 85 9.68 -8.77 -16.23
C LYS A 85 10.63 -8.31 -17.32
N LYS A 86 11.29 -7.21 -17.04
CA LYS A 86 12.25 -6.64 -17.98
C LYS A 86 13.50 -6.15 -17.27
N ARG A 87 14.62 -6.24 -17.97
CA ARG A 87 15.90 -5.80 -17.42
C ARG A 87 16.27 -6.61 -16.19
N ILE B 9 12.05 -16.67 -3.19
CA ILE B 9 13.03 -15.56 -3.30
C ILE B 9 12.33 -14.33 -3.88
N GLU B 10 12.10 -14.37 -5.19
CA GLU B 10 11.44 -13.25 -5.86
C GLU B 10 10.04 -13.02 -5.31
N ASN B 11 9.32 -14.11 -5.09
CA ASN B 11 7.97 -14.03 -4.56
C ASN B 11 7.99 -13.39 -3.18
N ASP B 12 8.99 -13.75 -2.38
CA ASP B 12 9.11 -13.18 -1.05
C ASP B 12 9.32 -11.69 -1.11
N GLU B 13 10.12 -11.25 -2.08
CA GLU B 13 10.39 -9.82 -2.25
C GLU B 13 9.10 -9.05 -2.55
N ALA B 14 8.28 -9.61 -3.45
CA ALA B 14 7.03 -8.97 -3.81
C ALA B 14 6.10 -8.88 -2.60
N PHE B 15 6.09 -9.95 -1.80
CA PHE B 15 5.25 -9.98 -0.62
C PHE B 15 5.64 -8.86 0.34
N ALA B 16 6.95 -8.68 0.55
CA ALA B 16 7.42 -7.63 1.44
C ALA B 16 6.99 -6.25 0.93
N ILE B 17 7.08 -6.05 -0.38
CA ILE B 17 6.69 -4.78 -0.96
C ILE B 17 5.23 -4.46 -0.67
N LEU B 18 4.39 -5.48 -0.76
CA LEU B 18 2.95 -5.29 -0.51
C LEU B 18 2.55 -5.78 0.87
N ASP B 19 3.50 -5.78 1.81
CA ASP B 19 3.20 -6.23 3.17
C ASP B 19 4.07 -5.48 4.18
N GLY B 20 5.37 -5.65 4.04
CA GLY B 20 6.32 -4.97 4.94
C GLY B 20 6.69 -3.59 4.40
N GLY B 21 6.17 -3.24 3.22
CA GLY B 21 6.46 -1.95 2.61
C GLY B 21 7.92 -1.86 2.17
N ALA B 22 8.53 -3.02 1.97
CA ALA B 22 9.94 -3.07 1.56
C ALA B 22 10.09 -2.63 0.11
N PRO B 23 11.27 -2.22 -0.26
CA PRO B 23 11.55 -1.77 -1.66
C PRO B 23 11.57 -2.93 -2.65
N GLY B 24 11.82 -4.12 -2.14
CA GLY B 24 11.86 -5.31 -3.00
C GLY B 24 13.20 -6.02 -2.85
N ARG A 6 2.86 -12.28 5.84
CA ARG A 6 2.71 -13.50 4.99
C ARG A 6 1.24 -13.71 4.66
N PRO A 7 0.67 -12.81 3.91
CA PRO A 7 -0.76 -12.88 3.50
C PRO A 7 -1.01 -14.00 2.51
N LYS A 8 -2.17 -14.60 2.63
CA LYS A 8 -2.55 -15.71 1.76
C LYS A 8 -2.70 -15.24 0.32
N MET A 9 -3.04 -13.96 0.13
CA MET A 9 -3.22 -13.43 -1.22
C MET A 9 -1.87 -13.24 -1.88
N THR A 10 -1.82 -13.52 -3.18
CA THR A 10 -0.59 -13.38 -3.94
C THR A 10 -0.28 -11.90 -4.12
N PRO A 11 0.94 -11.57 -4.45
CA PRO A 11 1.36 -10.15 -4.64
C PRO A 11 0.42 -9.42 -5.60
N GLU A 12 0.08 -10.08 -6.70
CA GLU A 12 -0.81 -9.48 -7.68
C GLU A 12 -2.20 -9.28 -7.08
N GLN A 13 -2.67 -10.25 -6.31
CA GLN A 13 -3.98 -10.14 -5.69
C GLN A 13 -4.02 -8.99 -4.69
N MET A 14 -2.95 -8.83 -3.92
CA MET A 14 -2.92 -7.76 -2.95
C MET A 14 -2.97 -6.42 -3.65
N ALA A 15 -2.25 -6.30 -4.77
CA ALA A 15 -2.24 -5.04 -5.51
C ALA A 15 -3.64 -4.72 -6.03
N LYS A 16 -4.33 -5.74 -6.52
CA LYS A 16 -5.67 -5.53 -7.05
C LYS A 16 -6.62 -5.04 -5.96
N GLU A 17 -6.50 -5.63 -4.77
CA GLU A 17 -7.36 -5.22 -3.67
C GLU A 17 -7.07 -3.77 -3.27
N MET A 18 -5.80 -3.39 -3.27
CA MET A 18 -5.44 -2.03 -2.90
C MET A 18 -6.03 -1.03 -3.89
N SER A 19 -5.96 -1.37 -5.17
CA SER A 19 -6.50 -0.50 -6.21
C SER A 19 -7.99 -0.29 -6.00
N GLU A 20 -8.69 -1.37 -5.69
CA GLU A 20 -10.13 -1.32 -5.49
C GLU A 20 -10.49 -0.37 -4.34
N PHE A 21 -9.75 -0.47 -3.23
CA PHE A 21 -10.03 0.40 -2.08
C PHE A 21 -9.66 1.85 -2.40
N LEU A 22 -8.55 2.01 -3.09
CA LEU A 22 -8.07 3.33 -3.46
C LEU A 22 -9.04 4.03 -4.40
N SER A 23 -9.60 3.25 -5.34
CA SER A 23 -10.55 3.79 -6.30
C SER A 23 -11.86 4.14 -5.60
N ARG A 24 -12.27 3.29 -4.66
CA ARG A 24 -13.50 3.51 -3.92
C ARG A 24 -13.49 4.86 -3.20
N GLY A 25 -12.42 5.14 -2.46
CA GLY A 25 -12.33 6.40 -1.73
C GLY A 25 -11.49 7.43 -2.50
N PRO A 26 -11.78 8.70 -2.35
CA PRO A 26 -11.02 9.78 -3.05
C PRO A 26 -9.70 10.09 -2.36
N ALA A 27 -8.69 9.32 -2.71
CA ALA A 27 -7.36 9.49 -2.15
C ALA A 27 -6.79 10.86 -2.46
N VAL A 28 -7.05 11.33 -3.67
CA VAL A 28 -6.55 12.63 -4.09
C VAL A 28 -7.08 13.74 -3.18
N LEU A 29 -8.37 13.71 -2.91
CA LEU A 29 -8.98 14.71 -2.04
C LEU A 29 -8.43 14.62 -0.63
N ALA A 30 -8.24 13.39 -0.15
CA ALA A 30 -7.72 13.16 1.19
C ALA A 30 -6.32 13.73 1.30
N THR A 31 -5.53 13.49 0.28
CA THR A 31 -4.17 13.95 0.26
C THR A 31 -4.11 15.47 0.29
N LYS A 32 -4.94 16.10 -0.53
CA LYS A 32 -4.97 17.56 -0.60
C LYS A 32 -5.42 18.14 0.74
N ALA A 33 -6.42 17.49 1.34
CA ALA A 33 -6.94 17.96 2.63
C ALA A 33 -5.88 17.92 3.72
N ALA A 34 -5.10 16.83 3.76
CA ALA A 34 -4.06 16.66 4.75
C ALA A 34 -3.48 15.26 4.69
N ALA A 35 -2.24 15.14 4.22
CA ALA A 35 -1.60 13.84 4.12
C ALA A 35 -1.43 13.21 5.50
N GLY A 36 -0.42 13.65 6.22
CA GLY A 36 -0.16 13.13 7.56
C GLY A 36 0.60 11.81 7.51
N THR A 37 0.95 11.38 6.31
CA THR A 37 1.68 10.14 6.14
C THR A 37 3.03 10.20 6.84
N LYS A 38 3.69 11.34 6.73
CA LYS A 38 4.99 11.52 7.36
C LYS A 38 4.88 11.35 8.86
N LYS A 39 3.84 11.95 9.44
CA LYS A 39 3.61 11.86 10.87
C LYS A 39 3.30 10.42 11.27
N TYR A 40 2.53 9.73 10.43
CA TYR A 40 2.14 8.35 10.72
C TYR A 40 2.87 7.38 9.82
N ASP A 41 3.84 6.69 10.38
CA ASP A 41 4.61 5.72 9.62
C ASP A 41 3.85 4.40 9.56
N LEU A 42 3.14 4.20 8.46
CA LEU A 42 2.35 3.00 8.28
C LEU A 42 3.02 2.07 7.26
N SER A 43 4.20 2.47 6.78
CA SER A 43 4.92 1.64 5.81
C SER A 43 5.42 0.37 6.48
N LYS A 44 5.32 0.31 7.80
CA LYS A 44 5.77 -0.87 8.53
C LYS A 44 4.58 -1.78 8.87
N TRP A 45 3.36 -1.29 8.65
CA TRP A 45 2.17 -2.07 8.94
C TRP A 45 1.85 -3.03 7.81
N LYS A 46 1.52 -4.25 8.17
CA LYS A 46 1.18 -5.26 7.18
C LYS A 46 -0.04 -4.85 6.38
N TYR A 47 -0.20 -5.45 5.21
CA TYR A 47 -1.34 -5.14 4.36
C TYR A 47 -2.63 -5.40 5.13
N ALA A 48 -2.68 -6.56 5.77
CA ALA A 48 -3.87 -6.91 6.55
C ALA A 48 -4.08 -5.90 7.68
N GLU A 49 -2.99 -5.48 8.30
CA GLU A 49 -3.07 -4.53 9.40
C GLU A 49 -3.63 -3.19 8.92
N LEU A 50 -3.15 -2.72 7.77
CA LEU A 50 -3.64 -1.47 7.23
C LEU A 50 -5.11 -1.58 6.85
N ARG A 51 -5.47 -2.72 6.30
CA ARG A 51 -6.85 -2.94 5.90
C ARG A 51 -7.76 -2.82 7.11
N ASP A 52 -7.37 -3.49 8.19
CA ASP A 52 -8.16 -3.44 9.42
C ASP A 52 -8.15 -2.01 9.97
N THR A 53 -7.00 -1.36 9.91
CA THR A 53 -6.90 0.00 10.42
C THR A 53 -7.86 0.93 9.70
N ILE A 54 -7.92 0.81 8.38
CA ILE A 54 -8.82 1.65 7.58
C ILE A 54 -10.27 1.43 7.98
N ASN A 55 -10.67 0.17 8.07
CA ASN A 55 -12.04 -0.17 8.43
C ASN A 55 -12.39 0.34 9.82
N THR A 56 -11.44 0.24 10.74
CA THR A 56 -11.67 0.71 12.11
C THR A 56 -11.27 2.17 12.28
N SER A 57 -10.77 2.80 11.21
CA SER A 57 -10.35 4.18 11.32
C SER A 57 -11.52 5.08 11.65
N CYS A 58 -11.21 6.19 12.30
CA CYS A 58 -12.23 7.16 12.68
C CYS A 58 -11.80 8.56 12.23
N ASP A 59 -10.58 8.67 11.69
CA ASP A 59 -10.08 9.97 11.25
C ASP A 59 -9.62 9.91 9.79
N ILE A 60 -9.90 10.98 9.05
CA ILE A 60 -9.52 11.05 7.65
C ILE A 60 -8.00 11.16 7.51
N GLU A 61 -7.34 11.67 8.55
CA GLU A 61 -5.90 11.82 8.54
C GLU A 61 -5.22 10.46 8.44
N LEU A 62 -5.69 9.52 9.25
CA LEU A 62 -5.14 8.19 9.24
C LEU A 62 -5.46 7.50 7.92
N LEU A 63 -6.68 7.71 7.45
CA LEU A 63 -7.12 7.10 6.20
C LEU A 63 -6.23 7.58 5.07
N ALA A 64 -5.92 8.86 5.09
CA ALA A 64 -5.07 9.45 4.07
C ALA A 64 -3.68 8.81 4.12
N ALA A 65 -3.20 8.54 5.34
CA ALA A 65 -1.89 7.95 5.52
C ALA A 65 -1.82 6.56 4.89
N CYS A 66 -2.86 5.78 5.12
CA CYS A 66 -2.94 4.42 4.58
C CYS A 66 -3.06 4.45 3.07
N ARG A 67 -3.87 5.38 2.58
CA ARG A 67 -4.07 5.52 1.15
C ARG A 67 -2.76 5.86 0.46
N GLU A 68 -2.01 6.77 1.06
CA GLU A 68 -0.72 7.15 0.51
C GLU A 68 0.25 5.99 0.57
N GLU A 69 0.21 5.23 1.67
CA GLU A 69 1.09 4.09 1.80
C GLU A 69 0.80 3.07 0.73
N PHE A 70 -0.49 2.87 0.46
CA PHE A 70 -0.89 1.92 -0.56
C PHE A 70 -0.37 2.33 -1.93
N HIS A 71 -0.43 3.64 -2.22
CA HIS A 71 0.05 4.13 -3.51
C HIS A 71 1.55 3.88 -3.66
N ARG A 72 2.30 4.13 -2.59
CA ARG A 72 3.74 3.91 -2.63
C ARG A 72 4.06 2.43 -2.74
N ARG A 73 3.35 1.62 -1.97
CA ARG A 73 3.55 0.18 -2.00
C ARG A 73 3.21 -0.39 -3.37
N LEU A 74 2.12 0.09 -3.96
CA LEU A 74 1.71 -0.37 -5.28
C LEU A 74 2.74 0.03 -6.33
N LYS A 75 3.24 1.26 -6.22
CA LYS A 75 4.24 1.74 -7.17
C LYS A 75 5.51 0.91 -7.08
N VAL A 76 5.92 0.59 -5.87
CA VAL A 76 7.12 -0.21 -5.66
C VAL A 76 6.91 -1.60 -6.25
N TYR A 77 5.73 -2.16 -6.02
CA TYR A 77 5.41 -3.49 -6.52
C TYR A 77 5.51 -3.52 -8.03
N HIS A 78 4.90 -2.54 -8.69
CA HIS A 78 4.93 -2.47 -10.14
C HIS A 78 6.37 -2.34 -10.63
N ALA A 79 7.13 -1.46 -10.00
CA ALA A 79 8.52 -1.26 -10.39
C ALA A 79 9.33 -2.55 -10.20
N TRP A 80 9.09 -3.26 -9.11
CA TRP A 80 9.79 -4.49 -8.85
C TRP A 80 9.54 -5.50 -9.97
N LYS A 81 8.28 -5.64 -10.37
CA LYS A 81 7.93 -6.55 -11.46
C LYS A 81 8.60 -6.11 -12.75
N SER A 82 8.70 -4.82 -12.94
CA SER A 82 9.32 -4.28 -14.14
C SER A 82 10.76 -4.76 -14.22
N LYS A 83 11.46 -4.70 -13.08
CA LYS A 83 12.86 -5.12 -13.04
C LYS A 83 13.00 -6.61 -13.33
N ASN A 84 12.16 -7.41 -12.70
CA ASN A 84 12.21 -8.86 -12.88
C ASN A 84 11.77 -9.27 -14.28
N LYS A 85 10.74 -8.61 -14.78
CA LYS A 85 10.22 -8.89 -16.12
C LYS A 85 11.18 -8.39 -17.18
N LYS A 86 11.72 -7.21 -16.92
CA LYS A 86 12.65 -6.59 -17.86
C LYS A 86 13.93 -6.12 -17.14
N ARG A 87 15.07 -6.37 -17.77
CA ARG A 87 16.35 -5.97 -17.19
C ARG A 87 17.49 -6.24 -18.16
N ILE B 9 12.10 -16.60 -3.10
CA ILE B 9 13.02 -15.44 -3.08
C ILE B 9 12.34 -14.24 -3.70
N GLU B 10 12.11 -14.30 -5.00
CA GLU B 10 11.47 -13.21 -5.71
C GLU B 10 10.06 -12.98 -5.19
N ASN B 11 9.34 -14.07 -4.95
CA ASN B 11 7.98 -13.97 -4.45
C ASN B 11 7.98 -13.30 -3.09
N ASP B 12 8.97 -13.64 -2.27
CA ASP B 12 9.07 -13.07 -0.95
C ASP B 12 9.28 -11.56 -1.03
N GLU B 13 10.09 -11.13 -1.99
CA GLU B 13 10.36 -9.71 -2.16
C GLU B 13 9.07 -8.97 -2.50
N ALA B 14 8.28 -9.55 -3.39
CA ALA B 14 7.02 -8.94 -3.78
C ALA B 14 6.07 -8.83 -2.59
N PHE B 15 6.02 -9.89 -1.78
CA PHE B 15 5.16 -9.89 -0.61
C PHE B 15 5.55 -8.78 0.35
N ALA B 16 6.85 -8.60 0.57
CA ALA B 16 7.33 -7.56 1.46
C ALA B 16 6.92 -6.19 0.95
N ILE B 17 7.01 -6.00 -0.36
CA ILE B 17 6.64 -4.73 -0.96
C ILE B 17 5.18 -4.41 -0.67
N LEU B 18 4.33 -5.41 -0.80
CA LEU B 18 2.90 -5.23 -0.57
C LEU B 18 2.48 -5.65 0.83
N ASP B 19 3.43 -5.75 1.75
CA ASP B 19 3.10 -6.15 3.13
C ASP B 19 3.99 -5.40 4.12
N GLY B 20 5.29 -5.64 4.03
CA GLY B 20 6.23 -4.99 4.94
C GLY B 20 6.58 -3.58 4.46
N GLY B 21 6.11 -3.20 3.27
CA GLY B 21 6.40 -1.88 2.73
C GLY B 21 7.86 -1.79 2.28
N ALA B 22 8.48 -2.95 2.06
CA ALA B 22 9.87 -2.99 1.64
C ALA B 22 10.03 -2.58 0.17
N PRO B 23 11.19 -2.18 -0.24
CA PRO B 23 11.45 -1.75 -1.64
C PRO B 23 11.47 -2.94 -2.61
N GLY B 24 11.69 -4.13 -2.06
CA GLY B 24 11.72 -5.34 -2.89
C GLY B 24 13.16 -5.76 -3.17
N ARG A 6 1.60 -11.21 6.86
CA ARG A 6 1.51 -12.60 6.30
C ARG A 6 0.20 -12.74 5.52
N PRO A 7 0.09 -12.03 4.43
CA PRO A 7 -1.12 -12.06 3.56
C PRO A 7 -1.22 -13.37 2.79
N LYS A 8 -2.41 -13.94 2.79
CA LYS A 8 -2.65 -15.20 2.09
C LYS A 8 -2.74 -14.97 0.58
N MET A 9 -3.17 -13.78 0.19
CA MET A 9 -3.33 -13.44 -1.22
C MET A 9 -1.96 -13.25 -1.87
N THR A 10 -1.90 -13.52 -3.17
CA THR A 10 -0.65 -13.38 -3.90
C THR A 10 -0.29 -11.90 -4.07
N PRO A 11 0.94 -11.60 -4.38
CA PRO A 11 1.39 -10.19 -4.56
C PRO A 11 0.51 -9.42 -5.53
N GLU A 12 0.12 -10.08 -6.62
CA GLU A 12 -0.74 -9.45 -7.61
C GLU A 12 -2.12 -9.19 -7.03
N GLN A 13 -2.63 -10.16 -6.27
CA GLN A 13 -3.94 -10.03 -5.65
C GLN A 13 -3.97 -8.86 -4.68
N MET A 14 -2.90 -8.73 -3.91
CA MET A 14 -2.81 -7.64 -2.94
C MET A 14 -2.83 -6.30 -3.65
N ALA A 15 -2.09 -6.22 -4.76
CA ALA A 15 -2.04 -4.97 -5.51
C ALA A 15 -3.41 -4.60 -6.05
N LYS A 16 -4.14 -5.59 -6.54
CA LYS A 16 -5.47 -5.36 -7.08
C LYS A 16 -6.40 -4.84 -6.00
N GLU A 17 -6.31 -5.42 -4.81
CA GLU A 17 -7.15 -4.99 -3.71
C GLU A 17 -6.85 -3.54 -3.33
N MET A 18 -5.57 -3.19 -3.31
CA MET A 18 -5.17 -1.83 -2.96
C MET A 18 -5.73 -0.84 -3.97
N SER A 19 -5.67 -1.19 -5.25
CA SER A 19 -6.17 -0.31 -6.30
C SER A 19 -7.68 -0.11 -6.15
N GLU A 20 -8.38 -1.18 -5.83
CA GLU A 20 -9.83 -1.10 -5.66
C GLU A 20 -10.20 -0.16 -4.53
N PHE A 21 -9.46 -0.24 -3.42
CA PHE A 21 -9.71 0.61 -2.27
C PHE A 21 -9.42 2.07 -2.61
N LEU A 22 -8.35 2.30 -3.35
CA LEU A 22 -7.97 3.64 -3.73
C LEU A 22 -8.97 4.22 -4.72
N SER A 23 -9.44 3.39 -5.64
CA SER A 23 -10.40 3.84 -6.65
C SER A 23 -11.71 4.29 -6.00
N ARG A 24 -12.20 3.50 -5.04
CA ARG A 24 -13.43 3.83 -4.35
C ARG A 24 -13.21 4.99 -3.40
N GLY A 25 -11.99 5.12 -2.91
CA GLY A 25 -11.66 6.18 -1.97
C GLY A 25 -11.17 7.44 -2.71
N PRO A 26 -11.30 8.59 -2.09
CA PRO A 26 -10.84 9.88 -2.70
C PRO A 26 -9.33 10.01 -2.72
N ALA A 27 -8.82 10.77 -3.70
CA ALA A 27 -7.38 10.98 -3.81
C ALA A 27 -6.99 12.31 -3.19
N VAL A 28 -6.45 12.27 -1.97
CA VAL A 28 -6.04 13.48 -1.28
C VAL A 28 -5.02 13.15 -0.20
N LEU A 29 -3.94 13.91 -0.17
CA LEU A 29 -2.90 13.69 0.82
C LEU A 29 -3.44 13.92 2.24
N ALA A 30 -4.29 14.93 2.39
CA ALA A 30 -4.87 15.24 3.69
C ALA A 30 -3.78 15.67 4.67
N THR A 31 -2.66 16.14 4.13
CA THR A 31 -1.55 16.59 4.97
C THR A 31 -0.94 17.86 4.41
N LYS A 32 -0.78 18.86 5.26
CA LYS A 32 -0.20 20.13 4.84
C LYS A 32 1.31 20.14 5.08
N ALA A 33 1.84 19.02 5.59
CA ALA A 33 3.26 18.94 5.86
C ALA A 33 3.68 17.47 5.96
N ALA A 34 4.94 17.20 5.67
CA ALA A 34 5.47 15.85 5.74
C ALA A 34 5.42 15.32 7.17
N ALA A 35 5.34 16.24 8.13
CA ALA A 35 5.28 15.85 9.54
C ALA A 35 4.08 14.96 9.81
N GLY A 36 2.96 15.25 9.14
CA GLY A 36 1.75 14.46 9.32
C GLY A 36 1.96 13.03 8.87
N THR A 37 2.68 12.87 7.76
CA THR A 37 2.95 11.55 7.22
C THR A 37 3.78 10.73 8.19
N LYS A 38 4.76 11.38 8.80
CA LYS A 38 5.63 10.69 9.75
C LYS A 38 4.83 10.17 10.93
N LYS A 39 3.90 10.97 11.41
CA LYS A 39 3.06 10.58 12.54
C LYS A 39 2.25 9.34 12.18
N TYR A 40 1.80 9.28 10.92
CA TYR A 40 1.00 8.16 10.47
C TYR A 40 1.79 7.30 9.50
N ASP A 41 3.09 7.16 9.77
CA ASP A 41 3.95 6.36 8.91
C ASP A 41 3.69 4.88 9.14
N LEU A 42 2.71 4.34 8.42
CA LEU A 42 2.35 2.94 8.56
C LEU A 42 2.99 2.10 7.45
N SER A 43 4.08 2.62 6.88
CA SER A 43 4.78 1.92 5.82
C SER A 43 5.30 0.56 6.32
N LYS A 44 5.36 0.40 7.64
CA LYS A 44 5.83 -0.85 8.22
C LYS A 44 4.65 -1.76 8.58
N TRP A 45 3.44 -1.20 8.56
CA TRP A 45 2.25 -1.98 8.88
C TRP A 45 1.94 -2.97 7.76
N LYS A 46 1.63 -4.20 8.11
CA LYS A 46 1.30 -5.22 7.13
C LYS A 46 0.03 -4.85 6.37
N TYR A 47 -0.15 -5.46 5.20
CA TYR A 47 -1.32 -5.19 4.40
C TYR A 47 -2.59 -5.49 5.20
N ALA A 48 -2.60 -6.62 5.87
CA ALA A 48 -3.75 -6.99 6.68
C ALA A 48 -3.98 -5.98 7.81
N GLU A 49 -2.88 -5.52 8.41
CA GLU A 49 -2.97 -4.56 9.50
C GLU A 49 -3.58 -3.25 9.02
N LEU A 50 -3.15 -2.79 7.85
CA LEU A 50 -3.68 -1.57 7.29
C LEU A 50 -5.15 -1.73 6.96
N ARG A 51 -5.51 -2.91 6.47
CA ARG A 51 -6.90 -3.17 6.13
C ARG A 51 -7.80 -2.97 7.34
N ASP A 52 -7.38 -3.56 8.47
CA ASP A 52 -8.13 -3.42 9.70
C ASP A 52 -8.14 -1.98 10.15
N THR A 53 -6.99 -1.31 9.99
CA THR A 53 -6.89 0.09 10.39
C THR A 53 -7.88 0.94 9.62
N ILE A 54 -8.01 0.68 8.32
CA ILE A 54 -8.94 1.44 7.50
C ILE A 54 -10.37 1.27 8.00
N ASN A 55 -10.77 0.04 8.26
CA ASN A 55 -12.11 -0.25 8.74
C ASN A 55 -12.36 0.42 10.09
N THR A 56 -11.33 0.43 10.94
CA THR A 56 -11.44 1.03 12.26
C THR A 56 -11.06 2.51 12.22
N SER A 57 -10.67 3.00 11.04
CA SER A 57 -10.28 4.39 10.90
C SER A 57 -11.47 5.31 11.13
N CYS A 58 -11.30 6.28 12.00
CA CYS A 58 -12.36 7.22 12.30
C CYS A 58 -11.89 8.66 12.05
N ASP A 59 -10.86 8.81 11.23
CA ASP A 59 -10.33 10.14 10.92
C ASP A 59 -9.77 10.18 9.50
N ILE A 60 -9.79 11.36 8.89
CA ILE A 60 -9.28 11.51 7.55
C ILE A 60 -7.76 11.40 7.51
N GLU A 61 -7.12 11.76 8.63
CA GLU A 61 -5.67 11.68 8.71
C GLU A 61 -5.19 10.24 8.56
N LEU A 62 -5.84 9.34 9.28
CA LEU A 62 -5.48 7.93 9.22
C LEU A 62 -5.80 7.37 7.83
N LEU A 63 -6.94 7.78 7.29
CA LEU A 63 -7.37 7.31 5.97
C LEU A 63 -6.35 7.73 4.92
N ALA A 64 -5.85 8.94 5.05
CA ALA A 64 -4.87 9.43 4.11
C ALA A 64 -3.54 8.71 4.31
N ALA A 65 -3.25 8.34 5.55
CA ALA A 65 -2.01 7.65 5.87
C ALA A 65 -1.94 6.28 5.19
N CYS A 66 -3.01 5.51 5.32
CA CYS A 66 -3.05 4.18 4.72
C CYS A 66 -3.18 4.30 3.20
N ARG A 67 -4.02 5.23 2.74
CA ARG A 67 -4.19 5.42 1.31
C ARG A 67 -2.89 5.82 0.65
N GLU A 68 -2.15 6.71 1.32
CA GLU A 68 -0.87 7.16 0.80
C GLU A 68 0.11 5.99 0.74
N GLU A 69 0.12 5.18 1.79
CA GLU A 69 1.01 4.03 1.84
C GLU A 69 0.67 3.05 0.71
N PHE A 70 -0.62 2.85 0.49
CA PHE A 70 -1.05 1.92 -0.56
C PHE A 70 -0.54 2.38 -1.92
N HIS A 71 -0.65 3.67 -2.20
CA HIS A 71 -0.18 4.21 -3.47
C HIS A 71 1.32 3.97 -3.63
N ARG A 72 2.08 4.28 -2.58
CA ARG A 72 3.53 4.09 -2.63
C ARG A 72 3.89 2.62 -2.76
N ARG A 73 3.18 1.77 -2.03
CA ARG A 73 3.43 0.34 -2.07
C ARG A 73 3.14 -0.20 -3.46
N LEU A 74 2.03 0.25 -4.06
CA LEU A 74 1.68 -0.20 -5.39
C LEU A 74 2.74 0.20 -6.41
N LYS A 75 3.25 1.42 -6.27
CA LYS A 75 4.28 1.90 -7.18
C LYS A 75 5.52 1.03 -7.11
N VAL A 76 5.93 0.69 -5.90
CA VAL A 76 7.11 -0.13 -5.71
C VAL A 76 6.88 -1.52 -6.30
N TYR A 77 5.68 -2.04 -6.09
CA TYR A 77 5.33 -3.37 -6.60
C TYR A 77 5.48 -3.42 -8.11
N HIS A 78 4.94 -2.40 -8.78
CA HIS A 78 5.02 -2.35 -10.23
C HIS A 78 6.49 -2.24 -10.67
N ALA A 79 7.25 -1.43 -9.97
CA ALA A 79 8.66 -1.26 -10.29
C ALA A 79 9.42 -2.58 -10.13
N TRP A 80 9.11 -3.32 -9.06
CA TRP A 80 9.77 -4.58 -8.82
C TRP A 80 9.52 -5.54 -9.97
N LYS A 81 8.26 -5.62 -10.40
CA LYS A 81 7.90 -6.49 -11.51
C LYS A 81 8.62 -6.08 -12.77
N SER A 82 8.75 -4.78 -12.97
CA SER A 82 9.43 -4.26 -14.15
C SER A 82 10.89 -4.68 -14.14
N LYS A 83 11.52 -4.64 -12.98
CA LYS A 83 12.93 -5.03 -12.87
C LYS A 83 13.11 -6.51 -13.17
N ASN A 84 12.25 -7.35 -12.60
CA ASN A 84 12.33 -8.79 -12.81
C ASN A 84 11.90 -9.17 -14.22
N LYS A 85 10.89 -8.49 -14.73
CA LYS A 85 10.38 -8.78 -16.08
C LYS A 85 11.18 -8.02 -17.13
N LYS A 86 11.06 -6.71 -17.12
CA LYS A 86 11.77 -5.87 -18.08
C LYS A 86 13.25 -5.76 -17.69
N ARG A 87 14.13 -6.00 -18.65
CA ARG A 87 15.56 -5.93 -18.39
C ARG A 87 16.35 -6.20 -19.67
N ILE B 9 13.97 -15.23 -2.48
CA ILE B 9 12.85 -15.67 -3.36
C ILE B 9 12.16 -14.44 -3.94
N GLU B 10 11.88 -14.49 -5.24
CA GLU B 10 11.23 -13.37 -5.90
C GLU B 10 9.84 -13.13 -5.31
N ASN B 11 9.11 -14.20 -5.05
CA ASN B 11 7.77 -14.09 -4.49
C ASN B 11 7.84 -13.42 -3.13
N ASP B 12 8.85 -13.79 -2.34
CA ASP B 12 9.01 -13.21 -1.02
C ASP B 12 9.25 -11.71 -1.10
N GLU B 13 10.06 -11.29 -2.07
CA GLU B 13 10.36 -9.88 -2.24
C GLU B 13 9.09 -9.10 -2.58
N ALA B 14 8.27 -9.66 -3.46
CA ALA B 14 7.02 -9.02 -3.84
C ALA B 14 6.09 -8.89 -2.64
N PHE B 15 6.04 -9.93 -1.82
CA PHE B 15 5.19 -9.92 -0.64
C PHE B 15 5.61 -8.81 0.30
N ALA B 16 6.92 -8.65 0.50
CA ALA B 16 7.43 -7.61 1.38
C ALA B 16 7.02 -6.23 0.87
N ILE B 17 7.07 -6.05 -0.44
CA ILE B 17 6.69 -4.78 -1.03
C ILE B 17 5.24 -4.43 -0.70
N LEU B 18 4.38 -5.44 -0.77
CA LEU B 18 2.96 -5.23 -0.49
C LEU B 18 2.59 -5.70 0.91
N ASP B 19 3.57 -5.70 1.81
CA ASP B 19 3.31 -6.13 3.19
C ASP B 19 4.23 -5.42 4.16
N GLY B 20 5.52 -5.67 4.01
CA GLY B 20 6.52 -5.03 4.89
C GLY B 20 6.89 -3.63 4.38
N GLY B 21 6.35 -3.26 3.22
CA GLY B 21 6.64 -1.95 2.65
C GLY B 21 8.08 -1.87 2.18
N ALA B 22 8.68 -3.04 1.94
CA ALA B 22 10.07 -3.08 1.49
C ALA B 22 10.20 -2.67 0.03
N PRO B 23 11.35 -2.22 -0.38
CA PRO B 23 11.59 -1.80 -1.79
C PRO B 23 11.74 -2.99 -2.73
N GLY B 24 12.06 -4.14 -2.15
CA GLY B 24 12.24 -5.35 -2.95
C GLY B 24 12.70 -6.52 -2.08
N ARG A 6 -0.50 -12.40 8.31
CA ARG A 6 0.04 -11.91 7.01
C ARG A 6 -0.91 -12.31 5.89
N PRO A 7 -0.81 -11.66 4.75
CA PRO A 7 -1.68 -11.96 3.58
C PRO A 7 -1.32 -13.29 2.92
N LYS A 8 -2.34 -14.06 2.62
CA LYS A 8 -2.15 -15.35 1.98
C LYS A 8 -2.33 -15.25 0.46
N MET A 9 -2.77 -14.08 -0.02
CA MET A 9 -2.97 -13.89 -1.45
C MET A 9 -1.64 -13.59 -2.12
N THR A 10 -1.59 -13.81 -3.44
CA THR A 10 -0.38 -13.56 -4.20
C THR A 10 -0.12 -12.06 -4.31
N PRO A 11 1.09 -11.67 -4.62
CA PRO A 11 1.45 -10.22 -4.73
C PRO A 11 0.51 -9.47 -5.67
N GLU A 12 0.17 -10.10 -6.79
CA GLU A 12 -0.74 -9.49 -7.75
C GLU A 12 -2.13 -9.33 -7.13
N GLN A 13 -2.56 -10.34 -6.39
CA GLN A 13 -3.87 -10.29 -5.75
C GLN A 13 -3.94 -9.18 -4.73
N MET A 14 -2.87 -9.01 -3.96
CA MET A 14 -2.85 -7.96 -2.96
C MET A 14 -2.95 -6.60 -3.61
N ALA A 15 -2.25 -6.43 -4.73
CA ALA A 15 -2.29 -5.15 -5.43
C ALA A 15 -3.69 -4.85 -5.92
N LYS A 16 -4.37 -5.86 -6.45
CA LYS A 16 -5.73 -5.68 -6.95
C LYS A 16 -6.66 -5.26 -5.83
N GLU A 17 -6.50 -5.88 -4.66
CA GLU A 17 -7.34 -5.54 -3.53
C GLU A 17 -7.11 -4.09 -3.09
N MET A 18 -5.86 -3.65 -3.12
CA MET A 18 -5.54 -2.29 -2.73
C MET A 18 -6.23 -1.30 -3.66
N SER A 19 -6.21 -1.58 -4.95
CA SER A 19 -6.85 -0.70 -5.93
C SER A 19 -8.35 -0.66 -5.69
N GLU A 20 -8.93 -1.83 -5.40
CA GLU A 20 -10.37 -1.91 -5.16
C GLU A 20 -10.78 -1.11 -3.93
N PHE A 21 -9.96 -1.20 -2.87
CA PHE A 21 -10.25 -0.46 -1.65
C PHE A 21 -10.15 1.04 -1.88
N LEU A 22 -9.14 1.43 -2.64
CA LEU A 22 -8.92 2.84 -2.93
C LEU A 22 -10.06 3.38 -3.78
N SER A 23 -10.49 2.59 -4.76
CA SER A 23 -11.59 2.99 -5.64
C SER A 23 -12.89 3.13 -4.85
N ARG A 24 -13.15 2.18 -3.98
CA ARG A 24 -14.36 2.19 -3.17
C ARG A 24 -14.41 3.40 -2.26
N GLY A 25 -13.26 3.75 -1.68
CA GLY A 25 -13.19 4.90 -0.79
C GLY A 25 -13.40 6.21 -1.55
N PRO A 26 -12.37 7.00 -1.76
CA PRO A 26 -12.50 8.29 -2.50
C PRO A 26 -12.77 8.09 -3.99
N ALA A 27 -13.55 8.99 -4.56
CA ALA A 27 -13.89 8.90 -5.98
C ALA A 27 -12.64 9.04 -6.84
N VAL A 28 -11.77 9.97 -6.47
CA VAL A 28 -10.54 10.20 -7.20
C VAL A 28 -9.41 10.62 -6.26
N LEU A 29 -8.29 9.95 -6.38
CA LEU A 29 -7.12 10.26 -5.55
C LEU A 29 -6.04 10.99 -6.36
N ALA A 30 -6.43 11.49 -7.52
CA ALA A 30 -5.48 12.21 -8.37
C ALA A 30 -4.98 13.45 -7.67
N THR A 31 -5.80 13.97 -6.77
CA THR A 31 -5.45 15.17 -6.03
C THR A 31 -4.28 14.90 -5.09
N LYS A 32 -3.50 15.93 -4.83
CA LYS A 32 -2.34 15.82 -3.95
C LYS A 32 -2.75 16.14 -2.51
N ALA A 33 -4.04 16.12 -2.22
CA ALA A 33 -4.53 16.41 -0.89
C ALA A 33 -3.98 15.40 0.11
N ALA A 34 -3.63 15.88 1.30
CA ALA A 34 -3.09 14.99 2.33
C ALA A 34 -1.76 14.37 1.87
N ALA A 35 -1.12 15.00 0.89
CA ALA A 35 0.15 14.49 0.39
C ALA A 35 1.23 14.54 1.47
N GLY A 36 1.21 15.59 2.27
CA GLY A 36 2.19 15.77 3.33
C GLY A 36 1.63 15.36 4.69
N THR A 37 0.49 14.68 4.68
CA THR A 37 -0.13 14.25 5.92
C THR A 37 0.17 12.77 6.20
N LYS A 38 1.12 12.20 5.46
CA LYS A 38 1.50 10.81 5.64
C LYS A 38 2.61 10.68 6.68
N LYS A 39 2.58 11.54 7.68
CA LYS A 39 3.60 11.51 8.73
C LYS A 39 3.54 10.19 9.49
N TYR A 40 2.38 9.53 9.46
CA TYR A 40 2.21 8.27 10.16
C TYR A 40 3.08 7.20 9.52
N ASP A 41 3.75 6.42 10.36
CA ASP A 41 4.61 5.35 9.88
C ASP A 41 3.83 4.06 9.70
N LEU A 42 3.06 3.99 8.62
CA LEU A 42 2.25 2.81 8.33
C LEU A 42 2.94 1.91 7.31
N SER A 43 4.10 2.34 6.82
CA SER A 43 4.84 1.55 5.84
C SER A 43 5.37 0.27 6.48
N LYS A 44 5.30 0.20 7.80
CA LYS A 44 5.77 -0.98 8.52
C LYS A 44 4.60 -1.90 8.87
N TRP A 45 3.38 -1.41 8.65
CA TRP A 45 2.18 -2.21 8.95
C TRP A 45 1.89 -3.19 7.83
N LYS A 46 1.54 -4.41 8.21
CA LYS A 46 1.22 -5.44 7.23
C LYS A 46 0.00 -5.05 6.42
N TYR A 47 -0.17 -5.70 5.27
CA TYR A 47 -1.30 -5.43 4.42
C TYR A 47 -2.59 -5.64 5.18
N ALA A 48 -2.67 -6.76 5.89
CA ALA A 48 -3.87 -7.05 6.69
C ALA A 48 -4.07 -5.98 7.75
N GLU A 49 -2.98 -5.54 8.37
CA GLU A 49 -3.04 -4.54 9.42
C GLU A 49 -3.58 -3.22 8.88
N LEU A 50 -3.13 -2.81 7.70
CA LEU A 50 -3.59 -1.59 7.08
C LEU A 50 -5.08 -1.69 6.76
N ARG A 51 -5.47 -2.85 6.28
CA ARG A 51 -6.87 -3.07 5.93
C ARG A 51 -7.74 -2.85 7.17
N ASP A 52 -7.36 -3.47 8.28
CA ASP A 52 -8.10 -3.32 9.52
C ASP A 52 -8.07 -1.87 9.97
N THR A 53 -6.92 -1.23 9.80
CA THR A 53 -6.79 0.17 10.22
C THR A 53 -7.79 1.04 9.46
N ILE A 54 -7.92 0.81 8.16
CA ILE A 54 -8.86 1.60 7.36
C ILE A 54 -10.29 1.41 7.85
N ASN A 55 -10.68 0.17 8.05
CA ASN A 55 -12.03 -0.13 8.53
C ASN A 55 -12.27 0.46 9.91
N THR A 56 -11.26 0.40 10.75
CA THR A 56 -11.38 0.94 12.11
C THR A 56 -11.00 2.41 12.15
N SER A 57 -10.60 2.97 11.01
CA SER A 57 -10.19 4.36 10.96
C SER A 57 -11.30 5.26 11.45
N CYS A 58 -10.94 6.15 12.37
CA CYS A 58 -11.89 7.10 12.92
C CYS A 58 -11.50 8.52 12.54
N ASP A 59 -10.38 8.68 11.85
CA ASP A 59 -9.92 10.00 11.44
C ASP A 59 -9.53 10.01 9.96
N ILE A 60 -9.83 11.12 9.29
CA ILE A 60 -9.52 11.25 7.88
C ILE A 60 -8.01 11.30 7.67
N GLU A 61 -7.28 11.77 8.68
CA GLU A 61 -5.84 11.85 8.59
C GLU A 61 -5.22 10.47 8.45
N LEU A 62 -5.70 9.53 9.26
CA LEU A 62 -5.19 8.17 9.20
C LEU A 62 -5.55 7.54 7.87
N LEU A 63 -6.77 7.79 7.42
CA LEU A 63 -7.22 7.23 6.14
C LEU A 63 -6.33 7.73 5.01
N ALA A 64 -6.00 9.00 5.04
CA ALA A 64 -5.14 9.58 4.04
C ALA A 64 -3.77 8.92 4.07
N ALA A 65 -3.29 8.61 5.27
CA ALA A 65 -1.98 7.99 5.42
C ALA A 65 -1.98 6.60 4.80
N CYS A 66 -3.03 5.84 5.05
CA CYS A 66 -3.14 4.48 4.53
C CYS A 66 -3.26 4.51 3.02
N ARG A 67 -4.04 5.46 2.52
CA ARG A 67 -4.25 5.59 1.09
C ARG A 67 -2.92 5.88 0.40
N GLU A 68 -2.15 6.77 1.00
CA GLU A 68 -0.84 7.14 0.46
C GLU A 68 0.11 5.95 0.54
N GLU A 69 0.04 5.21 1.64
CA GLU A 69 0.91 4.05 1.81
C GLU A 69 0.59 3.01 0.74
N PHE A 70 -0.68 2.83 0.46
CA PHE A 70 -1.10 1.86 -0.55
C PHE A 70 -0.58 2.27 -1.92
N HIS A 71 -0.68 3.56 -2.24
CA HIS A 71 -0.21 4.04 -3.53
C HIS A 71 1.29 3.84 -3.67
N ARG A 72 2.02 4.16 -2.61
CA ARG A 72 3.48 4.02 -2.63
C ARG A 72 3.86 2.55 -2.71
N ARG A 73 3.15 1.71 -1.95
CA ARG A 73 3.43 0.28 -1.97
C ARG A 73 3.13 -0.33 -3.34
N LEU A 74 2.02 0.09 -3.94
CA LEU A 74 1.66 -0.41 -5.26
C LEU A 74 2.70 0.00 -6.30
N LYS A 75 3.18 1.22 -6.18
CA LYS A 75 4.18 1.73 -7.12
C LYS A 75 5.46 0.90 -7.05
N VAL A 76 5.89 0.59 -5.83
CA VAL A 76 7.09 -0.19 -5.61
C VAL A 76 6.93 -1.56 -6.24
N TYR A 77 5.75 -2.15 -6.06
CA TYR A 77 5.48 -3.47 -6.61
C TYR A 77 5.63 -3.46 -8.11
N HIS A 78 5.04 -2.45 -8.75
CA HIS A 78 5.12 -2.33 -10.20
C HIS A 78 6.57 -2.23 -10.66
N ALA A 79 7.33 -1.37 -9.99
CA ALA A 79 8.74 -1.20 -10.33
C ALA A 79 9.51 -2.50 -10.13
N TRP A 80 9.22 -3.21 -9.05
CA TRP A 80 9.90 -4.46 -8.77
C TRP A 80 9.63 -5.46 -9.89
N LYS A 81 8.38 -5.57 -10.30
CA LYS A 81 7.99 -6.49 -11.37
C LYS A 81 8.66 -6.10 -12.67
N SER A 82 8.75 -4.81 -12.92
CA SER A 82 9.36 -4.32 -14.15
C SER A 82 10.82 -4.75 -14.21
N LYS A 83 11.49 -4.73 -13.05
CA LYS A 83 12.89 -5.12 -12.99
C LYS A 83 13.07 -6.63 -13.22
N ASN A 84 12.23 -7.41 -12.58
CA ASN A 84 12.30 -8.87 -12.71
C ASN A 84 11.88 -9.32 -14.11
N LYS A 85 10.85 -8.66 -14.64
CA LYS A 85 10.36 -9.02 -15.97
C LYS A 85 11.24 -8.39 -17.05
N LYS A 86 11.83 -7.24 -16.71
CA LYS A 86 12.70 -6.54 -17.65
C LYS A 86 13.92 -5.98 -16.95
N ARG A 87 15.08 -6.12 -17.58
CA ARG A 87 16.33 -5.62 -17.00
C ARG A 87 17.47 -5.78 -17.99
N ILE B 9 13.79 -15.05 -1.86
CA ILE B 9 13.10 -15.45 -3.12
C ILE B 9 12.41 -14.24 -3.73
N GLU B 10 12.20 -14.29 -5.04
CA GLU B 10 11.55 -13.17 -5.73
C GLU B 10 10.13 -12.96 -5.20
N ASN B 11 9.42 -14.05 -5.00
CA ASN B 11 8.06 -13.96 -4.49
C ASN B 11 8.05 -13.31 -3.13
N ASP B 12 9.03 -13.67 -2.30
CA ASP B 12 9.12 -13.10 -0.96
C ASP B 12 9.33 -11.60 -1.02
N GLU B 13 10.15 -11.15 -1.95
CA GLU B 13 10.42 -9.72 -2.09
C GLU B 13 9.15 -8.97 -2.46
N ALA B 14 8.37 -9.54 -3.38
CA ALA B 14 7.12 -8.92 -3.79
C ALA B 14 6.16 -8.83 -2.62
N PHE B 15 6.11 -9.87 -1.81
CA PHE B 15 5.22 -9.88 -0.65
C PHE B 15 5.58 -8.76 0.31
N ALA B 16 6.87 -8.56 0.54
CA ALA B 16 7.32 -7.51 1.44
C ALA B 16 6.89 -6.15 0.92
N ILE B 17 6.97 -5.97 -0.39
CA ILE B 17 6.58 -4.71 -1.01
C ILE B 17 5.12 -4.41 -0.72
N LEU B 18 4.28 -5.43 -0.80
CA LEU B 18 2.84 -5.26 -0.56
C LEU B 18 2.45 -5.73 0.83
N ASP B 19 3.41 -5.74 1.76
CA ASP B 19 3.12 -6.17 3.12
C ASP B 19 3.94 -5.37 4.12
N GLY B 20 5.26 -5.49 4.01
CA GLY B 20 6.15 -4.76 4.91
C GLY B 20 6.52 -3.39 4.33
N GLY B 21 6.03 -3.10 3.12
CA GLY B 21 6.33 -1.82 2.49
C GLY B 21 7.80 -1.75 2.10
N ALA B 22 8.43 -2.91 1.95
CA ALA B 22 9.84 -2.98 1.59
C ALA B 22 10.04 -2.63 0.11
N PRO B 23 11.24 -2.24 -0.26
CA PRO B 23 11.55 -1.89 -1.67
C PRO B 23 11.36 -3.08 -2.62
N GLY B 24 11.73 -4.26 -2.16
CA GLY B 24 11.61 -5.47 -2.96
C GLY B 24 12.85 -6.35 -2.84
N ARG A 6 -0.30 -10.40 6.77
CA ARG A 6 0.40 -11.34 5.86
C ARG A 6 -0.60 -12.31 5.23
N PRO A 7 -1.38 -11.82 4.30
CA PRO A 7 -2.40 -12.64 3.60
C PRO A 7 -1.77 -13.62 2.61
N LYS A 8 -2.53 -14.66 2.30
CA LYS A 8 -2.06 -15.66 1.36
C LYS A 8 -2.27 -15.21 -0.09
N MET A 9 -2.88 -14.04 -0.26
CA MET A 9 -3.13 -13.52 -1.60
C MET A 9 -1.81 -13.25 -2.31
N THR A 10 -1.79 -13.47 -3.62
CA THR A 10 -0.58 -13.24 -4.41
C THR A 10 -0.29 -11.74 -4.50
N PRO A 11 0.92 -11.36 -4.84
CA PRO A 11 1.31 -9.93 -4.95
C PRO A 11 0.33 -9.16 -5.83
N GLU A 12 -0.07 -9.77 -6.95
CA GLU A 12 -1.01 -9.11 -7.85
C GLU A 12 -2.37 -8.96 -7.19
N GLN A 13 -2.80 -9.99 -6.46
CA GLN A 13 -4.08 -9.95 -5.77
C GLN A 13 -4.12 -8.83 -4.75
N MET A 14 -3.04 -8.69 -3.99
CA MET A 14 -2.98 -7.64 -2.98
C MET A 14 -3.03 -6.27 -3.66
N ALA A 15 -2.34 -6.14 -4.78
CA ALA A 15 -2.32 -4.88 -5.50
C ALA A 15 -3.71 -4.52 -6.00
N LYS A 16 -4.45 -5.52 -6.48
CA LYS A 16 -5.79 -5.29 -6.98
C LYS A 16 -6.70 -4.76 -5.87
N GLU A 17 -6.58 -5.34 -4.67
CA GLU A 17 -7.40 -4.88 -3.56
C GLU A 17 -7.07 -3.42 -3.21
N MET A 18 -5.79 -3.08 -3.24
CA MET A 18 -5.38 -1.71 -2.93
C MET A 18 -5.95 -0.74 -3.95
N SER A 19 -5.94 -1.14 -5.22
CA SER A 19 -6.46 -0.28 -6.27
C SER A 19 -7.93 0.00 -6.05
N GLU A 20 -8.68 -1.02 -5.65
CA GLU A 20 -10.10 -0.85 -5.39
C GLU A 20 -10.34 0.14 -4.25
N PHE A 21 -9.56 0.01 -3.19
CA PHE A 21 -9.71 0.90 -2.05
C PHE A 21 -9.33 2.32 -2.43
N LEU A 22 -8.27 2.45 -3.22
CA LEU A 22 -7.80 3.75 -3.66
C LEU A 22 -8.82 4.39 -4.60
N SER A 23 -9.41 3.56 -5.45
CA SER A 23 -10.39 4.05 -6.42
C SER A 23 -11.59 4.68 -5.72
N ARG A 24 -12.10 4.01 -4.69
CA ARG A 24 -13.24 4.53 -3.95
C ARG A 24 -12.80 5.65 -3.00
N GLY A 25 -11.55 5.56 -2.55
CA GLY A 25 -11.01 6.55 -1.62
C GLY A 25 -9.71 7.15 -2.17
N PRO A 26 -9.81 8.05 -3.10
CA PRO A 26 -8.62 8.71 -3.72
C PRO A 26 -7.69 9.31 -2.68
N ALA A 27 -8.26 9.91 -1.64
CA ALA A 27 -7.47 10.52 -0.58
C ALA A 27 -6.38 11.41 -1.16
N VAL A 28 -6.78 12.55 -1.69
CA VAL A 28 -5.83 13.49 -2.26
C VAL A 28 -5.88 14.82 -1.52
N LEU A 29 -5.06 14.94 -0.48
CA LEU A 29 -5.01 16.16 0.30
C LEU A 29 -4.48 17.31 -0.55
N ALA A 30 -3.51 17.00 -1.40
CA ALA A 30 -2.91 18.02 -2.26
C ALA A 30 -2.23 19.09 -1.43
N THR A 31 -1.54 18.67 -0.37
CA THR A 31 -0.85 19.60 0.51
C THR A 31 0.38 18.94 1.12
N LYS A 32 1.14 19.73 1.87
CA LYS A 32 2.34 19.22 2.53
C LYS A 32 1.99 18.15 3.55
N ALA A 33 0.89 18.37 4.27
CA ALA A 33 0.44 17.42 5.28
C ALA A 33 1.59 17.05 6.23
N ALA A 34 2.42 18.03 6.55
CA ALA A 34 3.55 17.80 7.44
C ALA A 34 3.07 17.34 8.82
N ALA A 35 2.00 17.95 9.29
CA ALA A 35 1.45 17.59 10.59
C ALA A 35 0.76 16.23 10.49
N GLY A 36 1.23 15.27 11.29
CA GLY A 36 0.65 13.94 11.30
C GLY A 36 1.49 12.98 10.45
N THR A 37 2.65 13.44 9.98
CA THR A 37 3.50 12.59 9.18
C THR A 37 3.96 11.38 9.97
N LYS A 38 3.99 11.52 11.29
CA LYS A 38 4.43 10.43 12.16
C LYS A 38 3.51 9.21 12.01
N LYS A 39 2.21 9.46 11.93
CA LYS A 39 1.23 8.39 11.78
C LYS A 39 1.12 7.97 10.32
N TYR A 40 1.46 8.89 9.43
CA TYR A 40 1.40 8.64 8.00
C TYR A 40 2.37 7.54 7.61
N ASP A 41 3.49 7.50 8.31
CA ASP A 41 4.51 6.49 8.03
C ASP A 41 4.02 5.10 8.49
N LEU A 42 3.14 4.52 7.69
CA LEU A 42 2.58 3.20 8.00
C LEU A 42 3.25 2.12 7.15
N SER A 43 4.41 2.44 6.60
CA SER A 43 5.14 1.49 5.78
C SER A 43 5.52 0.26 6.61
N LYS A 44 5.46 0.40 7.92
CA LYS A 44 5.78 -0.71 8.82
C LYS A 44 4.54 -1.55 9.11
N TRP A 45 3.37 -1.04 8.72
CA TRP A 45 2.12 -1.76 8.96
C TRP A 45 1.85 -2.74 7.84
N LYS A 46 1.53 -3.96 8.22
CA LYS A 46 1.24 -5.00 7.23
C LYS A 46 0.01 -4.63 6.43
N TYR A 47 -0.12 -5.24 5.26
CA TYR A 47 -1.25 -4.98 4.38
C TYR A 47 -2.55 -5.27 5.13
N ALA A 48 -2.60 -6.43 5.77
CA ALA A 48 -3.80 -6.80 6.53
C ALA A 48 -4.04 -5.82 7.67
N GLU A 49 -2.97 -5.40 8.33
CA GLU A 49 -3.07 -4.47 9.45
C GLU A 49 -3.65 -3.13 8.99
N LEU A 50 -3.19 -2.65 7.85
CA LEU A 50 -3.68 -1.39 7.32
C LEU A 50 -5.16 -1.50 6.98
N ARG A 51 -5.54 -2.64 6.43
CA ARG A 51 -6.92 -2.86 6.07
C ARG A 51 -7.80 -2.74 7.31
N ASP A 52 -7.39 -3.41 8.39
CA ASP A 52 -8.13 -3.36 9.64
C ASP A 52 -8.14 -1.94 10.20
N THR A 53 -7.00 -1.25 10.09
CA THR A 53 -6.90 0.10 10.59
C THR A 53 -7.87 1.02 9.87
N ILE A 54 -7.94 0.90 8.56
CA ILE A 54 -8.83 1.73 7.76
C ILE A 54 -10.28 1.52 8.16
N ASN A 55 -10.68 0.26 8.30
CA ASN A 55 -12.05 -0.07 8.67
C ASN A 55 -12.41 0.50 10.03
N THR A 56 -11.47 0.44 10.96
CA THR A 56 -11.71 0.97 12.30
C THR A 56 -11.31 2.45 12.40
N SER A 57 -10.76 3.00 11.31
CA SER A 57 -10.34 4.38 11.31
C SER A 57 -11.53 5.31 11.45
N CYS A 58 -11.39 6.29 12.33
CA CYS A 58 -12.45 7.26 12.56
C CYS A 58 -12.00 8.66 12.13
N ASP A 59 -10.73 8.78 11.75
CA ASP A 59 -10.19 10.07 11.33
C ASP A 59 -9.80 10.04 9.85
N ILE A 60 -10.01 11.15 9.16
CA ILE A 60 -9.68 11.23 7.74
C ILE A 60 -8.17 11.22 7.55
N GLU A 61 -7.44 11.70 8.55
CA GLU A 61 -5.98 11.74 8.49
C GLU A 61 -5.41 10.33 8.39
N LEU A 62 -5.93 9.45 9.24
CA LEU A 62 -5.48 8.06 9.25
C LEU A 62 -5.86 7.38 7.94
N LEU A 63 -7.07 7.67 7.46
CA LEU A 63 -7.54 7.06 6.22
C LEU A 63 -6.63 7.44 5.07
N ALA A 64 -6.27 8.71 5.04
CA ALA A 64 -5.37 9.22 4.00
C ALA A 64 -4.00 8.56 4.14
N ALA A 65 -3.58 8.31 5.38
CA ALA A 65 -2.27 7.70 5.61
C ALA A 65 -2.21 6.31 4.97
N CYS A 66 -3.27 5.54 5.13
CA CYS A 66 -3.31 4.21 4.56
C CYS A 66 -3.35 4.28 3.06
N ARG A 67 -4.10 5.24 2.55
CA ARG A 67 -4.22 5.43 1.11
C ARG A 67 -2.85 5.76 0.51
N GLU A 68 -2.13 6.64 1.19
CA GLU A 68 -0.80 7.03 0.74
C GLU A 68 0.14 5.84 0.78
N GLU A 69 0.04 5.05 1.83
CA GLU A 69 0.92 3.89 1.97
C GLU A 69 0.71 2.92 0.81
N PHE A 70 -0.55 2.72 0.45
CA PHE A 70 -0.85 1.81 -0.64
C PHE A 70 -0.32 2.35 -1.96
N HIS A 71 -0.41 3.66 -2.15
CA HIS A 71 0.10 4.26 -3.39
C HIS A 71 1.59 4.01 -3.54
N ARG A 72 2.34 4.25 -2.46
CA ARG A 72 3.78 4.05 -2.47
C ARG A 72 4.13 2.57 -2.62
N ARG A 73 3.41 1.72 -1.90
CA ARG A 73 3.65 0.29 -1.97
C ARG A 73 3.35 -0.27 -3.36
N LEU A 74 2.26 0.19 -3.95
CA LEU A 74 1.88 -0.25 -5.27
C LEU A 74 2.92 0.17 -6.31
N LYS A 75 3.44 1.38 -6.15
CA LYS A 75 4.44 1.89 -7.07
C LYS A 75 5.70 1.02 -7.03
N VAL A 76 6.13 0.68 -5.83
CA VAL A 76 7.32 -0.15 -5.66
C VAL A 76 7.11 -1.52 -6.29
N TYR A 77 5.92 -2.07 -6.09
CA TYR A 77 5.59 -3.38 -6.64
C TYR A 77 5.72 -3.35 -8.16
N HIS A 78 5.14 -2.32 -8.77
CA HIS A 78 5.21 -2.19 -10.22
C HIS A 78 6.66 -2.13 -10.69
N ALA A 79 7.46 -1.31 -10.02
CA ALA A 79 8.87 -1.19 -10.37
C ALA A 79 9.60 -2.53 -10.21
N TRP A 80 9.31 -3.24 -9.12
CA TRP A 80 9.94 -4.51 -8.88
C TRP A 80 9.61 -5.51 -9.99
N LYS A 81 8.34 -5.56 -10.36
CA LYS A 81 7.88 -6.45 -11.43
C LYS A 81 8.53 -6.07 -12.73
N SER A 82 8.71 -4.79 -12.94
CA SER A 82 9.33 -4.30 -14.16
C SER A 82 10.74 -4.85 -14.30
N LYS A 83 11.47 -4.86 -13.18
CA LYS A 83 12.85 -5.37 -13.19
C LYS A 83 12.89 -6.86 -13.48
N ASN A 84 12.07 -7.62 -12.76
CA ASN A 84 12.03 -9.08 -12.93
C ASN A 84 11.47 -9.45 -14.30
N LYS A 85 10.46 -8.72 -14.74
CA LYS A 85 9.84 -8.96 -16.03
C LYS A 85 10.79 -8.58 -17.14
N LYS A 86 11.48 -7.46 -16.95
CA LYS A 86 12.42 -6.98 -17.95
C LYS A 86 13.67 -7.85 -17.97
N ARG A 87 13.99 -8.39 -19.14
CA ARG A 87 15.17 -9.24 -19.30
C ARG A 87 16.06 -8.74 -20.43
N ILE B 9 11.90 -16.99 -3.65
CA ILE B 9 12.80 -15.84 -3.38
C ILE B 9 12.18 -14.55 -3.92
N GLU B 10 12.02 -14.48 -5.23
CA GLU B 10 11.44 -13.30 -5.86
C GLU B 10 10.02 -13.07 -5.36
N ASN B 11 9.29 -14.15 -5.14
CA ASN B 11 7.94 -14.04 -4.67
C ASN B 11 7.93 -13.39 -3.29
N ASP B 12 8.92 -13.75 -2.49
CA ASP B 12 9.03 -13.20 -1.15
C ASP B 12 9.26 -11.70 -1.19
N GLU B 13 10.10 -11.27 -2.14
CA GLU B 13 10.38 -9.85 -2.26
C GLU B 13 9.12 -9.08 -2.62
N ALA B 14 8.33 -9.63 -3.53
CA ALA B 14 7.09 -8.99 -3.94
C ALA B 14 6.12 -8.88 -2.76
N PHE B 15 6.06 -9.94 -1.96
CA PHE B 15 5.17 -9.94 -0.80
C PHE B 15 5.57 -8.85 0.18
N ALA B 16 6.88 -8.70 0.41
CA ALA B 16 7.36 -7.68 1.33
C ALA B 16 6.98 -6.29 0.83
N ILE B 17 7.07 -6.09 -0.48
CA ILE B 17 6.73 -4.80 -1.06
C ILE B 17 5.28 -4.45 -0.76
N LEU B 18 4.40 -5.45 -0.88
CA LEU B 18 2.97 -5.23 -0.65
C LEU B 18 2.55 -5.70 0.74
N ASP B 19 3.50 -5.77 1.68
CA ASP B 19 3.18 -6.20 3.04
C ASP B 19 4.08 -5.49 4.05
N GLY B 20 5.38 -5.71 3.94
CA GLY B 20 6.34 -5.09 4.84
C GLY B 20 6.71 -3.70 4.36
N GLY B 21 6.23 -3.32 3.18
CA GLY B 21 6.55 -2.00 2.62
C GLY B 21 8.01 -1.94 2.20
N ALA B 22 8.62 -3.11 2.00
CA ALA B 22 10.02 -3.17 1.61
C ALA B 22 10.20 -2.77 0.15
N PRO B 23 11.39 -2.38 -0.23
CA PRO B 23 11.68 -1.96 -1.63
C PRO B 23 11.67 -3.14 -2.60
N GLY B 24 11.87 -4.34 -2.05
CA GLY B 24 11.89 -5.55 -2.88
C GLY B 24 13.18 -6.34 -2.67
N ARG A 6 3.43 -14.20 5.86
CA ARG A 6 2.88 -13.42 4.72
C ARG A 6 1.40 -13.78 4.53
N PRO A 7 0.63 -12.90 3.93
CA PRO A 7 -0.82 -13.13 3.68
C PRO A 7 -1.05 -14.18 2.60
N LYS A 8 -2.17 -14.88 2.73
CA LYS A 8 -2.52 -15.92 1.76
C LYS A 8 -2.70 -15.33 0.38
N MET A 9 -3.05 -14.05 0.33
CA MET A 9 -3.24 -13.37 -0.95
C MET A 9 -1.92 -13.20 -1.67
N THR A 10 -1.94 -13.43 -2.98
CA THR A 10 -0.72 -13.29 -3.77
C THR A 10 -0.38 -11.82 -3.96
N PRO A 11 0.85 -11.51 -4.32
CA PRO A 11 1.29 -10.11 -4.51
C PRO A 11 0.35 -9.34 -5.45
N GLU A 12 -0.07 -9.99 -6.52
CA GLU A 12 -0.99 -9.36 -7.47
C GLU A 12 -2.35 -9.13 -6.82
N GLN A 13 -2.81 -10.12 -6.06
CA GLN A 13 -4.11 -10.01 -5.40
C GLN A 13 -4.12 -8.87 -4.40
N MET A 14 -3.04 -8.74 -3.65
CA MET A 14 -2.95 -7.67 -2.66
C MET A 14 -2.98 -6.31 -3.35
N ALA A 15 -2.25 -6.20 -4.47
CA ALA A 15 -2.21 -4.94 -5.20
C ALA A 15 -3.58 -4.59 -5.76
N LYS A 16 -4.27 -5.58 -6.30
CA LYS A 16 -5.59 -5.36 -6.87
C LYS A 16 -6.57 -4.88 -5.82
N GLU A 17 -6.50 -5.48 -4.63
CA GLU A 17 -7.40 -5.08 -3.56
C GLU A 17 -7.12 -3.64 -3.15
N MET A 18 -5.85 -3.28 -3.05
CA MET A 18 -5.49 -1.92 -2.66
C MET A 18 -5.94 -0.92 -3.73
N SER A 19 -5.78 -1.31 -4.98
CA SER A 19 -6.17 -0.45 -6.08
C SER A 19 -7.66 -0.16 -6.04
N GLU A 20 -8.45 -1.19 -5.72
CA GLU A 20 -9.89 -1.03 -5.64
C GLU A 20 -10.26 -0.04 -4.55
N PHE A 21 -9.58 -0.13 -3.40
CA PHE A 21 -9.86 0.78 -2.30
C PHE A 21 -9.46 2.20 -2.67
N LEU A 22 -8.32 2.32 -3.34
CA LEU A 22 -7.82 3.63 -3.75
C LEU A 22 -8.75 4.27 -4.76
N SER A 23 -9.27 3.47 -5.69
CA SER A 23 -10.19 3.98 -6.70
C SER A 23 -11.47 4.49 -6.06
N ARG A 24 -11.94 3.77 -5.05
CA ARG A 24 -13.15 4.18 -4.35
C ARG A 24 -12.95 5.51 -3.65
N GLY A 25 -11.76 5.69 -3.07
CA GLY A 25 -11.46 6.93 -2.36
C GLY A 25 -12.57 7.31 -1.38
N PRO A 26 -12.85 6.45 -0.43
CA PRO A 26 -13.93 6.67 0.58
C PRO A 26 -13.68 7.93 1.40
N ALA A 27 -12.41 8.27 1.57
CA ALA A 27 -12.04 9.46 2.33
C ALA A 27 -12.59 10.72 1.68
N VAL A 28 -12.58 10.74 0.35
CA VAL A 28 -13.07 11.89 -0.40
C VAL A 28 -12.30 13.15 -0.01
N LEU A 29 -11.11 12.97 0.56
CA LEU A 29 -10.30 14.10 0.98
C LEU A 29 -9.88 14.93 -0.23
N ALA A 30 -9.56 14.25 -1.33
CA ALA A 30 -9.15 14.93 -2.55
C ALA A 30 -7.84 15.69 -2.31
N THR A 31 -7.01 15.16 -1.42
CA THR A 31 -5.73 15.78 -1.12
C THR A 31 -4.63 14.73 -0.98
N LYS A 32 -3.41 15.12 -1.32
CA LYS A 32 -2.27 14.20 -1.23
C LYS A 32 -2.05 13.75 0.21
N ALA A 33 -2.22 14.69 1.15
CA ALA A 33 -2.03 14.38 2.56
C ALA A 33 -0.65 13.78 2.79
N ALA A 34 0.33 14.23 2.03
CA ALA A 34 1.69 13.73 2.15
C ALA A 34 2.25 14.03 3.55
N ALA A 35 1.94 15.22 4.06
CA ALA A 35 2.41 15.61 5.37
C ALA A 35 1.89 14.67 6.45
N GLY A 36 0.62 14.29 6.32
CA GLY A 36 0.00 13.39 7.28
C GLY A 36 0.66 12.02 7.25
N THR A 37 0.95 11.55 6.04
CA THR A 37 1.59 10.26 5.88
C THR A 37 2.94 10.23 6.55
N LYS A 38 3.70 11.30 6.40
CA LYS A 38 5.01 11.39 7.01
C LYS A 38 4.93 11.30 8.53
N LYS A 39 3.93 11.98 9.09
CA LYS A 39 3.75 11.99 10.53
C LYS A 39 3.39 10.59 11.02
N TYR A 40 2.59 9.89 10.22
CA TYR A 40 2.16 8.53 10.58
C TYR A 40 2.86 7.49 9.71
N ASP A 41 3.84 6.82 10.28
CA ASP A 41 4.59 5.80 9.54
C ASP A 41 3.80 4.50 9.51
N LEU A 42 3.15 4.23 8.37
CA LEU A 42 2.36 3.01 8.22
C LEU A 42 3.02 2.06 7.21
N SER A 43 4.19 2.43 6.72
CA SER A 43 4.91 1.59 5.76
C SER A 43 5.41 0.32 6.45
N LYS A 44 5.34 0.30 7.78
CA LYS A 44 5.79 -0.86 8.54
C LYS A 44 4.61 -1.75 8.91
N TRP A 45 3.40 -1.33 8.55
CA TRP A 45 2.20 -2.10 8.87
C TRP A 45 1.88 -3.09 7.74
N LYS A 46 1.57 -4.32 8.12
CA LYS A 46 1.24 -5.35 7.12
C LYS A 46 0.00 -4.97 6.35
N TYR A 47 -0.20 -5.60 5.21
CA TYR A 47 -1.35 -5.33 4.37
C TYR A 47 -2.63 -5.55 5.17
N ALA A 48 -2.68 -6.68 5.86
CA ALA A 48 -3.85 -7.00 6.66
C ALA A 48 -4.04 -5.96 7.77
N GLU A 49 -2.92 -5.55 8.37
CA GLU A 49 -2.97 -4.56 9.45
C GLU A 49 -3.52 -3.23 8.95
N LEU A 50 -3.04 -2.78 7.79
CA LEU A 50 -3.52 -1.53 7.23
C LEU A 50 -4.98 -1.63 6.83
N ARG A 51 -5.36 -2.77 6.29
CA ARG A 51 -6.73 -2.97 5.87
C ARG A 51 -7.66 -2.84 7.08
N ASP A 52 -7.31 -3.52 8.16
CA ASP A 52 -8.11 -3.47 9.37
C ASP A 52 -8.08 -2.06 9.95
N THR A 53 -6.93 -1.41 9.86
CA THR A 53 -6.80 -0.05 10.39
C THR A 53 -7.77 0.88 9.69
N ILE A 54 -7.84 0.78 8.37
CA ILE A 54 -8.73 1.64 7.60
C ILE A 54 -10.19 1.41 7.99
N ASN A 55 -10.59 0.15 8.09
CA ASN A 55 -11.96 -0.18 8.45
C ASN A 55 -12.31 0.34 9.84
N THR A 56 -11.35 0.25 10.75
CA THR A 56 -11.58 0.72 12.11
C THR A 56 -11.17 2.18 12.27
N SER A 57 -10.63 2.78 11.21
CA SER A 57 -10.19 4.16 11.26
C SER A 57 -11.37 5.09 11.48
N CYS A 58 -11.19 6.07 12.36
CA CYS A 58 -12.23 7.03 12.65
C CYS A 58 -11.78 8.43 12.26
N ASP A 59 -10.53 8.56 11.82
CA ASP A 59 -9.98 9.86 11.44
C ASP A 59 -9.61 9.88 9.96
N ILE A 60 -9.92 10.98 9.29
CA ILE A 60 -9.60 11.11 7.87
C ILE A 60 -8.09 11.20 7.66
N GLU A 61 -7.40 11.71 8.67
CA GLU A 61 -5.95 11.86 8.59
C GLU A 61 -5.28 10.50 8.47
N LEU A 62 -5.72 9.55 9.31
CA LEU A 62 -5.17 8.22 9.29
C LEU A 62 -5.50 7.52 7.97
N LEU A 63 -6.73 7.74 7.50
CA LEU A 63 -7.17 7.12 6.26
C LEU A 63 -6.29 7.59 5.11
N ALA A 64 -5.98 8.88 5.11
CA ALA A 64 -5.13 9.45 4.08
C ALA A 64 -3.74 8.83 4.14
N ALA A 65 -3.27 8.56 5.35
CA ALA A 65 -1.93 7.98 5.53
C ALA A 65 -1.88 6.60 4.89
N CYS A 66 -2.92 5.81 5.11
CA CYS A 66 -2.98 4.47 4.55
C CYS A 66 -3.08 4.52 3.04
N ARG A 67 -3.87 5.45 2.55
CA ARG A 67 -4.06 5.59 1.12
C ARG A 67 -2.74 5.93 0.44
N GLU A 68 -1.98 6.83 1.06
CA GLU A 68 -0.69 7.21 0.52
C GLU A 68 0.28 6.03 0.55
N GLU A 69 0.24 5.27 1.64
CA GLU A 69 1.12 4.12 1.77
C GLU A 69 0.80 3.09 0.67
N PHE A 70 -0.49 2.91 0.41
CA PHE A 70 -0.92 1.96 -0.59
C PHE A 70 -0.43 2.36 -1.97
N HIS A 71 -0.51 3.64 -2.29
CA HIS A 71 -0.07 4.13 -3.58
C HIS A 71 1.42 3.86 -3.77
N ARG A 72 2.21 4.22 -2.77
CA ARG A 72 3.65 4.01 -2.84
C ARG A 72 3.98 2.53 -2.93
N ARG A 73 3.30 1.72 -2.10
CA ARG A 73 3.53 0.29 -2.10
C ARG A 73 3.20 -0.31 -3.47
N LEU A 74 2.10 0.14 -4.05
CA LEU A 74 1.70 -0.34 -5.37
C LEU A 74 2.73 0.06 -6.41
N LYS A 75 3.24 1.30 -6.30
CA LYS A 75 4.23 1.78 -7.24
C LYS A 75 5.49 0.93 -7.19
N VAL A 76 5.96 0.64 -5.97
CA VAL A 76 7.15 -0.17 -5.80
C VAL A 76 6.91 -1.57 -6.36
N TYR A 77 5.72 -2.10 -6.12
CA TYR A 77 5.39 -3.44 -6.60
C TYR A 77 5.51 -3.51 -8.11
N HIS A 78 4.93 -2.53 -8.80
CA HIS A 78 4.99 -2.50 -10.25
C HIS A 78 6.44 -2.41 -10.71
N ALA A 79 7.20 -1.51 -10.08
CA ALA A 79 8.60 -1.33 -10.44
C ALA A 79 9.38 -2.62 -10.23
N TRP A 80 9.08 -3.34 -9.14
CA TRP A 80 9.75 -4.59 -8.85
C TRP A 80 9.50 -5.59 -9.97
N LYS A 81 8.25 -5.69 -10.40
CA LYS A 81 7.92 -6.61 -11.48
C LYS A 81 8.65 -6.22 -12.75
N SER A 82 8.82 -4.93 -12.95
CA SER A 82 9.53 -4.44 -14.12
C SER A 82 11.02 -4.79 -14.05
N LYS A 83 11.59 -4.70 -12.85
CA LYS A 83 13.00 -4.98 -12.66
C LYS A 83 13.29 -6.47 -12.88
N ASN A 84 12.29 -7.30 -12.61
CA ASN A 84 12.47 -8.75 -12.77
C ASN A 84 12.01 -9.22 -14.16
N LYS A 85 10.90 -8.65 -14.62
CA LYS A 85 10.36 -9.00 -15.93
C LYS A 85 11.22 -8.41 -17.03
N LYS A 86 11.66 -7.17 -16.82
CA LYS A 86 12.50 -6.48 -17.80
C LYS A 86 13.89 -6.25 -17.23
N ARG A 87 14.90 -6.75 -17.95
CA ARG A 87 16.28 -6.59 -17.50
C ARG A 87 17.25 -7.16 -18.55
N ILE B 9 13.79 -15.08 -1.98
CA ILE B 9 12.87 -15.53 -3.05
C ILE B 9 12.19 -14.31 -3.68
N GLU B 10 11.95 -14.38 -4.99
CA GLU B 10 11.30 -13.28 -5.69
C GLU B 10 9.90 -13.05 -5.15
N ASN B 11 9.19 -14.13 -4.89
CA ASN B 11 7.83 -14.03 -4.37
C ASN B 11 7.84 -13.34 -3.01
N ASP B 12 8.84 -13.68 -2.20
CA ASP B 12 8.96 -13.10 -0.88
C ASP B 12 9.16 -11.59 -0.96
N GLU B 13 9.98 -11.17 -1.92
CA GLU B 13 10.26 -9.75 -2.11
C GLU B 13 8.99 -9.00 -2.46
N ALA B 14 8.19 -9.58 -3.35
CA ALA B 14 6.95 -8.95 -3.77
C ALA B 14 5.99 -8.81 -2.58
N PHE B 15 5.95 -9.85 -1.74
CA PHE B 15 5.08 -9.82 -0.57
C PHE B 15 5.46 -8.68 0.37
N ALA B 16 6.76 -8.52 0.60
CA ALA B 16 7.24 -7.46 1.47
C ALA B 16 6.83 -6.09 0.92
N ILE B 17 6.94 -5.94 -0.40
CA ILE B 17 6.58 -4.68 -1.03
C ILE B 17 5.12 -4.34 -0.77
N LEU B 18 4.26 -5.34 -0.81
CA LEU B 18 2.84 -5.12 -0.59
C LEU B 18 2.41 -5.58 0.80
N ASP B 19 3.35 -5.57 1.75
CA ASP B 19 3.03 -5.98 3.11
C ASP B 19 3.92 -5.25 4.11
N GLY B 20 5.22 -5.50 4.01
CA GLY B 20 6.17 -4.85 4.92
C GLY B 20 6.54 -3.45 4.42
N GLY B 21 6.06 -3.10 3.22
CA GLY B 21 6.36 -1.79 2.64
C GLY B 21 7.83 -1.72 2.21
N ALA B 22 8.44 -2.88 2.01
CA ALA B 22 9.83 -2.93 1.59
C ALA B 22 10.00 -2.56 0.12
N PRO B 23 11.17 -2.17 -0.27
CA PRO B 23 11.46 -1.80 -1.68
C PRO B 23 11.44 -3.00 -2.61
N GLY B 24 11.70 -4.18 -2.06
CA GLY B 24 11.72 -5.41 -2.85
C GLY B 24 13.02 -6.17 -2.65
N ARG A 6 1.99 -17.86 0.38
CA ARG A 6 0.69 -17.19 0.08
C ARG A 6 -0.24 -17.35 1.27
N PRO A 7 0.02 -16.63 2.32
CA PRO A 7 -0.81 -16.68 3.57
C PRO A 7 -2.28 -16.33 3.31
N LYS A 8 -2.49 -15.29 2.50
CA LYS A 8 -3.83 -14.86 2.17
C LYS A 8 -4.03 -14.85 0.66
N MET A 9 -3.30 -13.99 -0.03
CA MET A 9 -3.41 -13.89 -1.48
C MET A 9 -2.04 -13.65 -2.10
N THR A 10 -1.94 -13.87 -3.41
CA THR A 10 -0.69 -13.67 -4.12
C THR A 10 -0.35 -12.18 -4.20
N PRO A 11 0.89 -11.85 -4.49
CA PRO A 11 1.33 -10.43 -4.58
C PRO A 11 0.45 -9.62 -5.53
N GLU A 12 0.09 -10.22 -6.66
CA GLU A 12 -0.76 -9.54 -7.63
C GLU A 12 -2.14 -9.31 -7.05
N GLN A 13 -2.65 -10.30 -6.32
CA GLN A 13 -3.96 -10.19 -5.71
C GLN A 13 -3.98 -9.07 -4.67
N MET A 14 -2.92 -8.98 -3.89
CA MET A 14 -2.85 -7.95 -2.87
C MET A 14 -2.86 -6.57 -3.51
N ALA A 15 -2.13 -6.43 -4.61
CA ALA A 15 -2.08 -5.15 -5.30
C ALA A 15 -3.46 -4.77 -5.84
N LYS A 16 -4.16 -5.76 -6.38
CA LYS A 16 -5.49 -5.52 -6.93
C LYS A 16 -6.44 -5.04 -5.85
N GLU A 17 -6.35 -5.64 -4.68
CA GLU A 17 -7.22 -5.25 -3.57
C GLU A 17 -6.93 -3.81 -3.16
N MET A 18 -5.65 -3.44 -3.12
CA MET A 18 -5.28 -2.08 -2.75
C MET A 18 -5.82 -1.08 -3.75
N SER A 19 -5.75 -1.42 -5.03
CA SER A 19 -6.24 -0.54 -6.08
C SER A 19 -7.74 -0.33 -5.95
N GLU A 20 -8.46 -1.39 -5.62
CA GLU A 20 -9.91 -1.31 -5.47
C GLU A 20 -10.28 -0.35 -4.33
N PHE A 21 -9.55 -0.44 -3.22
CA PHE A 21 -9.83 0.44 -2.09
C PHE A 21 -9.49 1.88 -2.43
N LEU A 22 -8.38 2.06 -3.14
CA LEU A 22 -7.95 3.40 -3.52
C LEU A 22 -8.93 4.02 -4.51
N SER A 23 -9.43 3.20 -5.43
CA SER A 23 -10.37 3.68 -6.45
C SER A 23 -11.67 4.14 -5.78
N ARG A 24 -12.14 3.35 -4.82
CA ARG A 24 -13.36 3.70 -4.09
C ARG A 24 -13.17 4.98 -3.31
N GLY A 25 -12.00 5.13 -2.70
CA GLY A 25 -11.72 6.31 -1.90
C GLY A 25 -11.53 7.54 -2.79
N PRO A 26 -11.55 8.71 -2.20
CA PRO A 26 -11.39 9.99 -2.94
C PRO A 26 -10.08 10.04 -3.71
N ALA A 27 -10.12 10.60 -4.92
CA ALA A 27 -8.93 10.71 -5.76
C ALA A 27 -8.53 12.18 -5.91
N VAL A 28 -9.41 13.10 -5.52
CA VAL A 28 -9.13 14.52 -5.63
C VAL A 28 -7.92 14.89 -4.79
N LEU A 29 -7.86 14.37 -3.58
CA LEU A 29 -6.75 14.65 -2.67
C LEU A 29 -5.44 14.11 -3.23
N ALA A 30 -5.54 13.10 -4.08
CA ALA A 30 -4.35 12.49 -4.68
C ALA A 30 -3.56 13.54 -5.45
N THR A 31 -4.27 14.48 -6.06
CA THR A 31 -3.61 15.52 -6.84
C THR A 31 -4.06 16.90 -6.37
N LYS A 32 -3.26 17.91 -6.68
CA LYS A 32 -3.58 19.28 -6.28
C LYS A 32 -3.94 19.34 -4.81
N ALA A 33 -3.27 18.53 -3.99
CA ALA A 33 -3.52 18.51 -2.56
C ALA A 33 -2.34 17.91 -1.82
N ALA A 34 -2.08 16.63 -2.04
CA ALA A 34 -0.96 15.95 -1.40
C ALA A 34 -1.03 16.13 0.12
N ALA A 35 -1.84 15.30 0.78
CA ALA A 35 -1.99 15.40 2.23
C ALA A 35 -0.65 15.16 2.92
N GLY A 36 -0.44 15.84 4.04
CA GLY A 36 0.80 15.69 4.79
C GLY A 36 0.65 14.64 5.89
N THR A 37 -0.52 14.03 5.97
CA THR A 37 -0.77 13.01 6.97
C THR A 37 0.03 11.74 6.66
N LYS A 38 0.43 11.61 5.40
CA LYS A 38 1.20 10.45 4.99
C LYS A 38 2.52 10.36 5.76
N LYS A 39 2.89 11.46 6.44
CA LYS A 39 4.11 11.47 7.22
C LYS A 39 4.15 10.31 8.20
N TYR A 40 2.98 9.77 8.51
CA TYR A 40 2.90 8.65 9.44
C TYR A 40 3.66 7.45 8.90
N ASP A 41 4.29 6.71 9.81
CA ASP A 41 5.06 5.55 9.42
C ASP A 41 4.19 4.30 9.41
N LEU A 42 3.37 4.16 8.37
CA LEU A 42 2.49 3.01 8.24
C LEU A 42 3.06 2.00 7.24
N SER A 43 4.22 2.31 6.68
CA SER A 43 4.86 1.41 5.72
C SER A 43 5.37 0.16 6.42
N LYS A 44 5.36 0.19 7.74
CA LYS A 44 5.81 -0.96 8.52
C LYS A 44 4.64 -1.86 8.90
N TRP A 45 3.42 -1.36 8.68
CA TRP A 45 2.23 -2.12 9.01
C TRP A 45 1.91 -3.12 7.90
N LYS A 46 1.54 -4.32 8.30
CA LYS A 46 1.21 -5.36 7.33
C LYS A 46 -0.01 -4.96 6.50
N TYR A 47 -0.14 -5.57 5.34
CA TYR A 47 -1.26 -5.28 4.45
C TYR A 47 -2.56 -5.51 5.20
N ALA A 48 -2.65 -6.64 5.89
CA ALA A 48 -3.85 -6.95 6.64
C ALA A 48 -4.09 -5.92 7.75
N GLU A 49 -3.01 -5.50 8.39
CA GLU A 49 -3.09 -4.53 9.48
C GLU A 49 -3.63 -3.20 8.97
N LEU A 50 -3.14 -2.76 7.82
CA LEU A 50 -3.60 -1.50 7.25
C LEU A 50 -5.07 -1.59 6.89
N ARG A 51 -5.47 -2.73 6.35
CA ARG A 51 -6.86 -2.92 5.98
C ARG A 51 -7.77 -2.75 7.20
N ASP A 52 -7.39 -3.42 8.29
CA ASP A 52 -8.17 -3.33 9.51
C ASP A 52 -8.12 -1.91 10.07
N THR A 53 -6.94 -1.28 9.97
CA THR A 53 -6.80 0.07 10.49
C THR A 53 -7.74 1.02 9.77
N ILE A 54 -7.81 0.90 8.45
CA ILE A 54 -8.69 1.77 7.66
C ILE A 54 -10.14 1.59 8.08
N ASN A 55 -10.58 0.34 8.21
CA ASN A 55 -11.95 0.05 8.59
C ASN A 55 -12.25 0.58 9.99
N THR A 56 -11.27 0.48 10.88
CA THR A 56 -11.45 0.95 12.25
C THR A 56 -11.03 2.41 12.38
N SER A 57 -10.53 3.00 11.29
CA SER A 57 -10.09 4.38 11.31
C SER A 57 -11.29 5.32 11.41
N CYS A 58 -11.22 6.23 12.37
CA CYS A 58 -12.29 7.19 12.56
C CYS A 58 -11.82 8.59 12.16
N ASP A 59 -10.54 8.72 11.80
CA ASP A 59 -10.00 10.01 11.40
C ASP A 59 -9.64 10.01 9.92
N ILE A 60 -9.95 11.10 9.23
CA ILE A 60 -9.64 11.21 7.82
C ILE A 60 -8.13 11.31 7.59
N GLU A 61 -7.43 11.84 8.58
CA GLU A 61 -5.98 11.99 8.47
C GLU A 61 -5.31 10.62 8.38
N LEU A 62 -5.74 9.71 9.24
CA LEU A 62 -5.18 8.37 9.25
C LEU A 62 -5.53 7.65 7.94
N LEU A 63 -6.75 7.86 7.49
CA LEU A 63 -7.23 7.23 6.26
C LEU A 63 -6.37 7.67 5.09
N ALA A 64 -6.05 8.95 5.05
CA ALA A 64 -5.21 9.49 4.00
C ALA A 64 -3.83 8.86 4.06
N ALA A 65 -3.32 8.63 5.26
CA ALA A 65 -2.00 8.05 5.43
C ALA A 65 -1.95 6.63 4.87
N CYS A 66 -2.99 5.85 5.18
CA CYS A 66 -3.05 4.48 4.71
C CYS A 66 -3.21 4.45 3.20
N ARG A 67 -4.02 5.35 2.68
CA ARG A 67 -4.26 5.42 1.25
C ARG A 67 -2.96 5.72 0.52
N GLU A 68 -2.18 6.64 1.07
CA GLU A 68 -0.91 7.00 0.47
C GLU A 68 0.04 5.83 0.51
N GLU A 69 0.05 5.10 1.63
CA GLU A 69 0.94 3.96 1.75
C GLU A 69 0.63 2.93 0.68
N PHE A 70 -0.65 2.71 0.43
CA PHE A 70 -1.07 1.75 -0.58
C PHE A 70 -0.57 2.18 -1.95
N HIS A 71 -0.69 3.46 -2.26
CA HIS A 71 -0.22 3.97 -3.55
C HIS A 71 1.28 3.77 -3.69
N ARG A 72 2.03 4.10 -2.65
CA ARG A 72 3.48 3.95 -2.68
C ARG A 72 3.86 2.48 -2.81
N ARG A 73 3.16 1.64 -2.07
CA ARG A 73 3.42 0.20 -2.11
C ARG A 73 3.11 -0.36 -3.50
N LEU A 74 2.01 0.08 -4.08
CA LEU A 74 1.62 -0.38 -5.41
C LEU A 74 2.66 0.04 -6.45
N LYS A 75 3.16 1.27 -6.34
CA LYS A 75 4.16 1.76 -7.28
C LYS A 75 5.43 0.92 -7.21
N VAL A 76 5.88 0.63 -5.98
CA VAL A 76 7.08 -0.17 -5.79
C VAL A 76 6.87 -1.57 -6.34
N TYR A 77 5.69 -2.11 -6.11
CA TYR A 77 5.36 -3.45 -6.58
C TYR A 77 5.50 -3.52 -8.10
N HIS A 78 4.93 -2.54 -8.78
CA HIS A 78 5.01 -2.49 -10.23
C HIS A 78 6.46 -2.36 -10.69
N ALA A 79 7.20 -1.46 -10.05
CA ALA A 79 8.59 -1.26 -10.39
C ALA A 79 9.39 -2.55 -10.20
N TRP A 80 9.10 -3.28 -9.12
CA TRP A 80 9.79 -4.53 -8.86
C TRP A 80 9.56 -5.52 -9.98
N LYS A 81 8.32 -5.63 -10.41
CA LYS A 81 7.99 -6.55 -11.49
C LYS A 81 8.77 -6.22 -12.74
N SER A 82 8.90 -4.94 -13.01
CA SER A 82 9.64 -4.49 -14.19
C SER A 82 11.14 -4.54 -13.94
N LYS A 83 11.53 -4.54 -12.67
CA LYS A 83 12.95 -4.58 -12.33
C LYS A 83 13.52 -5.96 -12.65
N ASN A 84 12.70 -6.99 -12.50
CA ASN A 84 13.16 -8.35 -12.75
C ASN A 84 12.72 -8.82 -14.13
N LYS A 85 11.52 -8.42 -14.54
CA LYS A 85 11.00 -8.82 -15.84
C LYS A 85 11.74 -8.08 -16.95
N LYS A 86 12.01 -6.80 -16.70
CA LYS A 86 12.73 -5.98 -17.67
C LYS A 86 14.07 -5.52 -17.12
N ARG A 87 15.10 -5.59 -17.96
CA ARG A 87 16.44 -5.17 -17.55
C ARG A 87 17.01 -4.17 -18.54
N ILE B 9 12.16 -16.50 -3.15
CA ILE B 9 13.11 -15.37 -3.34
C ILE B 9 12.36 -14.18 -3.93
N GLU B 10 12.08 -14.26 -5.23
CA GLU B 10 11.38 -13.18 -5.90
C GLU B 10 9.98 -13.00 -5.32
N ASN B 11 9.30 -14.12 -5.07
CA ASN B 11 7.96 -14.07 -4.51
C ASN B 11 7.98 -13.40 -3.14
N ASP B 12 9.01 -13.71 -2.36
CA ASP B 12 9.12 -13.14 -1.03
C ASP B 12 9.28 -11.62 -1.11
N GLU B 13 10.10 -11.16 -2.06
CA GLU B 13 10.35 -9.74 -2.23
C GLU B 13 9.04 -9.02 -2.58
N ALA B 14 8.26 -9.62 -3.47
CA ALA B 14 6.99 -9.02 -3.87
C ALA B 14 6.04 -8.93 -2.68
N PHE B 15 6.04 -9.97 -1.85
CA PHE B 15 5.19 -9.98 -0.68
C PHE B 15 5.56 -8.85 0.28
N ALA B 16 6.85 -8.67 0.49
CA ALA B 16 7.32 -7.61 1.40
C ALA B 16 6.88 -6.25 0.87
N ILE B 17 6.96 -6.07 -0.44
CA ILE B 17 6.57 -4.80 -1.04
C ILE B 17 5.09 -4.50 -0.75
N LEU B 18 4.26 -5.52 -0.83
CA LEU B 18 2.84 -5.34 -0.59
C LEU B 18 2.45 -5.83 0.80
N ASP B 19 3.38 -5.78 1.74
CA ASP B 19 3.09 -6.22 3.11
C ASP B 19 3.94 -5.45 4.11
N GLY B 20 5.26 -5.60 3.98
CA GLY B 20 6.19 -4.92 4.87
C GLY B 20 6.58 -3.54 4.31
N GLY B 21 6.08 -3.21 3.12
CA GLY B 21 6.40 -1.93 2.51
C GLY B 21 7.87 -1.89 2.07
N ALA B 22 8.47 -3.07 1.92
CA ALA B 22 9.86 -3.15 1.51
C ALA B 22 10.04 -2.74 0.05
N PRO B 23 11.23 -2.39 -0.34
CA PRO B 23 11.53 -1.98 -1.74
C PRO B 23 11.49 -3.15 -2.72
N GLY B 24 11.73 -4.35 -2.19
CA GLY B 24 11.72 -5.55 -3.03
C GLY B 24 12.84 -6.49 -2.63
N ARG A 6 -4.45 -14.49 8.28
CA ARG A 6 -4.02 -13.47 7.27
C ARG A 6 -4.73 -13.74 5.95
N PRO A 7 -4.78 -12.77 5.08
CA PRO A 7 -5.45 -12.89 3.74
C PRO A 7 -4.72 -13.88 2.83
N LYS A 8 -3.42 -14.05 3.07
CA LYS A 8 -2.62 -14.97 2.26
C LYS A 8 -2.86 -14.74 0.78
N MET A 9 -3.07 -13.49 0.40
CA MET A 9 -3.33 -13.16 -1.00
C MET A 9 -2.02 -13.02 -1.77
N THR A 10 -2.06 -13.32 -3.06
CA THR A 10 -0.87 -13.22 -3.90
C THR A 10 -0.52 -11.74 -4.13
N PRO A 11 0.69 -11.46 -4.55
CA PRO A 11 1.14 -10.06 -4.79
C PRO A 11 0.18 -9.31 -5.72
N GLU A 12 -0.25 -9.98 -6.78
CA GLU A 12 -1.18 -9.35 -7.72
C GLU A 12 -2.53 -9.08 -7.06
N GLN A 13 -2.99 -10.05 -6.26
CA GLN A 13 -4.28 -9.88 -5.59
C GLN A 13 -4.25 -8.73 -4.62
N MET A 14 -3.17 -8.60 -3.86
CA MET A 14 -3.05 -7.52 -2.90
C MET A 14 -3.04 -6.18 -3.63
N ALA A 15 -2.34 -6.13 -4.75
CA ALA A 15 -2.27 -4.89 -5.51
C ALA A 15 -3.65 -4.47 -6.00
N LYS A 16 -4.43 -5.44 -6.46
CA LYS A 16 -5.77 -5.15 -6.96
C LYS A 16 -6.64 -4.58 -5.85
N GLU A 17 -6.53 -5.16 -4.66
CA GLU A 17 -7.32 -4.68 -3.53
C GLU A 17 -6.92 -3.24 -3.17
N MET A 18 -5.62 -2.96 -3.23
CA MET A 18 -5.15 -1.61 -2.90
C MET A 18 -5.74 -0.58 -3.85
N SER A 19 -5.78 -0.93 -5.14
CA SER A 19 -6.34 -0.01 -6.13
C SER A 19 -7.81 0.25 -5.85
N GLU A 20 -8.55 -0.80 -5.51
CA GLU A 20 -9.96 -0.68 -5.22
C GLU A 20 -10.20 0.25 -4.03
N PHE A 21 -9.36 0.13 -3.01
CA PHE A 21 -9.51 0.98 -1.83
C PHE A 21 -9.22 2.43 -2.17
N LEU A 22 -8.20 2.63 -3.01
CA LEU A 22 -7.82 3.98 -3.41
C LEU A 22 -8.94 4.65 -4.20
N SER A 23 -9.57 3.89 -5.08
CA SER A 23 -10.66 4.42 -5.89
C SER A 23 -11.87 4.77 -5.01
N ARG A 24 -12.11 3.93 -4.02
CA ARG A 24 -13.22 4.15 -3.11
C ARG A 24 -13.04 5.45 -2.34
N GLY A 25 -11.81 5.71 -1.92
CA GLY A 25 -11.52 6.91 -1.18
C GLY A 25 -11.73 8.16 -2.04
N PRO A 26 -12.41 9.18 -1.55
CA PRO A 26 -12.64 10.44 -2.33
C PRO A 26 -11.40 11.32 -2.38
N ALA A 27 -11.17 11.94 -3.54
CA ALA A 27 -10.02 12.82 -3.71
C ALA A 27 -8.75 12.16 -3.19
N VAL A 28 -8.05 11.45 -4.07
CA VAL A 28 -6.82 10.76 -3.68
C VAL A 28 -5.81 11.76 -3.14
N LEU A 29 -5.67 12.89 -3.83
CA LEU A 29 -4.73 13.92 -3.40
C LEU A 29 -5.47 15.12 -2.85
N ALA A 30 -6.53 14.86 -2.09
CA ALA A 30 -7.32 15.93 -1.49
C ALA A 30 -6.45 16.79 -0.59
N THR A 31 -5.53 16.14 0.12
CA THR A 31 -4.63 16.87 1.02
C THR A 31 -3.19 16.73 0.57
N LYS A 32 -2.35 17.64 1.02
CA LYS A 32 -0.93 17.64 0.65
C LYS A 32 -0.09 17.02 1.77
N ALA A 33 -0.76 16.42 2.76
CA ALA A 33 -0.04 15.80 3.86
C ALA A 33 0.89 16.82 4.53
N ALA A 34 0.37 18.01 4.79
CA ALA A 34 1.15 19.06 5.42
C ALA A 34 1.62 18.63 6.81
N ALA A 35 0.75 17.93 7.54
CA ALA A 35 1.08 17.46 8.88
C ALA A 35 0.62 16.02 9.07
N GLY A 36 1.12 15.38 10.13
CA GLY A 36 0.76 13.99 10.41
C GLY A 36 1.63 13.04 9.61
N THR A 37 2.80 13.50 9.20
CA THR A 37 3.71 12.68 8.43
C THR A 37 4.09 11.42 9.20
N LYS A 38 4.25 11.56 10.51
CA LYS A 38 4.62 10.43 11.34
C LYS A 38 3.57 9.33 11.27
N LYS A 39 2.30 9.71 11.32
CA LYS A 39 1.21 8.74 11.25
C LYS A 39 1.09 8.18 9.84
N TYR A 40 1.48 9.00 8.87
CA TYR A 40 1.41 8.62 7.46
C TYR A 40 2.41 7.52 7.14
N ASP A 41 3.50 7.49 7.90
CA ASP A 41 4.53 6.48 7.70
C ASP A 41 4.06 5.13 8.25
N LEU A 42 3.19 4.47 7.49
CA LEU A 42 2.65 3.17 7.89
C LEU A 42 3.27 2.07 7.05
N SER A 43 4.39 2.36 6.40
CA SER A 43 5.07 1.39 5.57
C SER A 43 5.51 0.19 6.42
N LYS A 44 5.55 0.38 7.74
CA LYS A 44 5.95 -0.69 8.64
C LYS A 44 4.74 -1.56 9.01
N TRP A 45 3.54 -1.07 8.71
CA TRP A 45 2.32 -1.82 9.02
C TRP A 45 2.05 -2.88 7.97
N LYS A 46 1.73 -4.08 8.41
CA LYS A 46 1.44 -5.17 7.49
C LYS A 46 0.22 -4.84 6.64
N TYR A 47 0.11 -5.52 5.50
CA TYR A 47 -1.01 -5.30 4.61
C TYR A 47 -2.32 -5.53 5.34
N ALA A 48 -2.39 -6.66 6.04
CA ALA A 48 -3.60 -6.98 6.79
C ALA A 48 -3.86 -5.93 7.87
N GLU A 49 -2.79 -5.49 8.53
CA GLU A 49 -2.90 -4.50 9.59
C GLU A 49 -3.46 -3.17 9.06
N LEU A 50 -2.97 -2.76 7.90
CA LEU A 50 -3.43 -1.52 7.30
C LEU A 50 -4.89 -1.62 6.93
N ARG A 51 -5.28 -2.78 6.42
CA ARG A 51 -6.65 -3.00 6.04
C ARG A 51 -7.57 -2.81 7.25
N ASP A 52 -7.18 -3.43 8.36
CA ASP A 52 -7.97 -3.31 9.58
C ASP A 52 -7.97 -1.88 10.08
N THR A 53 -6.83 -1.21 9.98
CA THR A 53 -6.73 0.17 10.43
C THR A 53 -7.70 1.06 9.65
N ILE A 54 -7.75 0.86 8.33
CA ILE A 54 -8.64 1.66 7.50
C ILE A 54 -10.10 1.47 7.92
N ASN A 55 -10.49 0.21 8.11
CA ASN A 55 -11.85 -0.08 8.52
C ASN A 55 -12.16 0.53 9.88
N THR A 56 -11.17 0.54 10.76
CA THR A 56 -11.36 1.09 12.11
C THR A 56 -11.00 2.58 12.14
N SER A 57 -10.57 3.13 11.01
CA SER A 57 -10.21 4.53 10.96
C SER A 57 -11.40 5.41 11.30
N CYS A 58 -11.20 6.34 12.20
CA CYS A 58 -12.25 7.26 12.60
C CYS A 58 -11.90 8.69 12.18
N ASP A 59 -10.71 8.87 11.59
CA ASP A 59 -10.28 10.20 11.16
C ASP A 59 -9.85 10.16 9.69
N ILE A 60 -10.00 11.29 9.00
CA ILE A 60 -9.62 11.38 7.61
C ILE A 60 -8.10 11.31 7.45
N GLU A 61 -7.39 11.77 8.48
CA GLU A 61 -5.93 11.76 8.44
C GLU A 61 -5.40 10.33 8.38
N LEU A 62 -5.98 9.46 9.21
CA LEU A 62 -5.57 8.07 9.22
C LEU A 62 -5.94 7.40 7.90
N LEU A 63 -7.11 7.73 7.39
CA LEU A 63 -7.57 7.15 6.13
C LEU A 63 -6.61 7.52 5.01
N ALA A 64 -6.19 8.78 5.01
CA ALA A 64 -5.26 9.26 4.01
C ALA A 64 -3.90 8.59 4.19
N ALA A 65 -3.56 8.28 5.44
CA ALA A 65 -2.27 7.66 5.74
C ALA A 65 -2.17 6.30 5.09
N CYS A 66 -3.22 5.50 5.22
CA CYS A 66 -3.24 4.17 4.64
C CYS A 66 -3.30 4.24 3.13
N ARG A 67 -4.10 5.17 2.64
CA ARG A 67 -4.24 5.36 1.21
C ARG A 67 -2.91 5.76 0.60
N GLU A 68 -2.20 6.65 1.29
CA GLU A 68 -0.90 7.11 0.81
C GLU A 68 0.09 5.95 0.79
N GLU A 69 0.07 5.14 1.86
CA GLU A 69 0.98 4.00 1.94
C GLU A 69 0.68 3.00 0.84
N PHE A 70 -0.60 2.77 0.59
CA PHE A 70 -1.01 1.82 -0.44
C PHE A 70 -0.52 2.28 -1.82
N HIS A 71 -0.67 3.56 -2.10
CA HIS A 71 -0.24 4.09 -3.39
C HIS A 71 1.26 3.90 -3.56
N ARG A 72 2.02 4.25 -2.54
CA ARG A 72 3.47 4.11 -2.59
C ARG A 72 3.87 2.64 -2.73
N ARG A 73 3.19 1.79 -1.98
CA ARG A 73 3.46 0.36 -2.03
C ARG A 73 3.18 -0.19 -3.41
N LEU A 74 2.08 0.24 -4.01
CA LEU A 74 1.71 -0.21 -5.34
C LEU A 74 2.78 0.20 -6.35
N LYS A 75 3.30 1.41 -6.19
CA LYS A 75 4.33 1.92 -7.10
C LYS A 75 5.57 1.02 -7.04
N VAL A 76 5.97 0.67 -5.82
CA VAL A 76 7.14 -0.18 -5.63
C VAL A 76 6.91 -1.55 -6.26
N TYR A 77 5.70 -2.06 -6.08
CA TYR A 77 5.34 -3.37 -6.62
C TYR A 77 5.53 -3.39 -8.13
N HIS A 78 5.00 -2.37 -8.79
CA HIS A 78 5.13 -2.27 -10.24
C HIS A 78 6.59 -2.20 -10.64
N ALA A 79 7.35 -1.37 -9.93
CA ALA A 79 8.77 -1.21 -10.22
C ALA A 79 9.51 -2.53 -10.07
N TRP A 80 9.17 -3.29 -9.04
CA TRP A 80 9.81 -4.57 -8.80
C TRP A 80 9.56 -5.51 -9.98
N LYS A 81 8.33 -5.58 -10.42
CA LYS A 81 7.99 -6.43 -11.56
C LYS A 81 8.77 -5.99 -12.78
N SER A 82 8.97 -4.70 -12.93
CA SER A 82 9.71 -4.17 -14.06
C SER A 82 11.18 -4.59 -13.98
N LYS A 83 11.75 -4.53 -12.79
CA LYS A 83 13.16 -4.88 -12.60
C LYS A 83 13.40 -6.36 -12.90
N ASN A 84 12.38 -7.19 -12.67
CA ASN A 84 12.52 -8.63 -12.91
C ASN A 84 12.06 -9.02 -14.31
N LYS A 85 10.98 -8.40 -14.75
CA LYS A 85 10.43 -8.67 -16.08
C LYS A 85 11.33 -8.07 -17.14
N LYS A 86 11.84 -6.88 -16.85
CA LYS A 86 12.73 -6.20 -17.78
C LYS A 86 14.07 -5.87 -17.12
N ARG A 87 15.14 -6.07 -17.88
CA ARG A 87 16.48 -5.81 -17.37
C ARG A 87 17.25 -4.92 -18.34
N ILE B 9 11.78 -16.89 -3.39
CA ILE B 9 12.75 -15.75 -3.37
C ILE B 9 12.10 -14.51 -3.94
N GLU B 10 11.89 -14.50 -5.26
CA GLU B 10 11.27 -13.35 -5.91
C GLU B 10 9.87 -13.13 -5.37
N ASN B 11 9.14 -14.22 -5.17
CA ASN B 11 7.78 -14.13 -4.67
C ASN B 11 7.78 -13.48 -3.29
N ASP B 12 8.77 -13.83 -2.48
CA ASP B 12 8.87 -13.28 -1.14
C ASP B 12 9.10 -11.77 -1.20
N GLU B 13 9.93 -11.35 -2.14
CA GLU B 13 10.23 -9.92 -2.28
C GLU B 13 8.96 -9.14 -2.62
N ALA B 14 8.15 -9.69 -3.52
CA ALA B 14 6.90 -9.04 -3.91
C ALA B 14 5.97 -8.94 -2.72
N PHE B 15 5.92 -9.99 -1.91
CA PHE B 15 5.06 -10.00 -0.74
C PHE B 15 5.45 -8.89 0.23
N ALA B 16 6.74 -8.74 0.46
CA ALA B 16 7.23 -7.71 1.37
C ALA B 16 6.83 -6.33 0.85
N ILE B 17 6.95 -6.13 -0.45
CA ILE B 17 6.59 -4.86 -1.04
C ILE B 17 5.13 -4.53 -0.77
N LEU B 18 4.27 -5.53 -0.88
CA LEU B 18 2.84 -5.33 -0.66
C LEU B 18 2.41 -5.82 0.72
N ASP B 19 3.34 -5.83 1.67
CA ASP B 19 3.01 -6.27 3.03
C ASP B 19 3.88 -5.55 4.05
N GLY B 20 5.18 -5.78 3.94
CA GLY B 20 6.12 -5.14 4.86
C GLY B 20 6.50 -3.74 4.37
N GLY B 21 6.02 -3.36 3.19
CA GLY B 21 6.34 -2.04 2.64
C GLY B 21 7.80 -1.96 2.21
N ALA B 22 8.41 -3.12 1.98
CA ALA B 22 9.80 -3.18 1.59
C ALA B 22 9.98 -2.74 0.13
N PRO B 23 11.15 -2.35 -0.25
CA PRO B 23 11.45 -1.91 -1.64
C PRO B 23 11.49 -3.08 -2.61
N GLY B 24 11.71 -4.28 -2.08
CA GLY B 24 11.77 -5.47 -2.93
C GLY B 24 13.07 -6.23 -2.68
N ARG A 6 2.83 -12.03 5.82
CA ARG A 6 2.81 -12.94 4.65
C ARG A 6 1.38 -13.40 4.38
N PRO A 7 0.57 -12.53 3.84
CA PRO A 7 -0.85 -12.85 3.51
C PRO A 7 -0.97 -13.97 2.50
N LYS A 8 -2.02 -14.76 2.65
CA LYS A 8 -2.26 -15.88 1.75
C LYS A 8 -2.48 -15.38 0.33
N MET A 9 -2.91 -14.13 0.20
CA MET A 9 -3.15 -13.55 -1.12
C MET A 9 -1.84 -13.38 -1.87
N THR A 10 -1.87 -13.64 -3.17
CA THR A 10 -0.68 -13.49 -4.00
C THR A 10 -0.35 -12.01 -4.18
N PRO A 11 0.88 -11.69 -4.49
CA PRO A 11 1.30 -10.27 -4.69
C PRO A 11 0.37 -9.54 -5.65
N GLU A 12 0.00 -10.20 -6.72
CA GLU A 12 -0.90 -9.59 -7.71
C GLU A 12 -2.29 -9.35 -7.10
N GLN A 13 -2.77 -10.32 -6.32
CA GLN A 13 -4.08 -10.21 -5.69
C GLN A 13 -4.11 -9.05 -4.70
N MET A 14 -3.04 -8.92 -3.92
CA MET A 14 -2.97 -7.84 -2.95
C MET A 14 -2.99 -6.49 -3.66
N ALA A 15 -2.26 -6.41 -4.77
CA ALA A 15 -2.22 -5.16 -5.53
C ALA A 15 -3.58 -4.80 -6.08
N LYS A 16 -4.32 -5.80 -6.56
CA LYS A 16 -5.64 -5.56 -7.12
C LYS A 16 -6.57 -5.00 -6.05
N GLU A 17 -6.50 -5.53 -4.84
CA GLU A 17 -7.36 -5.04 -3.77
C GLU A 17 -7.00 -3.60 -3.43
N MET A 18 -5.71 -3.28 -3.41
CA MET A 18 -5.27 -1.93 -3.09
C MET A 18 -5.82 -0.94 -4.10
N SER A 19 -5.76 -1.30 -5.38
CA SER A 19 -6.27 -0.43 -6.43
C SER A 19 -7.76 -0.18 -6.26
N GLU A 20 -8.49 -1.25 -5.96
CA GLU A 20 -9.93 -1.16 -5.79
C GLU A 20 -10.28 -0.23 -4.63
N PHE A 21 -9.54 -0.35 -3.53
CA PHE A 21 -9.78 0.49 -2.37
C PHE A 21 -9.48 1.95 -2.68
N LEU A 22 -8.40 2.17 -3.41
CA LEU A 22 -8.00 3.51 -3.79
C LEU A 22 -9.05 4.15 -4.69
N SER A 23 -9.57 3.36 -5.63
CA SER A 23 -10.59 3.87 -6.55
C SER A 23 -11.86 4.24 -5.79
N ARG A 24 -12.24 3.40 -4.82
CA ARG A 24 -13.44 3.66 -4.04
C ARG A 24 -13.31 4.96 -3.25
N GLY A 25 -12.13 5.17 -2.69
CA GLY A 25 -11.89 6.38 -1.90
C GLY A 25 -11.38 7.52 -2.79
N PRO A 26 -11.28 8.70 -2.25
CA PRO A 26 -10.79 9.90 -2.99
C PRO A 26 -9.38 9.71 -3.52
N ALA A 27 -9.11 10.21 -4.72
CA ALA A 27 -7.79 10.08 -5.31
C ALA A 27 -7.18 11.45 -5.55
N VAL A 28 -7.99 12.37 -6.06
CA VAL A 28 -7.51 13.73 -6.33
C VAL A 28 -7.06 14.41 -5.04
N LEU A 29 -7.86 14.28 -4.00
CA LEU A 29 -7.53 14.89 -2.71
C LEU A 29 -6.27 14.26 -2.14
N ALA A 30 -6.15 12.95 -2.28
CA ALA A 30 -5.00 12.22 -1.77
C ALA A 30 -3.72 12.70 -2.43
N THR A 31 -3.79 12.96 -3.73
CA THR A 31 -2.61 13.41 -4.47
C THR A 31 -2.24 14.82 -4.04
N LYS A 32 -3.24 15.65 -3.87
CA LYS A 32 -3.02 17.03 -3.45
C LYS A 32 -2.37 17.08 -2.08
N ALA A 33 -2.83 16.21 -1.19
CA ALA A 33 -2.29 16.16 0.17
C ALA A 33 -0.81 15.81 0.14
N ALA A 34 -0.45 14.85 -0.70
CA ALA A 34 0.95 14.43 -0.81
C ALA A 34 1.57 14.21 0.57
N ALA A 35 0.74 13.79 1.52
CA ALA A 35 1.22 13.56 2.88
C ALA A 35 0.32 12.57 3.61
N GLY A 36 0.84 11.97 4.67
CA GLY A 36 0.09 11.00 5.45
C GLY A 36 1.01 10.03 6.17
N THR A 37 1.95 9.46 5.43
CA THR A 37 2.91 8.52 6.01
C THR A 37 3.99 9.27 6.80
N LYS A 38 4.07 10.58 6.59
CA LYS A 38 5.06 11.40 7.28
C LYS A 38 4.82 11.40 8.79
N LYS A 39 3.55 11.45 9.17
CA LYS A 39 3.19 11.47 10.58
C LYS A 39 2.81 10.07 11.05
N TYR A 40 2.30 9.25 10.14
CA TYR A 40 1.91 7.90 10.49
C TYR A 40 2.88 6.89 9.89
N ASP A 41 3.33 5.95 10.70
CA ASP A 41 4.26 4.93 10.23
C ASP A 41 3.50 3.69 9.80
N LEU A 42 2.89 3.76 8.61
CA LEU A 42 2.13 2.64 8.08
C LEU A 42 2.94 1.88 7.03
N SER A 43 4.13 2.39 6.73
CA SER A 43 4.98 1.73 5.74
C SER A 43 5.49 0.40 6.28
N LYS A 44 5.34 0.19 7.58
CA LYS A 44 5.79 -1.06 8.20
C LYS A 44 4.59 -1.91 8.60
N TRP A 45 3.40 -1.55 8.12
CA TRP A 45 2.19 -2.30 8.45
C TRP A 45 1.84 -3.28 7.35
N LYS A 46 1.52 -4.51 7.73
CA LYS A 46 1.16 -5.55 6.78
C LYS A 46 -0.10 -5.15 6.01
N TYR A 47 -0.33 -5.81 4.88
CA TYR A 47 -1.52 -5.53 4.10
C TYR A 47 -2.76 -5.73 4.94
N ALA A 48 -2.81 -6.85 5.66
CA ALA A 48 -3.96 -7.14 6.50
C ALA A 48 -4.11 -6.08 7.58
N GLU A 49 -2.98 -5.64 8.13
CA GLU A 49 -2.99 -4.64 9.19
C GLU A 49 -3.54 -3.31 8.67
N LEU A 50 -3.14 -2.92 7.46
CA LEU A 50 -3.63 -1.68 6.89
C LEU A 50 -5.14 -1.75 6.65
N ARG A 51 -5.60 -2.91 6.21
CA ARG A 51 -7.01 -3.10 5.97
C ARG A 51 -7.80 -2.87 7.25
N ASP A 52 -7.35 -3.51 8.31
CA ASP A 52 -8.01 -3.35 9.60
C ASP A 52 -7.93 -1.91 10.06
N THR A 53 -6.78 -1.28 9.82
CA THR A 53 -6.59 0.10 10.23
C THR A 53 -7.61 1.00 9.55
N ILE A 54 -7.81 0.81 8.24
CA ILE A 54 -8.75 1.64 7.50
C ILE A 54 -10.16 1.46 8.05
N ASN A 55 -10.57 0.22 8.24
CA ASN A 55 -11.90 -0.09 8.77
C ASN A 55 -12.07 0.49 10.17
N THR A 56 -11.01 0.42 10.99
CA THR A 56 -11.07 0.92 12.34
C THR A 56 -10.69 2.40 12.40
N SER A 57 -10.34 2.97 11.25
CA SER A 57 -9.94 4.36 11.19
C SER A 57 -11.03 5.26 11.76
N CYS A 58 -10.62 6.15 12.64
CA CYS A 58 -11.55 7.09 13.25
C CYS A 58 -11.19 8.52 12.85
N ASP A 59 -10.09 8.68 12.11
CA ASP A 59 -9.66 10.01 11.67
C ASP A 59 -9.36 10.02 10.17
N ILE A 60 -9.69 11.13 9.52
CA ILE A 60 -9.46 11.25 8.09
C ILE A 60 -7.96 11.28 7.79
N GLU A 61 -7.18 11.74 8.76
CA GLU A 61 -5.73 11.82 8.59
C GLU A 61 -5.15 10.43 8.42
N LEU A 62 -5.61 9.50 9.25
CA LEU A 62 -5.13 8.12 9.18
C LEU A 62 -5.55 7.49 7.86
N LEU A 63 -6.79 7.77 7.46
CA LEU A 63 -7.31 7.21 6.22
C LEU A 63 -6.48 7.68 5.04
N ALA A 64 -6.12 8.95 5.06
CA ALA A 64 -5.30 9.52 4.01
C ALA A 64 -3.94 8.84 3.99
N ALA A 65 -3.42 8.52 5.17
CA ALA A 65 -2.12 7.88 5.28
C ALA A 65 -2.14 6.50 4.64
N CYS A 66 -3.22 5.77 4.88
CA CYS A 66 -3.36 4.43 4.33
C CYS A 66 -3.43 4.48 2.81
N ARG A 67 -4.18 5.45 2.30
CA ARG A 67 -4.31 5.62 0.87
C ARG A 67 -2.95 5.92 0.25
N GLU A 68 -2.21 6.79 0.91
CA GLU A 68 -0.89 7.16 0.43
C GLU A 68 0.04 5.95 0.46
N GLU A 69 -0.03 5.17 1.54
CA GLU A 69 0.81 4.00 1.67
C GLU A 69 0.50 2.99 0.57
N PHE A 70 -0.78 2.82 0.28
CA PHE A 70 -1.20 1.88 -0.74
C PHE A 70 -0.65 2.29 -2.11
N HIS A 71 -0.76 3.57 -2.43
CA HIS A 71 -0.27 4.07 -3.70
C HIS A 71 1.23 3.85 -3.82
N ARG A 72 1.96 4.22 -2.77
CA ARG A 72 3.41 4.06 -2.77
C ARG A 72 3.80 2.59 -2.86
N ARG A 73 3.11 1.75 -2.11
CA ARG A 73 3.38 0.32 -2.13
C ARG A 73 3.07 -0.28 -3.49
N LEU A 74 1.96 0.14 -4.09
CA LEU A 74 1.58 -0.36 -5.41
C LEU A 74 2.62 0.02 -6.44
N LYS A 75 3.12 1.26 -6.35
CA LYS A 75 4.13 1.73 -7.28
C LYS A 75 5.40 0.92 -7.15
N VAL A 76 5.79 0.62 -5.92
CA VAL A 76 7.00 -0.16 -5.69
C VAL A 76 6.83 -1.57 -6.25
N TYR A 77 5.65 -2.13 -6.07
CA TYR A 77 5.35 -3.47 -6.57
C TYR A 77 5.53 -3.52 -8.08
N HIS A 78 4.95 -2.54 -8.76
CA HIS A 78 5.05 -2.48 -10.22
C HIS A 78 6.51 -2.36 -10.63
N ALA A 79 7.22 -1.44 -9.98
CA ALA A 79 8.63 -1.22 -10.28
C ALA A 79 9.45 -2.48 -10.01
N TRP A 80 9.13 -3.18 -8.93
CA TRP A 80 9.84 -4.38 -8.58
C TRP A 80 9.71 -5.42 -9.69
N LYS A 81 8.49 -5.60 -10.18
CA LYS A 81 8.25 -6.56 -11.26
C LYS A 81 9.04 -6.17 -12.49
N SER A 82 9.07 -4.89 -12.80
CA SER A 82 9.80 -4.42 -13.98
C SER A 82 11.29 -4.70 -13.81
N LYS A 83 11.77 -4.64 -12.56
CA LYS A 83 13.18 -4.90 -12.29
C LYS A 83 13.51 -6.37 -12.52
N ASN A 84 12.60 -7.24 -12.09
CA ASN A 84 12.81 -8.68 -12.23
C ASN A 84 12.23 -9.20 -13.54
N LYS A 85 11.58 -8.33 -14.32
CA LYS A 85 11.01 -8.75 -15.61
C LYS A 85 11.55 -7.90 -16.74
N LYS A 86 11.30 -6.60 -16.67
CA LYS A 86 11.77 -5.67 -17.69
C LYS A 86 13.25 -5.38 -17.49
N ARG A 87 13.88 -4.88 -18.54
CA ARG A 87 15.31 -4.54 -18.49
C ARG A 87 16.14 -5.80 -18.26
N ILE B 9 13.68 -15.16 -1.84
CA ILE B 9 12.79 -15.59 -2.97
C ILE B 9 12.15 -14.35 -3.60
N GLU B 10 11.92 -14.42 -4.91
CA GLU B 10 11.31 -13.31 -5.63
C GLU B 10 9.92 -13.04 -5.10
N ASN B 11 9.15 -14.11 -4.88
CA ASN B 11 7.81 -13.96 -4.36
C ASN B 11 7.83 -13.31 -3.00
N ASP B 12 8.82 -13.68 -2.19
CA ASP B 12 8.93 -13.12 -0.85
C ASP B 12 9.15 -11.61 -0.93
N GLU B 13 9.98 -11.19 -1.87
CA GLU B 13 10.26 -9.76 -2.03
C GLU B 13 8.99 -9.00 -2.40
N ALA B 14 8.20 -9.58 -3.29
CA ALA B 14 6.96 -8.94 -3.72
C ALA B 14 6.01 -8.81 -2.55
N PHE B 15 5.95 -9.84 -1.71
CA PHE B 15 5.07 -9.82 -0.54
C PHE B 15 5.46 -8.69 0.40
N ALA B 16 6.76 -8.53 0.63
CA ALA B 16 7.24 -7.47 1.50
C ALA B 16 6.84 -6.11 0.96
N ILE B 17 6.93 -5.95 -0.35
CA ILE B 17 6.56 -4.69 -0.97
C ILE B 17 5.10 -4.37 -0.69
N LEU B 18 4.25 -5.38 -0.76
CA LEU B 18 2.81 -5.18 -0.54
C LEU B 18 2.40 -5.57 0.88
N ASP B 19 3.35 -5.56 1.81
CA ASP B 19 3.03 -5.89 3.21
C ASP B 19 3.97 -5.16 4.16
N GLY B 20 5.26 -5.43 4.03
CA GLY B 20 6.24 -4.79 4.88
C GLY B 20 6.61 -3.40 4.36
N GLY B 21 6.11 -3.05 3.17
CA GLY B 21 6.40 -1.75 2.59
C GLY B 21 7.85 -1.69 2.12
N ALA B 22 8.46 -2.86 1.94
CA ALA B 22 9.85 -2.92 1.51
C ALA B 22 9.98 -2.52 0.04
N PRO B 23 11.15 -2.14 -0.39
CA PRO B 23 11.40 -1.73 -1.79
C PRO B 23 11.46 -2.93 -2.74
N GLY B 24 11.66 -4.11 -2.18
CA GLY B 24 11.73 -5.33 -2.99
C GLY B 24 13.02 -6.09 -2.70
N ARG A 6 2.20 -11.45 6.43
CA ARG A 6 2.28 -12.30 5.22
C ARG A 6 0.87 -12.72 4.79
N PRO A 7 0.13 -11.81 4.21
CA PRO A 7 -1.27 -12.08 3.74
C PRO A 7 -1.32 -13.25 2.77
N LYS A 8 -2.36 -14.03 2.89
CA LYS A 8 -2.55 -15.20 2.02
C LYS A 8 -2.72 -14.75 0.57
N MET A 9 -3.19 -13.53 0.38
CA MET A 9 -3.41 -13.01 -0.96
C MET A 9 -2.09 -12.84 -1.70
N THR A 10 -2.10 -13.15 -2.99
CA THR A 10 -0.89 -13.04 -3.80
C THR A 10 -0.50 -11.58 -3.98
N PRO A 11 0.72 -11.32 -4.36
CA PRO A 11 1.21 -9.91 -4.57
C PRO A 11 0.28 -9.11 -5.47
N GLU A 12 -0.18 -9.73 -6.54
CA GLU A 12 -1.10 -9.07 -7.47
C GLU A 12 -2.44 -8.80 -6.80
N GLN A 13 -2.91 -9.77 -6.02
CA GLN A 13 -4.18 -9.62 -5.33
C GLN A 13 -4.12 -8.48 -4.32
N MET A 14 -3.02 -8.40 -3.59
CA MET A 14 -2.87 -7.34 -2.61
C MET A 14 -2.86 -5.99 -3.28
N ALA A 15 -2.17 -5.90 -4.41
CA ALA A 15 -2.09 -4.65 -5.15
C ALA A 15 -3.46 -4.24 -5.68
N LYS A 16 -4.18 -5.22 -6.23
CA LYS A 16 -5.51 -4.97 -6.78
C LYS A 16 -6.47 -4.54 -5.68
N GLU A 17 -6.38 -5.18 -4.53
CA GLU A 17 -7.25 -4.84 -3.42
C GLU A 17 -7.03 -3.40 -2.97
N MET A 18 -5.75 -3.01 -2.84
CA MET A 18 -5.43 -1.65 -2.44
C MET A 18 -5.88 -0.65 -3.48
N SER A 19 -5.72 -1.01 -4.75
CA SER A 19 -6.12 -0.13 -5.84
C SER A 19 -7.63 0.09 -5.82
N GLU A 20 -8.38 -0.96 -5.56
CA GLU A 20 -9.83 -0.86 -5.50
C GLU A 20 -10.26 0.08 -4.38
N PHE A 21 -9.60 -0.03 -3.23
CA PHE A 21 -9.93 0.82 -2.10
C PHE A 21 -9.63 2.28 -2.41
N LEU A 22 -8.52 2.51 -3.11
CA LEU A 22 -8.13 3.86 -3.48
C LEU A 22 -9.17 4.49 -4.41
N SER A 23 -9.66 3.69 -5.36
CA SER A 23 -10.66 4.17 -6.30
C SER A 23 -11.97 4.50 -5.59
N ARG A 24 -12.32 3.67 -4.61
CA ARG A 24 -13.55 3.88 -3.85
C ARG A 24 -13.49 5.19 -3.08
N GLY A 25 -12.33 5.49 -2.52
CA GLY A 25 -12.16 6.72 -1.75
C GLY A 25 -12.13 7.93 -2.69
N PRO A 26 -12.24 9.10 -2.13
CA PRO A 26 -12.24 10.37 -2.90
C PRO A 26 -10.86 10.66 -3.51
N ALA A 27 -10.86 11.33 -4.66
CA ALA A 27 -9.62 11.67 -5.35
C ALA A 27 -9.44 13.18 -5.42
N VAL A 28 -10.10 13.90 -4.51
CA VAL A 28 -10.00 15.35 -4.49
C VAL A 28 -9.12 15.81 -3.34
N LEU A 29 -8.09 16.59 -3.67
CA LEU A 29 -7.17 17.09 -2.66
C LEU A 29 -6.53 15.94 -1.89
N ALA A 30 -6.54 14.76 -2.50
CA ALA A 30 -5.95 13.59 -1.88
C ALA A 30 -4.47 13.80 -1.61
N THR A 31 -3.82 14.52 -2.51
CA THR A 31 -2.39 14.80 -2.37
C THR A 31 -2.13 15.61 -1.10
N LYS A 32 -2.97 16.60 -0.86
CA LYS A 32 -2.83 17.45 0.32
C LYS A 32 -2.97 16.63 1.58
N ALA A 33 -3.94 15.71 1.57
CA ALA A 33 -4.18 14.85 2.73
C ALA A 33 -2.96 13.98 3.02
N ALA A 34 -2.37 13.43 1.96
CA ALA A 34 -1.20 12.58 2.10
C ALA A 34 -0.04 13.35 2.73
N ALA A 35 0.13 14.59 2.28
CA ALA A 35 1.20 15.43 2.81
C ALA A 35 1.01 15.72 4.29
N GLY A 36 -0.25 15.92 4.69
CA GLY A 36 -0.55 16.22 6.08
C GLY A 36 -0.65 14.94 6.91
N THR A 37 -0.68 13.80 6.23
CA THR A 37 -0.76 12.52 6.91
C THR A 37 0.52 11.71 6.69
N LYS A 38 1.50 12.31 6.04
CA LYS A 38 2.75 11.62 5.78
C LYS A 38 3.52 11.40 7.08
N LYS A 39 3.20 12.18 8.10
CA LYS A 39 3.87 12.06 9.39
C LYS A 39 3.62 10.69 9.99
N TYR A 40 2.55 10.03 9.54
CA TYR A 40 2.21 8.71 10.05
C TYR A 40 3.11 7.64 9.43
N ASP A 41 3.77 6.86 10.28
CA ASP A 41 4.65 5.81 9.81
C ASP A 41 3.88 4.50 9.65
N LEU A 42 3.10 4.40 8.59
CA LEU A 42 2.31 3.20 8.34
C LEU A 42 2.99 2.31 7.30
N SER A 43 4.11 2.77 6.76
CA SER A 43 4.86 2.00 5.77
C SER A 43 5.38 0.71 6.39
N LYS A 44 5.41 0.65 7.72
CA LYS A 44 5.89 -0.53 8.42
C LYS A 44 4.72 -1.45 8.79
N TRP A 45 3.50 -0.94 8.65
CA TRP A 45 2.31 -1.72 8.98
C TRP A 45 2.01 -2.73 7.88
N LYS A 46 1.71 -3.96 8.28
CA LYS A 46 1.40 -5.00 7.32
C LYS A 46 0.15 -4.66 6.52
N TYR A 47 0.00 -5.28 5.36
CA TYR A 47 -1.17 -5.04 4.52
C TYR A 47 -2.43 -5.34 5.29
N ALA A 48 -2.46 -6.48 5.96
CA ALA A 48 -3.63 -6.86 6.75
C ALA A 48 -3.88 -5.85 7.86
N GLU A 49 -2.80 -5.39 8.49
CA GLU A 49 -2.91 -4.41 9.58
C GLU A 49 -3.50 -3.10 9.06
N LEU A 50 -3.02 -2.64 7.92
CA LEU A 50 -3.52 -1.41 7.33
C LEU A 50 -4.99 -1.57 6.94
N ARG A 51 -5.32 -2.73 6.40
CA ARG A 51 -6.69 -2.99 5.99
C ARG A 51 -7.63 -2.88 7.18
N ASP A 52 -7.26 -3.51 8.28
CA ASP A 52 -8.06 -3.46 9.50
C ASP A 52 -8.08 -2.05 10.05
N THR A 53 -6.94 -1.37 9.99
CA THR A 53 -6.85 -0.01 10.50
C THR A 53 -7.80 0.91 9.76
N ILE A 54 -7.82 0.79 8.43
CA ILE A 54 -8.71 1.63 7.62
C ILE A 54 -10.17 1.37 7.96
N ASN A 55 -10.53 0.11 8.07
CA ASN A 55 -11.92 -0.25 8.39
C ASN A 55 -12.33 0.31 9.75
N THR A 56 -11.39 0.29 10.70
CA THR A 56 -11.67 0.80 12.03
C THR A 56 -11.27 2.26 12.15
N SER A 57 -10.72 2.83 11.07
CA SER A 57 -10.29 4.21 11.08
C SER A 57 -11.50 5.14 11.17
N CYS A 58 -11.46 6.05 12.12
CA CYS A 58 -12.54 7.01 12.29
C CYS A 58 -12.06 8.43 11.98
N ASP A 59 -10.79 8.57 11.60
CA ASP A 59 -10.23 9.87 11.28
C ASP A 59 -9.84 9.93 9.81
N ILE A 60 -10.16 11.05 9.16
CA ILE A 60 -9.84 11.23 7.76
C ILE A 60 -8.33 11.25 7.55
N GLU A 61 -7.61 11.81 8.51
CA GLU A 61 -6.16 11.88 8.42
C GLU A 61 -5.55 10.49 8.36
N LEU A 62 -6.04 9.59 9.21
CA LEU A 62 -5.54 8.23 9.23
C LEU A 62 -5.88 7.53 7.91
N LEU A 63 -7.09 7.78 7.41
CA LEU A 63 -7.53 7.15 6.17
C LEU A 63 -6.62 7.57 5.03
N ALA A 64 -6.28 8.85 5.00
CA ALA A 64 -5.40 9.38 3.98
C ALA A 64 -4.00 8.77 4.11
N ALA A 65 -3.58 8.52 5.35
CA ALA A 65 -2.26 7.95 5.60
C ALA A 65 -2.16 6.55 5.01
N CYS A 66 -3.21 5.76 5.20
CA CYS A 66 -3.22 4.41 4.67
C CYS A 66 -3.27 4.42 3.15
N ARG A 67 -4.06 5.35 2.61
CA ARG A 67 -4.17 5.48 1.16
C ARG A 67 -2.83 5.84 0.55
N GLU A 68 -2.12 6.75 1.20
CA GLU A 68 -0.81 7.17 0.72
C GLU A 68 0.17 6.01 0.77
N GLU A 69 0.11 5.23 1.86
CA GLU A 69 1.01 4.09 2.00
C GLU A 69 0.78 3.08 0.89
N PHE A 70 -0.48 2.87 0.54
CA PHE A 70 -0.83 1.93 -0.51
C PHE A 70 -0.30 2.41 -1.85
N HIS A 71 -0.40 3.71 -2.08
CA HIS A 71 0.09 4.26 -3.34
C HIS A 71 1.59 4.02 -3.48
N ARG A 72 2.32 4.26 -2.39
CA ARG A 72 3.78 4.06 -2.41
C ARG A 72 4.12 2.58 -2.56
N ARG A 73 3.38 1.73 -1.87
CA ARG A 73 3.60 0.29 -1.94
C ARG A 73 3.30 -0.23 -3.33
N LEU A 74 2.22 0.26 -3.93
CA LEU A 74 1.83 -0.15 -5.27
C LEU A 74 2.90 0.24 -6.29
N LYS A 75 3.45 1.44 -6.14
CA LYS A 75 4.47 1.91 -7.04
C LYS A 75 5.70 1.01 -6.98
N VAL A 76 6.12 0.68 -5.75
CA VAL A 76 7.29 -0.17 -5.56
C VAL A 76 7.07 -1.53 -6.20
N TYR A 77 5.87 -2.06 -6.02
CA TYR A 77 5.53 -3.36 -6.57
C TYR A 77 5.68 -3.35 -8.09
N HIS A 78 5.13 -2.32 -8.72
CA HIS A 78 5.21 -2.19 -10.17
C HIS A 78 6.66 -2.13 -10.62
N ALA A 79 7.46 -1.32 -9.94
CA ALA A 79 8.87 -1.20 -10.29
C ALA A 79 9.58 -2.54 -10.13
N TRP A 80 9.30 -3.26 -9.04
CA TRP A 80 9.92 -4.55 -8.81
C TRP A 80 9.56 -5.52 -9.92
N LYS A 81 8.28 -5.55 -10.29
CA LYS A 81 7.81 -6.44 -11.34
C LYS A 81 8.47 -6.11 -12.66
N SER A 82 8.63 -4.83 -12.93
CA SER A 82 9.25 -4.39 -14.18
C SER A 82 10.72 -4.83 -14.21
N LYS A 83 11.38 -4.80 -13.05
CA LYS A 83 12.77 -5.20 -12.99
C LYS A 83 12.94 -6.68 -13.29
N ASN A 84 12.10 -7.51 -12.68
CA ASN A 84 12.15 -8.95 -12.89
C ASN A 84 11.64 -9.34 -14.26
N LYS A 85 10.58 -8.65 -14.71
CA LYS A 85 9.99 -8.94 -16.00
C LYS A 85 10.72 -8.21 -17.12
N LYS A 86 10.62 -6.89 -17.11
CA LYS A 86 11.27 -6.07 -18.13
C LYS A 86 12.77 -5.99 -17.85
N ARG A 87 13.57 -6.28 -18.88
CA ARG A 87 15.02 -6.24 -18.74
C ARG A 87 15.68 -6.18 -20.11
N ILE B 9 13.76 -15.51 -2.67
CA ILE B 9 12.61 -15.88 -3.56
C ILE B 9 11.98 -14.60 -4.10
N GLU B 10 11.71 -14.58 -5.41
CA GLU B 10 11.11 -13.42 -6.03
C GLU B 10 9.72 -13.14 -5.46
N ASN B 11 8.95 -14.21 -5.25
CA ASN B 11 7.61 -14.07 -4.72
C ASN B 11 7.67 -13.45 -3.32
N ASP B 12 8.67 -13.85 -2.54
CA ASP B 12 8.83 -13.33 -1.19
C ASP B 12 9.09 -11.82 -1.23
N GLU B 13 9.93 -11.40 -2.18
CA GLU B 13 10.24 -9.98 -2.31
C GLU B 13 8.99 -9.17 -2.62
N ALA B 14 8.16 -9.69 -3.51
CA ALA B 14 6.93 -9.00 -3.89
C ALA B 14 6.01 -8.87 -2.67
N PHE B 15 5.94 -9.95 -1.88
CA PHE B 15 5.10 -9.93 -0.69
C PHE B 15 5.53 -8.84 0.26
N ALA B 16 6.85 -8.72 0.45
CA ALA B 16 7.38 -7.69 1.34
C ALA B 16 7.00 -6.30 0.85
N ILE B 17 7.04 -6.10 -0.45
CA ILE B 17 6.71 -4.81 -1.03
C ILE B 17 5.27 -4.42 -0.68
N LEU B 18 4.37 -5.39 -0.74
CA LEU B 18 2.98 -5.13 -0.44
C LEU B 18 2.60 -5.64 0.95
N ASP B 19 3.57 -5.69 1.85
CA ASP B 19 3.32 -6.16 3.20
C ASP B 19 4.26 -5.47 4.19
N GLY B 20 5.55 -5.70 4.01
CA GLY B 20 6.55 -5.10 4.89
C GLY B 20 6.96 -3.72 4.38
N GLY B 21 6.44 -3.32 3.22
CA GLY B 21 6.77 -2.04 2.62
C GLY B 21 8.20 -2.02 2.15
N ALA B 22 8.77 -3.20 1.96
CA ALA B 22 10.17 -3.30 1.53
C ALA B 22 10.31 -2.95 0.05
N PRO B 23 11.49 -2.58 -0.39
CA PRO B 23 11.74 -2.23 -1.81
C PRO B 23 11.47 -3.40 -2.75
N GLY B 24 11.83 -4.61 -2.31
CA GLY B 24 11.64 -5.81 -3.13
C GLY B 24 12.83 -6.75 -2.99
N ARG A 6 2.89 -14.75 6.45
CA ARG A 6 2.79 -13.87 5.25
C ARG A 6 1.37 -13.93 4.69
N PRO A 7 1.02 -13.02 3.82
CA PRO A 7 -0.33 -12.97 3.19
C PRO A 7 -0.66 -14.24 2.43
N LYS A 8 -1.89 -14.68 2.59
CA LYS A 8 -2.36 -15.88 1.92
C LYS A 8 -2.51 -15.65 0.42
N MET A 9 -2.75 -14.40 0.04
CA MET A 9 -2.92 -14.08 -1.38
C MET A 9 -1.57 -13.77 -2.02
N THR A 10 -1.46 -13.99 -3.33
CA THR A 10 -0.23 -13.71 -4.04
C THR A 10 -0.01 -12.20 -4.16
N PRO A 11 1.20 -11.77 -4.36
CA PRO A 11 1.52 -10.31 -4.49
C PRO A 11 0.58 -9.61 -5.47
N GLU A 12 0.28 -10.27 -6.59
CA GLU A 12 -0.62 -9.70 -7.58
C GLU A 12 -2.02 -9.52 -7.00
N GLN A 13 -2.47 -10.52 -6.25
CA GLN A 13 -3.79 -10.48 -5.64
C GLN A 13 -3.87 -9.36 -4.61
N MET A 14 -2.82 -9.18 -3.83
CA MET A 14 -2.83 -8.13 -2.83
C MET A 14 -2.91 -6.77 -3.49
N ALA A 15 -2.18 -6.61 -4.60
CA ALA A 15 -2.20 -5.33 -5.30
C ALA A 15 -3.60 -5.03 -5.81
N LYS A 16 -4.27 -6.04 -6.34
CA LYS A 16 -5.61 -5.85 -6.86
C LYS A 16 -6.55 -5.41 -5.75
N GLU A 17 -6.41 -6.02 -4.58
CA GLU A 17 -7.27 -5.66 -3.45
C GLU A 17 -7.01 -4.21 -3.04
N MET A 18 -5.74 -3.80 -3.05
CA MET A 18 -5.41 -2.43 -2.67
C MET A 18 -6.08 -1.43 -3.60
N SER A 19 -6.06 -1.72 -4.89
CA SER A 19 -6.68 -0.83 -5.85
C SER A 19 -8.17 -0.70 -5.59
N GLU A 20 -8.82 -1.84 -5.33
CA GLU A 20 -10.25 -1.84 -5.06
C GLU A 20 -10.57 -1.07 -3.79
N PHE A 21 -9.74 -1.24 -2.76
CA PHE A 21 -9.97 -0.55 -1.50
C PHE A 21 -9.76 0.95 -1.67
N LEU A 22 -8.73 1.31 -2.42
CA LEU A 22 -8.44 2.72 -2.65
C LEU A 22 -9.58 3.39 -3.41
N SER A 23 -10.10 2.70 -4.42
CA SER A 23 -11.20 3.23 -5.21
C SER A 23 -12.46 3.40 -4.36
N ARG A 24 -12.77 2.37 -3.58
CA ARG A 24 -13.95 2.41 -2.72
C ARG A 24 -13.83 3.49 -1.65
N GLY A 25 -12.63 3.61 -1.08
CA GLY A 25 -12.40 4.58 -0.04
C GLY A 25 -12.36 6.00 -0.61
N PRO A 26 -12.59 6.99 0.21
CA PRO A 26 -12.57 8.41 -0.23
C PRO A 26 -11.15 8.92 -0.51
N ALA A 27 -11.04 9.86 -1.45
CA ALA A 27 -9.74 10.41 -1.80
C ALA A 27 -9.86 11.91 -2.11
N VAL A 28 -9.73 12.73 -1.08
CA VAL A 28 -9.82 14.17 -1.25
C VAL A 28 -8.61 14.86 -0.62
N LEU A 29 -7.87 15.62 -1.44
CA LEU A 29 -6.70 16.34 -0.96
C LEU A 29 -5.81 15.44 -0.10
N ALA A 30 -5.61 14.23 -0.57
CA ALA A 30 -4.79 13.26 0.14
C ALA A 30 -3.36 13.75 0.25
N THR A 31 -2.90 14.36 -0.82
CA THR A 31 -1.54 14.86 -0.86
C THR A 31 -1.32 15.90 0.22
N LYS A 32 -2.26 16.84 0.35
CA LYS A 32 -2.15 17.88 1.36
C LYS A 32 -2.14 17.28 2.76
N ALA A 33 -2.95 16.25 2.96
CA ALA A 33 -3.04 15.60 4.26
C ALA A 33 -1.67 15.02 4.67
N ALA A 34 -0.98 14.41 3.72
CA ALA A 34 0.33 13.84 3.99
C ALA A 34 1.32 14.93 4.39
N ALA A 35 1.22 16.07 3.72
CA ALA A 35 2.12 17.19 3.97
C ALA A 35 3.58 16.82 3.71
N GLY A 36 3.81 15.66 3.09
CA GLY A 36 5.16 15.22 2.80
C GLY A 36 5.87 14.81 4.08
N THR A 37 5.10 14.55 5.12
CA THR A 37 5.66 14.16 6.40
C THR A 37 5.31 12.72 6.74
N LYS A 38 4.04 12.38 6.61
CA LYS A 38 3.60 11.01 6.90
C LYS A 38 4.05 10.60 8.31
N LYS A 39 3.64 11.37 9.30
CA LYS A 39 4.03 11.10 10.68
C LYS A 39 3.53 9.72 11.10
N TYR A 40 2.33 9.37 10.64
CA TYR A 40 1.75 8.08 10.98
C TYR A 40 2.67 6.96 10.53
N ASP A 41 2.94 6.03 11.44
CA ASP A 41 3.80 4.90 11.13
C ASP A 41 2.97 3.74 10.59
N LEU A 42 2.70 3.77 9.28
CA LEU A 42 1.89 2.72 8.66
C LEU A 42 2.70 2.00 7.58
N SER A 43 3.79 2.62 7.14
CA SER A 43 4.62 2.02 6.10
C SER A 43 5.18 0.68 6.57
N LYS A 44 5.21 0.49 7.89
CA LYS A 44 5.72 -0.75 8.45
C LYS A 44 4.57 -1.69 8.82
N TRP A 45 3.33 -1.24 8.62
CA TRP A 45 2.17 -2.06 8.95
C TRP A 45 1.89 -3.06 7.84
N LYS A 46 1.54 -4.28 8.24
CA LYS A 46 1.24 -5.32 7.27
C LYS A 46 0.02 -4.95 6.46
N TYR A 47 -0.13 -5.60 5.31
CA TYR A 47 -1.27 -5.35 4.45
C TYR A 47 -2.56 -5.61 5.20
N ALA A 48 -2.61 -6.74 5.90
CA ALA A 48 -3.80 -7.08 6.67
C ALA A 48 -4.05 -6.04 7.76
N GLU A 49 -2.97 -5.58 8.39
CA GLU A 49 -3.07 -4.59 9.45
C GLU A 49 -3.65 -3.28 8.93
N LEU A 50 -3.20 -2.85 7.75
CA LEU A 50 -3.69 -1.63 7.16
C LEU A 50 -5.16 -1.75 6.82
N ARG A 51 -5.55 -2.92 6.33
CA ARG A 51 -6.94 -3.15 5.99
C ARG A 51 -7.82 -2.94 7.21
N ASP A 52 -7.44 -3.57 8.32
CA ASP A 52 -8.20 -3.43 9.55
C ASP A 52 -8.16 -1.98 10.02
N THR A 53 -7.01 -1.34 9.86
CA THR A 53 -6.87 0.04 10.29
C THR A 53 -7.85 0.93 9.55
N ILE A 54 -7.98 0.72 8.24
CA ILE A 54 -8.90 1.52 7.44
C ILE A 54 -10.33 1.36 7.92
N ASN A 55 -10.73 0.12 8.14
CA ASN A 55 -12.09 -0.16 8.60
C ASN A 55 -12.35 0.48 9.96
N THR A 56 -11.35 0.45 10.82
CA THR A 56 -11.48 1.03 12.16
C THR A 56 -11.07 2.51 12.16
N SER A 57 -10.62 3.02 11.02
CA SER A 57 -10.19 4.40 10.93
C SER A 57 -11.38 5.34 11.00
N CYS A 58 -11.34 6.24 11.96
CA CYS A 58 -12.40 7.22 12.13
C CYS A 58 -11.89 8.64 11.83
N ASP A 59 -10.59 8.76 11.52
CA ASP A 59 -10.01 10.05 11.22
C ASP A 59 -9.56 10.11 9.76
N ILE A 60 -9.77 11.27 9.13
CA ILE A 60 -9.38 11.44 7.73
C ILE A 60 -7.86 11.45 7.58
N GLU A 61 -7.16 11.88 8.64
CA GLU A 61 -5.71 11.93 8.62
C GLU A 61 -5.12 10.54 8.49
N LEU A 62 -5.67 9.61 9.26
CA LEU A 62 -5.20 8.24 9.20
C LEU A 62 -5.53 7.61 7.85
N LEU A 63 -6.72 7.93 7.35
CA LEU A 63 -7.17 7.39 6.08
C LEU A 63 -6.21 7.82 4.98
N ALA A 64 -5.82 9.09 5.04
CA ALA A 64 -4.88 9.62 4.07
C ALA A 64 -3.53 8.92 4.20
N ALA A 65 -3.12 8.66 5.44
CA ALA A 65 -1.83 8.02 5.68
C ALA A 65 -1.76 6.61 5.08
N CYS A 66 -2.79 5.81 5.33
CA CYS A 66 -2.82 4.45 4.81
C CYS A 66 -3.06 4.47 3.31
N ARG A 67 -3.86 5.43 2.86
CA ARG A 67 -4.16 5.55 1.44
C ARG A 67 -2.88 5.82 0.66
N GLU A 68 -2.09 6.76 1.17
CA GLU A 68 -0.84 7.11 0.52
C GLU A 68 0.11 5.92 0.53
N GLU A 69 0.13 5.19 1.65
CA GLU A 69 1.01 4.04 1.76
C GLU A 69 0.64 3.02 0.69
N PHE A 70 -0.66 2.82 0.49
CA PHE A 70 -1.11 1.86 -0.49
C PHE A 70 -0.62 2.23 -1.88
N HIS A 71 -0.73 3.51 -2.23
CA HIS A 71 -0.27 3.95 -3.54
C HIS A 71 1.24 3.76 -3.69
N ARG A 72 1.97 4.11 -2.64
CA ARG A 72 3.42 3.96 -2.65
C ARG A 72 3.83 2.50 -2.73
N ARG A 73 3.13 1.67 -1.95
CA ARG A 73 3.42 0.24 -1.94
C ARG A 73 3.13 -0.38 -3.30
N LEU A 74 2.01 0.00 -3.91
CA LEU A 74 1.65 -0.52 -5.21
C LEU A 74 2.67 -0.09 -6.26
N LYS A 75 3.13 1.16 -6.15
CA LYS A 75 4.11 1.68 -7.09
C LYS A 75 5.40 0.87 -7.03
N VAL A 76 5.85 0.57 -5.82
CA VAL A 76 7.08 -0.19 -5.63
C VAL A 76 6.92 -1.57 -6.24
N TYR A 77 5.76 -2.17 -6.02
CA TYR A 77 5.47 -3.50 -6.54
C TYR A 77 5.58 -3.49 -8.06
N HIS A 78 4.96 -2.51 -8.69
CA HIS A 78 5.00 -2.41 -10.14
C HIS A 78 6.43 -2.28 -10.63
N ALA A 79 7.20 -1.39 -9.99
CA ALA A 79 8.58 -1.18 -10.37
C ALA A 79 9.38 -2.47 -10.21
N TRP A 80 9.16 -3.17 -9.10
CA TRP A 80 9.85 -4.40 -8.83
C TRP A 80 9.57 -5.41 -9.93
N LYS A 81 8.31 -5.55 -10.30
CA LYS A 81 7.94 -6.49 -11.34
C LYS A 81 8.70 -6.19 -12.62
N SER A 82 8.77 -4.94 -12.98
CA SER A 82 9.49 -4.55 -14.19
C SER A 82 10.95 -4.96 -14.11
N LYS A 83 11.53 -4.83 -12.91
CA LYS A 83 12.92 -5.20 -12.74
C LYS A 83 13.14 -6.67 -13.09
N ASN A 84 12.20 -7.52 -12.66
CA ASN A 84 12.32 -8.95 -12.96
C ASN A 84 11.41 -9.38 -14.12
N LYS A 85 10.81 -8.41 -14.81
CA LYS A 85 9.94 -8.72 -15.94
C LYS A 85 10.36 -7.94 -17.18
N LYS A 86 10.28 -6.62 -17.08
CA LYS A 86 10.65 -5.76 -18.20
C LYS A 86 12.15 -5.82 -18.43
N ARG A 87 12.54 -6.04 -19.68
CA ARG A 87 13.96 -6.11 -20.02
C ARG A 87 14.25 -5.28 -21.27
N ILE B 9 14.20 -15.02 -2.63
CA ILE B 9 13.13 -15.46 -3.56
C ILE B 9 12.41 -14.24 -4.11
N GLU B 10 12.11 -14.27 -5.41
CA GLU B 10 11.42 -13.16 -6.06
C GLU B 10 10.04 -12.98 -5.46
N ASN B 11 9.34 -14.09 -5.24
CA ASN B 11 8.00 -14.02 -4.67
C ASN B 11 8.04 -13.40 -3.29
N ASP B 12 9.07 -13.76 -2.52
CA ASP B 12 9.21 -13.23 -1.18
C ASP B 12 9.40 -11.72 -1.21
N GLU B 13 10.19 -11.25 -2.18
CA GLU B 13 10.45 -9.82 -2.30
C GLU B 13 9.16 -9.06 -2.60
N ALA B 14 8.35 -9.63 -3.50
CA ALA B 14 7.08 -9.00 -3.85
C ALA B 14 6.17 -8.94 -2.63
N PHE B 15 6.17 -9.99 -1.82
CA PHE B 15 5.33 -10.04 -0.63
C PHE B 15 5.72 -8.92 0.32
N ALA B 16 7.02 -8.72 0.51
CA ALA B 16 7.50 -7.66 1.41
C ALA B 16 7.06 -6.30 0.91
N ILE B 17 7.11 -6.11 -0.39
CA ILE B 17 6.70 -4.84 -0.98
C ILE B 17 5.24 -4.55 -0.66
N LEU B 18 4.40 -5.58 -0.77
CA LEU B 18 2.97 -5.42 -0.52
C LEU B 18 2.59 -5.89 0.89
N ASP B 19 3.54 -5.94 1.80
CA ASP B 19 3.26 -6.35 3.17
C ASP B 19 4.11 -5.56 4.16
N GLY B 20 5.42 -5.71 4.04
CA GLY B 20 6.33 -4.99 4.92
C GLY B 20 6.65 -3.60 4.38
N GLY B 21 6.17 -3.30 3.18
CA GLY B 21 6.41 -1.99 2.58
C GLY B 21 7.88 -1.86 2.19
N ALA B 22 8.56 -3.00 2.04
CA ALA B 22 9.98 -2.99 1.69
C ALA B 22 10.17 -2.58 0.23
N PRO B 23 11.30 -1.99 -0.10
CA PRO B 23 11.59 -1.58 -1.49
C PRO B 23 12.17 -2.73 -2.31
N GLY B 24 11.46 -3.85 -2.32
CA GLY B 24 11.91 -5.03 -3.07
C GLY B 24 12.26 -4.65 -4.50
N ARG A 6 0.57 -10.09 6.00
CA ARG A 6 0.92 -11.36 5.30
C ARG A 6 -0.36 -11.94 4.68
N PRO A 7 -0.80 -11.39 3.58
CA PRO A 7 -2.02 -11.86 2.87
C PRO A 7 -1.80 -13.22 2.22
N LYS A 8 -2.87 -13.99 2.13
CA LYS A 8 -2.80 -15.32 1.52
C LYS A 8 -2.97 -15.23 0.01
N MET A 9 -3.14 -14.01 -0.50
CA MET A 9 -3.33 -13.81 -1.93
C MET A 9 -1.98 -13.54 -2.60
N THR A 10 -1.94 -13.76 -3.91
CA THR A 10 -0.71 -13.54 -4.66
C THR A 10 -0.38 -12.05 -4.73
N PRO A 11 0.85 -11.71 -5.03
CA PRO A 11 1.29 -10.29 -5.11
C PRO A 11 0.40 -9.47 -6.06
N GLU A 12 0.03 -10.07 -7.17
CA GLU A 12 -0.83 -9.40 -8.14
C GLU A 12 -2.22 -9.16 -7.55
N GLN A 13 -2.73 -10.17 -6.86
CA GLN A 13 -4.04 -10.05 -6.24
C GLN A 13 -4.05 -8.98 -5.15
N MET A 14 -2.96 -8.92 -4.37
CA MET A 14 -2.86 -7.94 -3.31
C MET A 14 -2.88 -6.54 -3.90
N ALA A 15 -2.17 -6.37 -5.01
CA ALA A 15 -2.11 -5.06 -5.66
C ALA A 15 -3.50 -4.65 -6.15
N LYS A 16 -4.23 -5.61 -6.70
CA LYS A 16 -5.57 -5.33 -7.21
C LYS A 16 -6.48 -4.86 -6.08
N GLU A 17 -6.36 -5.49 -4.92
CA GLU A 17 -7.19 -5.10 -3.78
C GLU A 17 -6.88 -3.66 -3.36
N MET A 18 -5.60 -3.32 -3.35
CA MET A 18 -5.20 -1.97 -2.96
C MET A 18 -5.75 -0.95 -3.95
N SER A 19 -5.72 -1.30 -5.23
CA SER A 19 -6.21 -0.41 -6.27
C SER A 19 -7.72 -0.17 -6.09
N GLU A 20 -8.44 -1.22 -5.74
CA GLU A 20 -9.87 -1.11 -5.54
C GLU A 20 -10.18 -0.11 -4.42
N PHE A 21 -9.42 -0.19 -3.33
CA PHE A 21 -9.63 0.72 -2.21
C PHE A 21 -9.32 2.16 -2.62
N LEU A 22 -8.26 2.33 -3.40
CA LEU A 22 -7.86 3.65 -3.85
C LEU A 22 -8.93 4.25 -4.77
N SER A 23 -9.49 3.40 -5.63
CA SER A 23 -10.53 3.85 -6.56
C SER A 23 -11.74 4.36 -5.79
N ARG A 24 -12.12 3.62 -4.75
CA ARG A 24 -13.26 4.00 -3.94
C ARG A 24 -13.03 5.37 -3.29
N GLY A 25 -11.81 5.60 -2.83
CA GLY A 25 -11.47 6.86 -2.19
C GLY A 25 -11.30 7.97 -3.24
N PRO A 26 -11.01 9.16 -2.80
CA PRO A 26 -10.82 10.34 -3.70
C PRO A 26 -9.72 10.10 -4.73
N ALA A 27 -9.95 10.56 -5.95
CA ALA A 27 -8.97 10.41 -7.02
C ALA A 27 -8.02 11.61 -7.07
N VAL A 28 -8.33 12.64 -6.28
CA VAL A 28 -7.49 13.83 -6.25
C VAL A 28 -7.15 14.18 -4.81
N LEU A 29 -5.89 13.98 -4.46
CA LEU A 29 -5.43 14.28 -3.11
C LEU A 29 -5.55 15.78 -2.83
N ALA A 30 -5.27 16.59 -3.84
CA ALA A 30 -5.35 18.04 -3.69
C ALA A 30 -4.31 18.54 -2.70
N THR A 31 -3.14 17.91 -2.70
CA THR A 31 -2.06 18.30 -1.81
C THR A 31 -0.71 17.93 -2.40
N LYS A 32 0.35 18.33 -1.71
CA LYS A 32 1.70 18.03 -2.18
C LYS A 32 1.94 16.53 -2.22
N ALA A 33 1.43 15.82 -1.21
CA ALA A 33 1.58 14.38 -1.13
C ALA A 33 3.04 13.99 -1.32
N ALA A 34 3.95 14.90 -0.96
CA ALA A 34 5.38 14.64 -1.10
C ALA A 34 5.78 13.44 -0.24
N ALA A 35 5.25 13.38 0.97
CA ALA A 35 5.56 12.28 1.87
C ALA A 35 4.58 12.24 3.04
N GLY A 36 3.83 11.15 3.14
CA GLY A 36 2.86 11.00 4.22
C GLY A 36 3.32 9.93 5.21
N THR A 37 4.26 9.10 4.80
CA THR A 37 4.77 8.05 5.67
C THR A 37 5.63 8.64 6.78
N LYS A 38 6.14 9.85 6.55
CA LYS A 38 6.99 10.51 7.53
C LYS A 38 6.21 10.81 8.81
N LYS A 39 4.97 11.28 8.63
CA LYS A 39 4.13 11.61 9.78
C LYS A 39 3.33 10.40 10.23
N TYR A 40 2.97 9.54 9.28
CA TYR A 40 2.20 8.35 9.61
C TYR A 40 3.04 7.09 9.40
N ASP A 41 3.07 6.23 10.41
CA ASP A 41 3.84 4.98 10.32
C ASP A 41 2.96 3.87 9.77
N LEU A 42 3.06 3.62 8.47
CA LEU A 42 2.25 2.58 7.83
C LEU A 42 3.15 1.64 7.02
N SER A 43 4.33 2.11 6.66
CA SER A 43 5.27 1.30 5.89
C SER A 43 5.61 0.03 6.66
N LYS A 44 5.57 0.12 7.97
CA LYS A 44 5.89 -1.04 8.81
C LYS A 44 4.64 -1.83 9.16
N TRP A 45 3.51 -1.41 8.61
CA TRP A 45 2.24 -2.08 8.87
C TRP A 45 1.92 -3.10 7.79
N LYS A 46 1.54 -4.29 8.21
CA LYS A 46 1.20 -5.35 7.27
C LYS A 46 -0.04 -4.99 6.45
N TYR A 47 -0.23 -5.65 5.32
CA TYR A 47 -1.37 -5.39 4.47
C TYR A 47 -2.66 -5.59 5.27
N ALA A 48 -2.73 -6.68 6.01
CA ALA A 48 -3.91 -6.96 6.82
C ALA A 48 -4.09 -5.89 7.89
N GLU A 49 -2.98 -5.46 8.48
CA GLU A 49 -3.02 -4.44 9.53
C GLU A 49 -3.56 -3.13 8.97
N LEU A 50 -3.12 -2.75 7.78
CA LEU A 50 -3.58 -1.53 7.15
C LEU A 50 -5.08 -1.62 6.88
N ARG A 51 -5.53 -2.79 6.45
CA ARG A 51 -6.95 -2.99 6.18
C ARG A 51 -7.77 -2.74 7.44
N ASP A 52 -7.35 -3.35 8.54
CA ASP A 52 -8.04 -3.18 9.81
C ASP A 52 -7.95 -1.72 10.26
N THR A 53 -6.79 -1.10 10.04
CA THR A 53 -6.60 0.29 10.43
C THR A 53 -7.59 1.20 9.69
N ILE A 54 -7.72 1.00 8.39
CA ILE A 54 -8.62 1.81 7.59
C ILE A 54 -10.08 1.61 8.03
N ASN A 55 -10.48 0.35 8.16
CA ASN A 55 -11.84 0.03 8.57
C ASN A 55 -12.12 0.55 9.98
N THR A 56 -11.13 0.46 10.85
CA THR A 56 -11.29 0.92 12.23
C THR A 56 -10.89 2.39 12.36
N SER A 57 -10.45 3.00 11.26
CA SER A 57 -10.05 4.39 11.27
C SER A 57 -11.23 5.28 11.66
N CYS A 58 -10.95 6.27 12.49
CA CYS A 58 -11.99 7.20 12.93
C CYS A 58 -11.63 8.64 12.55
N ASP A 59 -10.69 8.78 11.61
CA ASP A 59 -10.27 10.10 11.18
C ASP A 59 -9.87 10.07 9.70
N ILE A 60 -10.07 11.19 9.02
CA ILE A 60 -9.72 11.29 7.61
C ILE A 60 -8.21 11.29 7.43
N GLU A 61 -7.49 11.78 8.44
CA GLU A 61 -6.05 11.84 8.36
C GLU A 61 -5.46 10.44 8.25
N LEU A 62 -5.93 9.53 9.10
CA LEU A 62 -5.44 8.16 9.08
C LEU A 62 -5.85 7.49 7.77
N LEU A 63 -7.09 7.75 7.33
CA LEU A 63 -7.59 7.15 6.10
C LEU A 63 -6.72 7.57 4.92
N ALA A 64 -6.38 8.86 4.88
CA ALA A 64 -5.54 9.39 3.83
C ALA A 64 -4.15 8.76 3.90
N ALA A 65 -3.68 8.53 5.13
CA ALA A 65 -2.36 7.96 5.33
C ALA A 65 -2.27 6.56 4.74
N CYS A 66 -3.31 5.76 4.99
CA CYS A 66 -3.36 4.40 4.47
C CYS A 66 -3.43 4.41 2.96
N ARG A 67 -4.22 5.35 2.42
CA ARG A 67 -4.37 5.47 0.98
C ARG A 67 -3.03 5.79 0.34
N GLU A 68 -2.28 6.69 0.98
CA GLU A 68 -0.96 7.07 0.48
C GLU A 68 0.00 5.89 0.58
N GLU A 69 -0.09 5.14 1.67
CA GLU A 69 0.78 3.99 1.86
C GLU A 69 0.52 2.96 0.78
N PHE A 70 -0.74 2.75 0.45
CA PHE A 70 -1.11 1.79 -0.57
C PHE A 70 -0.55 2.21 -1.93
N HIS A 71 -0.69 3.48 -2.26
CA HIS A 71 -0.18 3.98 -3.53
C HIS A 71 1.33 3.80 -3.63
N ARG A 72 2.03 4.18 -2.57
CA ARG A 72 3.48 4.06 -2.56
C ARG A 72 3.90 2.60 -2.66
N ARG A 73 3.22 1.74 -1.91
CA ARG A 73 3.52 0.32 -1.95
C ARG A 73 3.24 -0.26 -3.33
N LEU A 74 2.14 0.16 -3.93
CA LEU A 74 1.78 -0.32 -5.26
C LEU A 74 2.82 0.11 -6.29
N LYS A 75 3.30 1.35 -6.16
CA LYS A 75 4.29 1.86 -7.09
C LYS A 75 5.56 1.03 -7.02
N VAL A 76 6.02 0.73 -5.80
CA VAL A 76 7.23 -0.06 -5.62
C VAL A 76 7.04 -1.45 -6.22
N TYR A 77 5.86 -2.01 -6.03
CA TYR A 77 5.55 -3.33 -6.56
C TYR A 77 5.72 -3.34 -8.08
N HIS A 78 5.16 -2.34 -8.74
CA HIS A 78 5.25 -2.25 -10.19
C HIS A 78 6.71 -2.13 -10.61
N ALA A 79 7.47 -1.31 -9.88
CA ALA A 79 8.88 -1.13 -10.19
C ALA A 79 9.63 -2.46 -10.04
N TRP A 80 9.33 -3.21 -8.97
CA TRP A 80 9.97 -4.48 -8.73
C TRP A 80 9.67 -5.44 -9.87
N LYS A 81 8.41 -5.49 -10.27
CA LYS A 81 8.00 -6.36 -11.36
C LYS A 81 8.68 -5.97 -12.65
N SER A 82 8.84 -4.67 -12.86
CA SER A 82 9.49 -4.17 -14.06
C SER A 82 10.94 -4.65 -14.11
N LYS A 83 11.60 -4.64 -12.96
CA LYS A 83 13.00 -5.07 -12.89
C LYS A 83 13.13 -6.56 -13.21
N ASN A 84 12.28 -7.37 -12.57
CA ASN A 84 12.32 -8.82 -12.79
C ASN A 84 11.83 -9.18 -14.19
N LYS A 85 10.79 -8.50 -14.63
CA LYS A 85 10.21 -8.74 -15.95
C LYS A 85 11.15 -8.25 -17.04
N LYS A 86 11.73 -7.09 -16.79
CA LYS A 86 12.66 -6.49 -17.76
C LYS A 86 13.95 -6.03 -17.07
N ARG A 87 15.09 -6.30 -17.71
CA ARG A 87 16.37 -5.92 -17.15
C ARG A 87 17.20 -5.15 -18.18
N ILE B 9 11.72 -16.79 -3.26
CA ILE B 9 12.73 -15.70 -3.33
C ILE B 9 12.08 -14.46 -3.95
N GLU B 10 11.84 -14.52 -5.25
CA GLU B 10 11.22 -13.39 -5.94
C GLU B 10 9.82 -13.12 -5.40
N ASN B 11 9.06 -14.18 -5.18
CA ASN B 11 7.70 -14.04 -4.67
C ASN B 11 7.73 -13.39 -3.30
N ASP B 12 8.71 -13.78 -2.48
CA ASP B 12 8.82 -13.22 -1.14
C ASP B 12 9.08 -11.72 -1.20
N GLU B 13 9.93 -11.31 -2.13
CA GLU B 13 10.26 -9.90 -2.28
C GLU B 13 9.01 -9.09 -2.63
N ALA B 14 8.19 -9.65 -3.53
CA ALA B 14 6.96 -8.96 -3.94
C ALA B 14 6.02 -8.81 -2.75
N PHE B 15 5.92 -9.86 -1.94
CA PHE B 15 5.06 -9.81 -0.77
C PHE B 15 5.53 -8.74 0.20
N ALA B 16 6.84 -8.66 0.42
CA ALA B 16 7.39 -7.66 1.32
C ALA B 16 7.02 -6.25 0.86
N ILE B 17 7.10 -6.04 -0.45
CA ILE B 17 6.77 -4.74 -1.01
C ILE B 17 5.32 -4.37 -0.70
N LEU B 18 4.44 -5.34 -0.81
CA LEU B 18 3.03 -5.12 -0.56
C LEU B 18 2.61 -5.63 0.82
N ASP B 19 3.55 -5.66 1.74
CA ASP B 19 3.26 -6.12 3.10
C ASP B 19 4.16 -5.44 4.11
N GLY B 20 5.45 -5.66 3.98
CA GLY B 20 6.42 -5.05 4.89
C GLY B 20 6.85 -3.66 4.39
N GLY B 21 6.34 -3.27 3.22
CA GLY B 21 6.68 -1.97 2.65
C GLY B 21 8.13 -1.95 2.20
N ALA B 22 8.71 -3.12 1.99
CA ALA B 22 10.10 -3.20 1.57
C ALA B 22 10.27 -2.75 0.12
N PRO B 23 11.44 -2.35 -0.27
CA PRO B 23 11.72 -1.90 -1.65
C PRO B 23 11.71 -3.05 -2.66
N GLY B 24 11.90 -4.26 -2.15
CA GLY B 24 11.92 -5.45 -3.01
C GLY B 24 13.03 -6.40 -2.59
N ARG A 6 2.62 -12.16 6.23
CA ARG A 6 2.55 -13.40 5.41
C ARG A 6 1.11 -13.63 4.97
N PRO A 7 0.60 -12.78 4.12
CA PRO A 7 -0.79 -12.87 3.61
C PRO A 7 -0.98 -14.07 2.68
N LYS A 8 -2.14 -14.69 2.76
CA LYS A 8 -2.44 -15.85 1.92
C LYS A 8 -2.60 -15.44 0.47
N MET A 9 -2.97 -14.18 0.26
CA MET A 9 -3.17 -13.67 -1.10
C MET A 9 -1.82 -13.44 -1.78
N THR A 10 -1.78 -13.70 -3.08
CA THR A 10 -0.54 -13.52 -3.85
C THR A 10 -0.25 -12.04 -4.04
N PRO A 11 0.97 -11.70 -4.35
CA PRO A 11 1.39 -10.28 -4.56
C PRO A 11 0.46 -9.56 -5.55
N GLU A 12 0.12 -10.23 -6.63
CA GLU A 12 -0.77 -9.64 -7.64
C GLU A 12 -2.17 -9.44 -7.06
N GLN A 13 -2.64 -10.43 -6.29
CA GLN A 13 -3.96 -10.35 -5.69
C GLN A 13 -4.03 -9.20 -4.70
N MET A 14 -2.96 -9.03 -3.92
CA MET A 14 -2.92 -7.96 -2.94
C MET A 14 -2.98 -6.60 -3.62
N ALA A 15 -2.26 -6.48 -4.73
CA ALA A 15 -2.24 -5.22 -5.47
C ALA A 15 -3.63 -4.89 -6.00
N LYS A 16 -4.33 -5.92 -6.49
CA LYS A 16 -5.66 -5.73 -7.02
C LYS A 16 -6.62 -5.23 -5.95
N GLU A 17 -6.52 -5.82 -4.76
CA GLU A 17 -7.38 -5.41 -3.65
C GLU A 17 -7.10 -3.96 -3.26
N MET A 18 -5.82 -3.58 -3.24
CA MET A 18 -5.46 -2.22 -2.89
C MET A 18 -6.05 -1.22 -3.88
N SER A 19 -5.98 -1.57 -5.16
CA SER A 19 -6.51 -0.71 -6.21
C SER A 19 -8.02 -0.53 -6.04
N GLU A 20 -8.71 -1.63 -5.70
CA GLU A 20 -10.15 -1.58 -5.52
C GLU A 20 -10.52 -0.62 -4.40
N PHE A 21 -9.78 -0.68 -3.29
CA PHE A 21 -10.04 0.19 -2.16
C PHE A 21 -9.77 1.64 -2.52
N LEU A 22 -8.68 1.87 -3.26
CA LEU A 22 -8.31 3.22 -3.67
C LEU A 22 -9.35 3.79 -4.63
N SER A 23 -9.85 2.94 -5.52
CA SER A 23 -10.85 3.38 -6.48
C SER A 23 -12.12 3.83 -5.77
N ARG A 24 -12.55 3.05 -4.78
CA ARG A 24 -13.75 3.39 -4.04
C ARG A 24 -13.59 4.72 -3.32
N GLY A 25 -12.42 4.93 -2.74
CA GLY A 25 -12.15 6.18 -2.03
C GLY A 25 -11.65 7.25 -2.98
N PRO A 26 -11.58 8.48 -2.52
CA PRO A 26 -11.11 9.63 -3.34
C PRO A 26 -9.60 9.57 -3.60
N ALA A 27 -9.19 10.07 -4.75
CA ALA A 27 -7.77 10.06 -5.11
C ALA A 27 -7.55 10.75 -6.46
N VAL A 28 -8.44 11.67 -6.80
CA VAL A 28 -8.33 12.40 -8.06
C VAL A 28 -7.04 13.18 -8.13
N LEU A 29 -6.72 13.88 -7.04
CA LEU A 29 -5.49 14.66 -6.98
C LEU A 29 -4.27 13.77 -7.10
N ALA A 30 -4.32 12.61 -6.47
CA ALA A 30 -3.21 11.67 -6.53
C ALA A 30 -1.92 12.33 -6.05
N THR A 31 -2.06 13.34 -5.19
CA THR A 31 -0.89 14.04 -4.66
C THR A 31 -0.94 14.09 -3.14
N LYS A 32 -2.09 14.47 -2.60
CA LYS A 32 -2.25 14.55 -1.15
C LYS A 32 -1.19 15.44 -0.54
N ALA A 33 -0.74 16.43 -1.31
CA ALA A 33 0.28 17.35 -0.84
C ALA A 33 1.48 16.59 -0.28
N ALA A 34 1.66 15.35 -0.73
CA ALA A 34 2.77 14.52 -0.26
C ALA A 34 2.90 14.60 1.26
N ALA A 35 1.76 14.65 1.94
CA ALA A 35 1.75 14.73 3.40
C ALA A 35 0.52 14.04 3.97
N GLY A 36 0.54 13.80 5.27
CA GLY A 36 -0.57 13.13 5.94
C GLY A 36 -0.25 11.65 6.19
N THR A 37 0.76 11.13 5.50
CA THR A 37 1.15 9.74 5.67
C THR A 37 2.50 9.66 6.37
N LYS A 38 3.33 10.67 6.17
CA LYS A 38 4.65 10.69 6.79
C LYS A 38 4.54 10.71 8.31
N LYS A 39 3.57 11.46 8.82
CA LYS A 39 3.37 11.56 10.25
C LYS A 39 2.95 10.21 10.83
N TYR A 40 2.43 9.33 9.98
CA TYR A 40 2.00 8.01 10.43
C TYR A 40 2.96 6.94 9.92
N ASP A 41 3.39 6.07 10.83
CA ASP A 41 4.30 4.99 10.46
C ASP A 41 3.50 3.76 10.03
N LEU A 42 2.98 3.80 8.81
CA LEU A 42 2.20 2.69 8.29
C LEU A 42 2.99 1.90 7.25
N SER A 43 4.16 2.43 6.87
CA SER A 43 5.00 1.76 5.89
C SER A 43 5.48 0.42 6.42
N LYS A 44 5.37 0.23 7.73
CA LYS A 44 5.79 -1.02 8.35
C LYS A 44 4.58 -1.91 8.65
N TRP A 45 3.39 -1.33 8.56
CA TRP A 45 2.18 -2.08 8.84
C TRP A 45 1.87 -3.05 7.72
N LYS A 46 1.49 -4.27 8.08
CA LYS A 46 1.17 -5.29 7.08
C LYS A 46 -0.08 -4.89 6.29
N TYR A 47 -0.24 -5.49 5.12
CA TYR A 47 -1.39 -5.20 4.28
C TYR A 47 -2.68 -5.45 5.04
N ALA A 48 -2.75 -6.61 5.69
CA ALA A 48 -3.94 -6.96 6.47
C ALA A 48 -4.15 -5.97 7.62
N GLU A 49 -3.05 -5.57 8.26
CA GLU A 49 -3.12 -4.63 9.37
C GLU A 49 -3.66 -3.29 8.90
N LEU A 50 -3.19 -2.83 7.74
CA LEU A 50 -3.66 -1.57 7.19
C LEU A 50 -5.15 -1.64 6.87
N ARG A 51 -5.58 -2.78 6.34
CA ARG A 51 -6.98 -2.96 6.01
C ARG A 51 -7.85 -2.79 7.26
N ASP A 52 -7.46 -3.45 8.34
CA ASP A 52 -8.19 -3.35 9.59
C ASP A 52 -8.12 -1.93 10.13
N THR A 53 -6.95 -1.29 9.98
CA THR A 53 -6.77 0.06 10.47
C THR A 53 -7.72 1.01 9.76
N ILE A 54 -7.83 0.87 8.45
CA ILE A 54 -8.72 1.75 7.68
C ILE A 54 -10.17 1.59 8.14
N ASN A 55 -10.61 0.36 8.30
CA ASN A 55 -11.98 0.09 8.73
C ASN A 55 -12.22 0.64 10.14
N THR A 56 -11.22 0.54 10.98
CA THR A 56 -11.32 1.04 12.35
C THR A 56 -10.87 2.49 12.45
N SER A 57 -10.43 3.06 11.33
CA SER A 57 -9.96 4.43 11.31
C SER A 57 -11.13 5.39 11.46
N CYS A 58 -11.04 6.27 12.45
CA CYS A 58 -12.09 7.25 12.69
C CYS A 58 -11.61 8.65 12.29
N ASP A 59 -10.35 8.76 11.88
CA ASP A 59 -9.78 10.03 11.48
C ASP A 59 -9.46 10.04 9.99
N ILE A 60 -9.70 11.16 9.34
CA ILE A 60 -9.42 11.29 7.92
C ILE A 60 -7.92 11.30 7.67
N GLU A 61 -7.16 11.76 8.66
CA GLU A 61 -5.71 11.82 8.54
C GLU A 61 -5.12 10.43 8.38
N LEU A 62 -5.56 9.51 9.23
CA LEU A 62 -5.09 8.14 9.17
C LEU A 62 -5.53 7.49 7.86
N LEU A 63 -6.77 7.77 7.45
CA LEU A 63 -7.31 7.19 6.23
C LEU A 63 -6.46 7.63 5.04
N ALA A 64 -6.08 8.89 5.03
CA ALA A 64 -5.24 9.43 3.96
C ALA A 64 -3.87 8.76 3.98
N ALA A 65 -3.37 8.48 5.19
CA ALA A 65 -2.06 7.85 5.34
C ALA A 65 -2.06 6.46 4.72
N CYS A 66 -3.12 5.71 4.99
CA CYS A 66 -3.23 4.35 4.44
C CYS A 66 -3.37 4.40 2.92
N ARG A 67 -4.14 5.38 2.44
CA ARG A 67 -4.33 5.53 1.00
C ARG A 67 -3.01 5.83 0.31
N GLU A 68 -2.23 6.72 0.93
CA GLU A 68 -0.93 7.09 0.38
C GLU A 68 0.02 5.90 0.45
N GLU A 69 -0.03 5.16 1.57
CA GLU A 69 0.83 4.00 1.73
C GLU A 69 0.54 2.95 0.68
N PHE A 70 -0.75 2.76 0.40
CA PHE A 70 -1.15 1.78 -0.60
C PHE A 70 -0.64 2.16 -1.97
N HIS A 71 -0.77 3.43 -2.33
CA HIS A 71 -0.32 3.90 -3.63
C HIS A 71 1.19 3.71 -3.76
N ARG A 72 1.93 4.13 -2.73
CA ARG A 72 3.39 4.00 -2.75
C ARG A 72 3.80 2.54 -2.83
N ARG A 73 3.14 1.70 -2.03
CA ARG A 73 3.43 0.28 -2.01
C ARG A 73 3.14 -0.34 -3.37
N LEU A 74 2.02 0.05 -3.97
CA LEU A 74 1.64 -0.47 -5.28
C LEU A 74 2.67 -0.07 -6.33
N LYS A 75 3.16 1.17 -6.25
CA LYS A 75 4.14 1.65 -7.21
C LYS A 75 5.41 0.81 -7.13
N VAL A 76 5.86 0.54 -5.91
CA VAL A 76 7.06 -0.26 -5.71
C VAL A 76 6.85 -1.66 -6.28
N TYR A 77 5.67 -2.21 -6.06
CA TYR A 77 5.37 -3.55 -6.57
C TYR A 77 5.50 -3.60 -8.09
N HIS A 78 4.90 -2.62 -8.75
CA HIS A 78 4.95 -2.55 -10.21
C HIS A 78 6.40 -2.41 -10.68
N ALA A 79 7.11 -1.47 -10.08
CA ALA A 79 8.51 -1.24 -10.43
C ALA A 79 9.35 -2.50 -10.17
N TRP A 80 9.04 -3.22 -9.09
CA TRP A 80 9.76 -4.41 -8.75
C TRP A 80 9.68 -5.42 -9.88
N LYS A 81 8.48 -5.64 -10.39
CA LYS A 81 8.29 -6.57 -11.50
C LYS A 81 9.03 -6.10 -12.73
N SER A 82 9.02 -4.81 -12.96
CA SER A 82 9.71 -4.24 -14.12
C SER A 82 11.20 -4.55 -14.04
N LYS A 83 11.76 -4.45 -12.84
CA LYS A 83 13.19 -4.73 -12.65
C LYS A 83 13.50 -6.20 -12.93
N ASN A 84 12.72 -7.10 -12.35
CA ASN A 84 12.94 -8.53 -12.56
C ASN A 84 12.66 -8.93 -14.00
N LYS A 85 11.60 -8.35 -14.57
CA LYS A 85 11.23 -8.65 -15.95
C LYS A 85 12.23 -8.07 -16.91
N LYS A 86 12.72 -6.89 -16.58
CA LYS A 86 13.71 -6.22 -17.43
C LYS A 86 15.11 -6.73 -17.13
N ARG A 87 15.77 -7.27 -18.14
CA ARG A 87 17.12 -7.79 -17.98
C ARG A 87 18.08 -7.12 -18.95
N ILE B 9 13.95 -15.09 -2.37
CA ILE B 9 12.94 -15.54 -3.37
C ILE B 9 12.23 -14.32 -3.96
N GLU B 10 11.93 -14.38 -5.25
CA GLU B 10 11.26 -13.27 -5.92
C GLU B 10 9.88 -13.04 -5.32
N ASN B 11 9.17 -14.13 -5.05
CA ASN B 11 7.84 -14.02 -4.47
C ASN B 11 7.91 -13.37 -3.09
N ASP B 12 8.94 -13.72 -2.33
CA ASP B 12 9.10 -13.17 -0.99
C ASP B 12 9.30 -11.66 -1.06
N GLU B 13 10.11 -11.22 -2.02
CA GLU B 13 10.38 -9.79 -2.19
C GLU B 13 9.09 -9.04 -2.52
N ALA B 14 8.28 -9.63 -3.40
CA ALA B 14 7.02 -9.01 -3.80
C ALA B 14 6.07 -8.91 -2.61
N PHE B 15 6.06 -9.95 -1.79
CA PHE B 15 5.19 -9.98 -0.61
C PHE B 15 5.55 -8.84 0.34
N ALA B 16 6.85 -8.66 0.58
CA ALA B 16 7.31 -7.61 1.47
C ALA B 16 6.89 -6.24 0.94
N ILE B 17 6.98 -6.07 -0.38
CA ILE B 17 6.59 -4.80 -0.99
C ILE B 17 5.12 -4.49 -0.71
N LEU B 18 4.28 -5.51 -0.79
CA LEU B 18 2.85 -5.34 -0.58
C LEU B 18 2.44 -5.80 0.81
N ASP B 19 3.38 -5.76 1.75
CA ASP B 19 3.09 -6.16 3.12
C ASP B 19 3.98 -5.42 4.11
N GLY B 20 5.27 -5.66 4.02
CA GLY B 20 6.22 -4.99 4.90
C GLY B 20 6.57 -3.59 4.39
N GLY B 21 6.07 -3.24 3.21
CA GLY B 21 6.34 -1.94 2.63
C GLY B 21 7.79 -1.83 2.19
N ALA B 22 8.45 -2.97 2.01
CA ALA B 22 9.85 -2.99 1.61
C ALA B 22 10.00 -2.61 0.14
N PRO B 23 11.16 -2.16 -0.25
CA PRO B 23 11.45 -1.77 -1.66
C PRO B 23 11.53 -2.97 -2.59
N GLY B 24 11.84 -4.13 -2.02
CA GLY B 24 11.96 -5.35 -2.80
C GLY B 24 13.41 -5.57 -3.24
N ARG A 6 3.22 -11.80 6.43
CA ARG A 6 3.33 -12.83 5.36
C ARG A 6 1.93 -13.37 5.02
N PRO A 7 1.14 -12.57 4.34
CA PRO A 7 -0.24 -12.95 3.95
C PRO A 7 -0.25 -14.04 2.87
N LYS A 8 -1.28 -14.86 2.90
CA LYS A 8 -1.42 -15.94 1.94
C LYS A 8 -1.71 -15.39 0.54
N MET A 9 -2.33 -14.21 0.49
CA MET A 9 -2.66 -13.61 -0.79
C MET A 9 -1.41 -13.38 -1.62
N THR A 10 -1.49 -13.69 -2.91
CA THR A 10 -0.35 -13.51 -3.80
C THR A 10 -0.09 -12.03 -4.02
N PRO A 11 1.09 -11.67 -4.48
CA PRO A 11 1.44 -10.25 -4.73
C PRO A 11 0.40 -9.55 -5.58
N GLU A 12 -0.08 -10.24 -6.62
CA GLU A 12 -1.09 -9.67 -7.50
C GLU A 12 -2.41 -9.48 -6.76
N GLN A 13 -2.76 -10.44 -5.92
CA GLN A 13 -4.01 -10.37 -5.16
C GLN A 13 -3.97 -9.20 -4.19
N MET A 14 -2.83 -9.03 -3.52
CA MET A 14 -2.69 -7.93 -2.58
C MET A 14 -2.78 -6.60 -3.31
N ALA A 15 -2.18 -6.53 -4.49
CA ALA A 15 -2.21 -5.31 -5.28
C ALA A 15 -3.64 -4.95 -5.67
N LYS A 16 -4.42 -5.97 -6.05
CA LYS A 16 -5.80 -5.74 -6.44
C LYS A 16 -6.60 -5.14 -5.30
N GLU A 17 -6.40 -5.67 -4.10
CA GLU A 17 -7.12 -5.15 -2.93
C GLU A 17 -6.70 -3.72 -2.64
N MET A 18 -5.41 -3.44 -2.82
CA MET A 18 -4.89 -2.10 -2.57
C MET A 18 -5.59 -1.08 -3.47
N SER A 19 -5.72 -1.42 -4.75
CA SER A 19 -6.36 -0.53 -5.69
C SER A 19 -7.83 -0.33 -5.32
N GLU A 20 -8.46 -1.39 -4.84
CA GLU A 20 -9.86 -1.32 -4.46
C GLU A 20 -10.05 -0.35 -3.30
N PHE A 21 -9.13 -0.38 -2.33
CA PHE A 21 -9.21 0.50 -1.19
C PHE A 21 -9.00 1.95 -1.62
N LEU A 22 -8.10 2.14 -2.58
CA LEU A 22 -7.82 3.48 -3.07
C LEU A 22 -9.01 4.03 -3.87
N SER A 23 -9.63 3.16 -4.67
CA SER A 23 -10.77 3.58 -5.49
C SER A 23 -11.99 3.90 -4.62
N ARG A 24 -12.23 3.07 -3.61
CA ARG A 24 -13.36 3.29 -2.71
C ARG A 24 -13.03 4.39 -1.71
N GLY A 25 -11.74 4.53 -1.39
CA GLY A 25 -11.30 5.53 -0.44
C GLY A 25 -10.84 6.80 -1.15
N PRO A 26 -10.38 7.77 -0.41
CA PRO A 26 -9.89 9.07 -0.99
C PRO A 26 -8.74 8.85 -1.96
N ALA A 27 -8.75 9.60 -3.06
CA ALA A 27 -7.70 9.49 -4.06
C ALA A 27 -7.44 10.84 -4.72
N VAL A 28 -6.39 11.52 -4.28
CA VAL A 28 -6.04 12.81 -4.85
C VAL A 28 -4.58 12.83 -5.31
N LEU A 29 -4.37 13.15 -6.58
CA LEU A 29 -3.02 13.21 -7.13
C LEU A 29 -2.68 14.61 -7.61
N ALA A 30 -3.30 15.59 -7.00
CA ALA A 30 -3.07 16.98 -7.36
C ALA A 30 -1.59 17.31 -7.17
N THR A 31 -0.98 16.67 -6.17
CA THR A 31 0.43 16.90 -5.89
C THR A 31 1.20 15.58 -5.86
N LYS A 32 2.52 15.68 -5.80
CA LYS A 32 3.36 14.49 -5.77
C LYS A 32 3.05 13.64 -4.54
N ALA A 33 2.81 14.31 -3.42
CA ALA A 33 2.49 13.63 -2.17
C ALA A 33 1.79 14.58 -1.20
N ALA A 34 0.56 14.24 -0.85
CA ALA A 34 -0.21 15.07 0.07
C ALA A 34 0.33 14.94 1.49
N ALA A 35 -0.07 13.87 2.18
CA ALA A 35 0.39 13.65 3.55
C ALA A 35 -0.28 12.42 4.14
N GLY A 36 0.05 12.12 5.39
CA GLY A 36 -0.53 10.97 6.07
C GLY A 36 0.55 9.99 6.50
N THR A 37 1.28 9.47 5.53
CA THR A 37 2.36 8.52 5.84
C THR A 37 3.53 9.25 6.47
N LYS A 38 3.60 10.56 6.28
CA LYS A 38 4.68 11.36 6.83
C LYS A 38 4.60 11.42 8.36
N LYS A 39 3.38 11.55 8.87
CA LYS A 39 3.18 11.64 10.30
C LYS A 39 3.00 10.24 10.90
N TYR A 40 2.42 9.35 10.12
CA TYR A 40 2.20 7.98 10.59
C TYR A 40 3.07 7.00 9.83
N ASP A 41 3.73 6.12 10.58
CA ASP A 41 4.59 5.12 9.95
C ASP A 41 3.82 3.83 9.69
N LEU A 42 3.02 3.84 8.64
CA LEU A 42 2.22 2.69 8.28
C LEU A 42 2.95 1.81 7.25
N SER A 43 4.10 2.28 6.77
CA SER A 43 4.87 1.52 5.80
C SER A 43 5.35 0.21 6.41
N LYS A 44 5.31 0.13 7.73
CA LYS A 44 5.75 -1.08 8.42
C LYS A 44 4.55 -1.98 8.75
N TRP A 45 3.35 -1.47 8.54
CA TRP A 45 2.14 -2.24 8.83
C TRP A 45 1.83 -3.21 7.70
N LYS A 46 1.50 -4.44 8.08
CA LYS A 46 1.17 -5.46 7.09
C LYS A 46 -0.09 -5.10 6.34
N TYR A 47 -0.28 -5.73 5.18
CA TYR A 47 -1.47 -5.47 4.38
C TYR A 47 -2.72 -5.72 5.21
N ALA A 48 -2.73 -6.84 5.91
CA ALA A 48 -3.88 -7.19 6.74
C ALA A 48 -4.08 -6.13 7.82
N GLU A 49 -2.97 -5.67 8.41
CA GLU A 49 -3.03 -4.67 9.47
C GLU A 49 -3.60 -3.35 8.94
N LEU A 50 -3.15 -2.94 7.75
CA LEU A 50 -3.65 -1.71 7.15
C LEU A 50 -5.12 -1.82 6.83
N ARG A 51 -5.52 -2.99 6.34
CA ARG A 51 -6.90 -3.21 5.99
C ARG A 51 -7.78 -2.99 7.21
N ASP A 52 -7.41 -3.62 8.32
CA ASP A 52 -8.16 -3.47 9.56
C ASP A 52 -8.13 -2.03 10.02
N THR A 53 -6.98 -1.37 9.85
CA THR A 53 -6.84 0.01 10.25
C THR A 53 -7.82 0.89 9.49
N ILE A 54 -7.95 0.65 8.18
CA ILE A 54 -8.85 1.45 7.35
C ILE A 54 -10.29 1.32 7.85
N ASN A 55 -10.72 0.09 8.10
CA ASN A 55 -12.08 -0.15 8.57
C ASN A 55 -12.31 0.52 9.92
N THR A 56 -11.30 0.48 10.78
CA THR A 56 -11.42 1.09 12.10
C THR A 56 -11.00 2.56 12.09
N SER A 57 -10.57 3.05 10.92
CA SER A 57 -10.13 4.43 10.81
C SER A 57 -11.31 5.37 10.89
N CYS A 58 -11.26 6.27 11.87
CA CYS A 58 -12.32 7.24 12.06
C CYS A 58 -11.79 8.66 11.80
N ASP A 59 -10.50 8.77 11.53
CA ASP A 59 -9.90 10.07 11.28
C ASP A 59 -9.43 10.18 9.83
N ILE A 60 -9.57 11.37 9.25
CA ILE A 60 -9.17 11.58 7.87
C ILE A 60 -7.65 11.49 7.73
N GLU A 61 -6.94 11.83 8.80
CA GLU A 61 -5.49 11.78 8.79
C GLU A 61 -5.00 10.35 8.61
N LEU A 62 -5.62 9.43 9.33
CA LEU A 62 -5.25 8.02 9.23
C LEU A 62 -5.61 7.49 7.85
N LEU A 63 -6.79 7.89 7.37
CA LEU A 63 -7.26 7.43 6.06
C LEU A 63 -6.28 7.86 4.99
N ALA A 64 -5.81 9.08 5.11
CA ALA A 64 -4.84 9.59 4.15
C ALA A 64 -3.52 8.83 4.28
N ALA A 65 -3.16 8.49 5.52
CA ALA A 65 -1.91 7.78 5.79
C ALA A 65 -1.88 6.41 5.11
N CYS A 66 -2.94 5.65 5.27
CA CYS A 66 -3.00 4.31 4.67
C CYS A 66 -3.15 4.42 3.16
N ARG A 67 -3.89 5.42 2.70
CA ARG A 67 -4.08 5.61 1.27
C ARG A 67 -2.76 5.94 0.60
N GLU A 68 -1.99 6.81 1.24
CA GLU A 68 -0.69 7.20 0.70
C GLU A 68 0.24 6.00 0.65
N GLU A 69 0.22 5.19 1.72
CA GLU A 69 1.07 4.01 1.78
C GLU A 69 0.68 3.02 0.70
N PHE A 70 -0.62 2.87 0.49
CA PHE A 70 -1.12 1.93 -0.51
C PHE A 70 -0.64 2.33 -1.91
N HIS A 71 -0.71 3.62 -2.23
CA HIS A 71 -0.27 4.10 -3.52
C HIS A 71 1.22 3.84 -3.71
N ARG A 72 2.01 4.21 -2.72
CA ARG A 72 3.46 4.01 -2.79
C ARG A 72 3.79 2.53 -2.91
N ARG A 73 3.12 1.71 -2.10
CA ARG A 73 3.35 0.28 -2.12
C ARG A 73 3.02 -0.30 -3.49
N LEU A 74 1.92 0.15 -4.08
CA LEU A 74 1.54 -0.33 -5.40
C LEU A 74 2.59 0.05 -6.43
N LYS A 75 3.11 1.28 -6.32
CA LYS A 75 4.13 1.76 -7.24
C LYS A 75 5.39 0.91 -7.12
N VAL A 76 5.81 0.64 -5.89
CA VAL A 76 7.01 -0.15 -5.66
C VAL A 76 6.85 -1.53 -6.27
N TYR A 77 5.67 -2.11 -6.08
CA TYR A 77 5.39 -3.44 -6.61
C TYR A 77 5.54 -3.44 -8.12
N HIS A 78 4.94 -2.44 -8.77
CA HIS A 78 5.01 -2.33 -10.22
C HIS A 78 6.46 -2.23 -10.67
N ALA A 79 7.23 -1.35 -10.02
CA ALA A 79 8.64 -1.18 -10.38
C ALA A 79 9.42 -2.48 -10.18
N TRP A 80 9.16 -3.18 -9.08
CA TRP A 80 9.85 -4.43 -8.81
C TRP A 80 9.56 -5.44 -9.90
N LYS A 81 8.28 -5.57 -10.25
CA LYS A 81 7.86 -6.51 -11.29
C LYS A 81 8.50 -6.15 -12.62
N SER A 82 8.58 -4.87 -12.88
CA SER A 82 9.18 -4.40 -14.11
C SER A 82 10.64 -4.84 -14.19
N LYS A 83 11.34 -4.75 -13.07
CA LYS A 83 12.75 -5.13 -13.03
C LYS A 83 12.93 -6.63 -13.27
N ASN A 84 12.10 -7.44 -12.60
CA ASN A 84 12.18 -8.89 -12.73
C ASN A 84 11.67 -9.36 -14.09
N LYS A 85 10.59 -8.73 -14.56
CA LYS A 85 10.00 -9.09 -15.85
C LYS A 85 10.89 -8.60 -16.98
N LYS A 86 11.41 -7.40 -16.80
CA LYS A 86 12.27 -6.79 -17.81
C LYS A 86 13.50 -6.17 -17.18
N ARG A 87 14.61 -6.21 -17.91
CA ARG A 87 15.86 -5.64 -17.43
C ARG A 87 16.46 -4.71 -18.47
N ILE B 9 12.45 -16.35 -3.01
CA ILE B 9 13.40 -15.21 -3.15
C ILE B 9 12.65 -14.01 -3.72
N GLU B 10 12.43 -14.03 -5.02
CA GLU B 10 11.74 -12.93 -5.70
C GLU B 10 10.32 -12.79 -5.16
N ASN B 11 9.65 -13.92 -4.95
CA ASN B 11 8.29 -13.90 -4.45
C ASN B 11 8.26 -13.27 -3.06
N ASP B 12 9.26 -13.60 -2.26
CA ASP B 12 9.34 -13.06 -0.91
C ASP B 12 9.48 -11.53 -0.96
N GLU B 13 10.29 -11.05 -1.91
CA GLU B 13 10.50 -9.62 -2.04
C GLU B 13 9.18 -8.91 -2.39
N ALA B 14 8.42 -9.52 -3.28
CA ALA B 14 7.14 -8.93 -3.69
C ALA B 14 6.19 -8.87 -2.50
N PHE B 15 6.20 -9.91 -1.67
CA PHE B 15 5.34 -9.94 -0.50
C PHE B 15 5.67 -8.78 0.43
N ALA B 16 6.96 -8.55 0.65
CA ALA B 16 7.38 -7.45 1.52
C ALA B 16 6.90 -6.12 0.97
N ILE B 17 6.98 -5.96 -0.34
CA ILE B 17 6.56 -4.73 -0.98
C ILE B 17 5.09 -4.44 -0.68
N LEU B 18 4.27 -5.48 -0.75
CA LEU B 18 2.85 -5.32 -0.51
C LEU B 18 2.45 -5.75 0.90
N ASP B 19 3.42 -5.76 1.82
CA ASP B 19 3.14 -6.14 3.19
C ASP B 19 3.99 -5.34 4.17
N GLY B 20 5.30 -5.49 4.07
CA GLY B 20 6.20 -4.77 4.95
C GLY B 20 6.53 -3.38 4.39
N GLY B 21 6.03 -3.08 3.19
CA GLY B 21 6.30 -1.79 2.57
C GLY B 21 7.76 -1.71 2.12
N ALA B 22 8.40 -2.86 1.96
CA ALA B 22 9.80 -2.90 1.54
C ALA B 22 9.94 -2.53 0.07
N PRO B 23 11.12 -2.13 -0.35
CA PRO B 23 11.39 -1.76 -1.76
C PRO B 23 11.40 -2.97 -2.69
N GLY B 24 11.60 -4.15 -2.11
CA GLY B 24 11.65 -5.39 -2.89
C GLY B 24 12.88 -6.20 -2.54
N ARG A 6 -0.72 -10.07 6.55
CA ARG A 6 0.05 -11.02 5.70
C ARG A 6 -0.89 -12.07 5.12
N PRO A 7 -1.69 -11.67 4.16
CA PRO A 7 -2.66 -12.58 3.50
C PRO A 7 -1.97 -13.56 2.56
N LYS A 8 -2.66 -14.65 2.26
CA LYS A 8 -2.12 -15.66 1.36
C LYS A 8 -2.28 -15.24 -0.10
N MET A 9 -2.94 -14.09 -0.33
CA MET A 9 -3.15 -13.60 -1.67
C MET A 9 -1.82 -13.31 -2.35
N THR A 10 -1.77 -13.51 -3.66
CA THR A 10 -0.55 -13.27 -4.42
C THR A 10 -0.25 -11.77 -4.47
N PRO A 11 0.97 -11.41 -4.79
CA PRO A 11 1.38 -9.98 -4.85
C PRO A 11 0.45 -9.15 -5.74
N GLU A 12 0.07 -9.71 -6.88
CA GLU A 12 -0.82 -9.00 -7.78
C GLU A 12 -2.22 -8.89 -7.17
N GLN A 13 -2.65 -9.91 -6.45
CA GLN A 13 -3.96 -9.88 -5.82
C GLN A 13 -4.05 -8.78 -4.78
N MET A 14 -2.99 -8.65 -3.98
CA MET A 14 -2.97 -7.62 -2.96
C MET A 14 -3.00 -6.25 -3.62
N ALA A 15 -2.28 -6.11 -4.71
CA ALA A 15 -2.24 -4.83 -5.42
C ALA A 15 -3.63 -4.46 -5.92
N LYS A 16 -4.37 -5.45 -6.42
CA LYS A 16 -5.71 -5.20 -6.93
C LYS A 16 -6.61 -4.66 -5.83
N GLU A 17 -6.51 -5.26 -4.64
CA GLU A 17 -7.34 -4.80 -3.53
C GLU A 17 -6.99 -3.36 -3.16
N MET A 18 -5.69 -3.03 -3.17
CA MET A 18 -5.26 -1.68 -2.82
C MET A 18 -5.83 -0.66 -3.80
N SER A 19 -5.82 -1.01 -5.08
CA SER A 19 -6.34 -0.12 -6.11
C SER A 19 -7.83 0.11 -5.91
N GLU A 20 -8.55 -0.95 -5.60
CA GLU A 20 -9.99 -0.85 -5.39
C GLU A 20 -10.29 0.07 -4.20
N PHE A 21 -9.51 -0.06 -3.15
CA PHE A 21 -9.70 0.77 -1.96
C PHE A 21 -9.41 2.23 -2.28
N LEU A 22 -8.35 2.45 -3.05
CA LEU A 22 -7.96 3.81 -3.43
C LEU A 22 -9.06 4.46 -4.27
N SER A 23 -9.62 3.68 -5.19
CA SER A 23 -10.69 4.19 -6.05
C SER A 23 -11.93 4.53 -5.23
N ARG A 24 -12.25 3.67 -4.26
CA ARG A 24 -13.41 3.90 -3.42
C ARG A 24 -13.25 5.16 -2.58
N GLY A 25 -12.04 5.38 -2.08
CA GLY A 25 -11.75 6.55 -1.27
C GLY A 25 -10.75 7.46 -1.97
N PRO A 26 -11.20 8.19 -2.97
CA PRO A 26 -10.33 9.12 -3.74
C PRO A 26 -9.95 10.36 -2.93
N ALA A 27 -8.77 10.90 -3.22
CA ALA A 27 -8.29 12.09 -2.50
C ALA A 27 -9.23 13.27 -2.72
N VAL A 28 -9.70 13.42 -3.95
CA VAL A 28 -10.61 14.51 -4.31
C VAL A 28 -10.09 15.83 -3.75
N LEU A 29 -8.77 15.94 -3.64
CA LEU A 29 -8.17 17.16 -3.11
C LEU A 29 -8.46 18.34 -4.01
N ALA A 30 -8.40 18.12 -5.32
CA ALA A 30 -8.67 19.18 -6.29
C ALA A 30 -7.90 20.45 -5.93
N THR A 31 -6.76 20.28 -5.27
CA THR A 31 -5.94 21.41 -4.87
C THR A 31 -4.50 20.96 -4.63
N LYS A 32 -3.64 21.93 -4.34
CA LYS A 32 -2.23 21.65 -4.07
C LYS A 32 -1.95 21.58 -2.57
N ALA A 33 -3.00 21.70 -1.76
CA ALA A 33 -2.84 21.66 -0.31
C ALA A 33 -2.24 20.33 0.13
N ALA A 34 -1.44 20.37 1.20
CA ALA A 34 -0.81 19.16 1.70
C ALA A 34 -0.70 19.23 3.23
N ALA A 35 -1.65 18.59 3.90
CA ALA A 35 -1.66 18.57 5.35
C ALA A 35 -0.39 17.92 5.89
N GLY A 36 0.04 16.84 5.22
CA GLY A 36 1.24 16.14 5.65
C GLY A 36 0.89 14.98 6.58
N THR A 37 -0.35 14.55 6.54
CA THR A 37 -0.80 13.45 7.39
C THR A 37 -0.12 12.15 6.97
N LYS A 38 0.25 12.07 5.70
CA LYS A 38 0.90 10.88 5.19
C LYS A 38 2.25 10.67 5.87
N LYS A 39 2.73 11.68 6.60
CA LYS A 39 4.01 11.58 7.30
C LYS A 39 4.04 10.36 8.21
N TYR A 40 2.86 9.83 8.54
CA TYR A 40 2.78 8.67 9.41
C TYR A 40 3.54 7.51 8.80
N ASP A 41 4.28 6.81 9.66
CA ASP A 41 5.08 5.67 9.21
C ASP A 41 4.24 4.40 9.23
N LEU A 42 3.40 4.23 8.22
CA LEU A 42 2.56 3.05 8.12
C LEU A 42 3.16 2.02 7.16
N SER A 43 4.34 2.33 6.62
CA SER A 43 5.01 1.43 5.70
C SER A 43 5.48 0.17 6.43
N LYS A 44 5.44 0.21 7.76
CA LYS A 44 5.85 -0.94 8.55
C LYS A 44 4.64 -1.81 8.90
N TRP A 45 3.45 -1.30 8.65
CA TRP A 45 2.22 -2.04 8.95
C TRP A 45 1.91 -3.02 7.83
N LYS A 46 1.53 -4.23 8.23
CA LYS A 46 1.19 -5.25 7.25
C LYS A 46 -0.03 -4.85 6.46
N TYR A 47 -0.18 -5.45 5.28
CA TYR A 47 -1.31 -5.16 4.43
C TYR A 47 -2.60 -5.40 5.19
N ALA A 48 -2.68 -6.54 5.85
CA ALA A 48 -3.88 -6.87 6.61
C ALA A 48 -4.11 -5.86 7.74
N GLU A 49 -3.03 -5.46 8.38
CA GLU A 49 -3.11 -4.51 9.49
C GLU A 49 -3.65 -3.17 9.02
N LEU A 50 -3.16 -2.71 7.86
CA LEU A 50 -3.64 -1.45 7.31
C LEU A 50 -5.11 -1.54 6.96
N ARG A 51 -5.51 -2.68 6.42
CA ARG A 51 -6.89 -2.87 6.04
C ARG A 51 -7.79 -2.73 7.27
N ASP A 52 -7.40 -3.41 8.35
CA ASP A 52 -8.16 -3.34 9.58
C ASP A 52 -8.12 -1.93 10.15
N THR A 53 -6.96 -1.28 10.06
CA THR A 53 -6.82 0.07 10.58
C THR A 53 -7.79 1.01 9.87
N ILE A 54 -7.87 0.90 8.56
CA ILE A 54 -8.77 1.76 7.79
C ILE A 54 -10.23 1.54 8.21
N ASN A 55 -10.62 0.28 8.33
CA ASN A 55 -11.99 -0.07 8.71
C ASN A 55 -12.32 0.49 10.09
N THR A 56 -11.36 0.43 11.00
CA THR A 56 -11.57 0.93 12.36
C THR A 56 -11.15 2.40 12.47
N SER A 57 -10.63 2.97 11.39
CA SER A 57 -10.18 4.35 11.41
C SER A 57 -11.38 5.28 11.55
N CYS A 58 -11.23 6.26 12.43
CA CYS A 58 -12.30 7.23 12.66
C CYS A 58 -11.85 8.62 12.22
N ASP A 59 -10.58 8.75 11.83
CA ASP A 59 -10.05 10.04 11.40
C ASP A 59 -9.67 10.01 9.92
N ILE A 60 -9.97 11.10 9.22
CA ILE A 60 -9.65 11.17 7.80
C ILE A 60 -8.14 11.25 7.58
N GLU A 61 -7.43 11.78 8.58
CA GLU A 61 -5.99 11.90 8.48
C GLU A 61 -5.34 10.53 8.39
N LEU A 62 -5.77 9.62 9.24
CA LEU A 62 -5.23 8.27 9.23
C LEU A 62 -5.61 7.56 7.94
N LEU A 63 -6.85 7.79 7.50
CA LEU A 63 -7.35 7.16 6.28
C LEU A 63 -6.49 7.57 5.10
N ALA A 64 -6.15 8.85 5.05
CA ALA A 64 -5.32 9.36 3.98
C ALA A 64 -3.93 8.72 4.03
N ALA A 65 -3.43 8.51 5.24
CA ALA A 65 -2.12 7.92 5.43
C ALA A 65 -2.08 6.50 4.87
N CYS A 66 -3.12 5.74 5.16
CA CYS A 66 -3.19 4.37 4.68
C CYS A 66 -3.31 4.33 3.17
N ARG A 67 -4.13 5.24 2.64
CA ARG A 67 -4.32 5.31 1.20
C ARG A 67 -3.01 5.64 0.50
N GLU A 68 -2.27 6.56 1.08
CA GLU A 68 -0.98 6.94 0.52
C GLU A 68 -0.01 5.78 0.58
N GLU A 69 -0.03 5.03 1.68
CA GLU A 69 0.87 3.91 1.83
C GLU A 69 0.64 2.90 0.71
N PHE A 70 -0.63 2.64 0.41
CA PHE A 70 -0.96 1.70 -0.64
C PHE A 70 -0.47 2.19 -2.00
N HIS A 71 -0.63 3.48 -2.25
CA HIS A 71 -0.19 4.03 -3.51
C HIS A 71 1.33 3.83 -3.68
N ARG A 72 2.08 4.16 -2.64
CA ARG A 72 3.54 4.02 -2.69
C ARG A 72 3.92 2.55 -2.80
N ARG A 73 3.25 1.69 -2.05
CA ARG A 73 3.52 0.27 -2.10
C ARG A 73 3.24 -0.31 -3.48
N LEU A 74 2.14 0.14 -4.08
CA LEU A 74 1.78 -0.32 -5.41
C LEU A 74 2.84 0.06 -6.43
N LYS A 75 3.35 1.28 -6.31
CA LYS A 75 4.38 1.74 -7.24
C LYS A 75 5.64 0.91 -7.11
N VAL A 76 6.01 0.57 -5.87
CA VAL A 76 7.20 -0.22 -5.64
C VAL A 76 7.03 -1.59 -6.26
N TYR A 77 5.84 -2.15 -6.11
CA TYR A 77 5.54 -3.47 -6.67
C TYR A 77 5.71 -3.45 -8.19
N HIS A 78 5.14 -2.43 -8.83
CA HIS A 78 5.24 -2.31 -10.28
C HIS A 78 6.70 -2.19 -10.70
N ALA A 79 7.44 -1.31 -10.04
CA ALA A 79 8.84 -1.12 -10.38
C ALA A 79 9.62 -2.42 -10.17
N TRP A 80 9.37 -3.12 -9.07
CA TRP A 80 10.03 -4.36 -8.79
C TRP A 80 9.77 -5.37 -9.90
N LYS A 81 8.52 -5.47 -10.32
CA LYS A 81 8.17 -6.41 -11.36
C LYS A 81 8.96 -6.13 -12.62
N SER A 82 9.02 -4.88 -13.02
CA SER A 82 9.76 -4.52 -14.23
C SER A 82 11.21 -4.93 -14.10
N LYS A 83 11.76 -4.86 -12.89
CA LYS A 83 13.16 -5.23 -12.69
C LYS A 83 13.38 -6.71 -13.01
N ASN A 84 12.47 -7.57 -12.54
CA ASN A 84 12.60 -9.00 -12.80
C ASN A 84 11.72 -9.45 -13.97
N LYS A 85 11.13 -8.49 -14.69
CA LYS A 85 10.29 -8.82 -15.84
C LYS A 85 10.73 -8.06 -17.07
N LYS A 86 10.62 -6.74 -17.00
CA LYS A 86 11.01 -5.89 -18.12
C LYS A 86 12.53 -5.79 -18.21
N ARG A 87 13.03 -5.75 -19.45
CA ARG A 87 14.47 -5.65 -19.68
C ARG A 87 14.77 -5.63 -21.18
N ILE B 9 12.48 -16.74 -4.25
CA ILE B 9 12.86 -15.55 -3.41
C ILE B 9 12.20 -14.29 -3.98
N GLU B 10 11.99 -14.28 -5.30
CA GLU B 10 11.38 -13.13 -5.94
C GLU B 10 9.97 -12.91 -5.41
N ASN B 11 9.23 -14.00 -5.23
CA ASN B 11 7.88 -13.90 -4.72
C ASN B 11 7.88 -13.30 -3.33
N ASP B 12 8.84 -13.70 -2.52
CA ASP B 12 8.93 -13.20 -1.15
C ASP B 12 9.16 -11.69 -1.16
N GLU B 13 10.01 -11.23 -2.07
CA GLU B 13 10.30 -9.80 -2.18
C GLU B 13 9.03 -9.03 -2.53
N ALA B 14 8.26 -9.56 -3.47
CA ALA B 14 7.03 -8.91 -3.87
C ALA B 14 6.06 -8.82 -2.70
N PHE B 15 5.99 -9.88 -1.91
CA PHE B 15 5.10 -9.90 -0.76
C PHE B 15 5.47 -8.80 0.22
N ALA B 16 6.77 -8.65 0.48
CA ALA B 16 7.24 -7.63 1.40
C ALA B 16 6.85 -6.23 0.89
N ILE B 17 6.96 -6.04 -0.42
CA ILE B 17 6.61 -4.76 -1.01
C ILE B 17 5.16 -4.41 -0.73
N LEU B 18 4.28 -5.38 -0.83
CA LEU B 18 2.86 -5.16 -0.60
C LEU B 18 2.44 -5.65 0.79
N ASP B 19 3.38 -5.68 1.72
CA ASP B 19 3.07 -6.13 3.08
C ASP B 19 3.92 -5.39 4.10
N GLY B 20 5.23 -5.58 4.00
CA GLY B 20 6.16 -4.91 4.90
C GLY B 20 6.56 -3.53 4.38
N GLY B 21 6.09 -3.19 3.18
CA GLY B 21 6.43 -1.90 2.59
C GLY B 21 7.89 -1.86 2.16
N ALA B 22 8.47 -3.03 1.94
CA ALA B 22 9.86 -3.12 1.52
C ALA B 22 10.03 -2.68 0.07
N PRO B 23 11.22 -2.32 -0.32
CA PRO B 23 11.51 -1.88 -1.71
C PRO B 23 11.48 -3.04 -2.70
N GLY B 24 11.63 -4.26 -2.19
CA GLY B 24 11.63 -5.43 -3.05
C GLY B 24 13.04 -5.91 -3.32
N ARG A 6 2.70 -12.47 5.52
CA ARG A 6 2.66 -13.27 4.26
C ARG A 6 1.23 -13.71 3.99
N PRO A 7 0.40 -12.80 3.54
CA PRO A 7 -1.03 -13.09 3.21
C PRO A 7 -1.17 -14.15 2.14
N LYS A 8 -2.23 -14.94 2.24
CA LYS A 8 -2.49 -16.00 1.28
C LYS A 8 -2.70 -15.43 -0.13
N MET A 9 -3.10 -14.16 -0.19
CA MET A 9 -3.33 -13.52 -1.47
C MET A 9 -2.03 -13.37 -2.24
N THR A 10 -2.09 -13.56 -3.55
CA THR A 10 -0.89 -13.43 -4.38
C THR A 10 -0.48 -11.96 -4.49
N PRO A 11 0.75 -11.70 -4.86
CA PRO A 11 1.27 -10.30 -5.00
C PRO A 11 0.34 -9.45 -5.88
N GLU A 12 -0.09 -10.02 -7.01
CA GLU A 12 -0.98 -9.32 -7.92
C GLU A 12 -2.35 -9.11 -7.28
N GLN A 13 -2.82 -10.13 -6.56
CA GLN A 13 -4.12 -10.04 -5.90
C GLN A 13 -4.13 -8.91 -4.89
N MET A 14 -3.08 -8.81 -4.09
CA MET A 14 -3.02 -7.77 -3.10
C MET A 14 -3.00 -6.41 -3.77
N ALA A 15 -2.27 -6.30 -4.87
CA ALA A 15 -2.19 -5.04 -5.59
C ALA A 15 -3.57 -4.63 -6.11
N LYS A 16 -4.32 -5.59 -6.63
CA LYS A 16 -5.65 -5.29 -7.16
C LYS A 16 -6.56 -4.78 -6.05
N GLU A 17 -6.48 -5.39 -4.88
CA GLU A 17 -7.30 -4.97 -3.76
C GLU A 17 -6.97 -3.53 -3.36
N MET A 18 -5.69 -3.20 -3.34
CA MET A 18 -5.27 -1.86 -2.97
C MET A 18 -5.82 -0.84 -3.96
N SER A 19 -5.78 -1.18 -5.24
CA SER A 19 -6.29 -0.29 -6.28
C SER A 19 -7.78 -0.06 -6.11
N GLU A 20 -8.50 -1.13 -5.80
CA GLU A 20 -9.94 -1.03 -5.63
C GLU A 20 -10.30 -0.08 -4.49
N PHE A 21 -9.54 -0.14 -3.40
CA PHE A 21 -9.79 0.73 -2.26
C PHE A 21 -9.51 2.18 -2.64
N LEU A 22 -8.44 2.38 -3.39
CA LEU A 22 -8.06 3.72 -3.81
C LEU A 22 -9.12 4.30 -4.75
N SER A 23 -9.64 3.45 -5.63
CA SER A 23 -10.67 3.89 -6.57
C SER A 23 -11.91 4.35 -5.83
N ARG A 24 -12.31 3.59 -4.81
CA ARG A 24 -13.49 3.94 -4.02
C ARG A 24 -13.30 5.28 -3.35
N GLY A 25 -12.11 5.53 -2.83
CA GLY A 25 -11.82 6.79 -2.15
C GLY A 25 -11.45 7.87 -3.17
N PRO A 26 -11.06 9.02 -2.69
CA PRO A 26 -10.67 10.16 -3.55
C PRO A 26 -9.35 9.92 -4.28
N ALA A 27 -9.26 10.43 -5.50
CA ALA A 27 -8.05 10.26 -6.30
C ALA A 27 -7.04 11.38 -6.01
N VAL A 28 -7.46 12.37 -5.24
CA VAL A 28 -6.58 13.48 -4.90
C VAL A 28 -6.36 13.55 -3.40
N LEU A 29 -5.11 13.40 -2.99
CA LEU A 29 -4.76 13.44 -1.58
C LEU A 29 -3.71 14.51 -1.32
N ALA A 30 -3.52 15.41 -2.28
CA ALA A 30 -2.54 16.47 -2.15
C ALA A 30 -2.87 17.35 -0.96
N THR A 31 -4.15 17.56 -0.71
CA THR A 31 -4.57 18.41 0.40
C THR A 31 -4.16 17.80 1.73
N LYS A 32 -4.40 16.50 1.88
CA LYS A 32 -4.04 15.80 3.11
C LYS A 32 -2.53 15.79 3.31
N ALA A 33 -1.80 15.61 2.21
CA ALA A 33 -0.34 15.59 2.27
C ALA A 33 0.21 16.93 2.75
N ALA A 34 -0.37 18.01 2.23
CA ALA A 34 0.06 19.34 2.61
C ALA A 34 -0.12 19.56 4.11
N ALA A 35 -1.22 19.04 4.64
CA ALA A 35 -1.51 19.16 6.05
C ALA A 35 -0.40 18.49 6.87
N GLY A 36 0.13 17.39 6.34
CA GLY A 36 1.18 16.67 7.04
C GLY A 36 0.65 15.35 7.62
N THR A 37 -0.48 14.89 7.09
CA THR A 37 -1.07 13.66 7.57
C THR A 37 -0.20 12.47 7.19
N LYS A 38 0.51 12.60 6.09
CA LYS A 38 1.38 11.53 5.62
C LYS A 38 2.52 11.28 6.60
N LYS A 39 2.72 12.22 7.54
CA LYS A 39 3.78 12.09 8.52
C LYS A 39 3.68 10.76 9.27
N TYR A 40 2.49 10.15 9.23
CA TYR A 40 2.28 8.88 9.91
C TYR A 40 3.14 7.80 9.28
N ASP A 41 3.80 7.01 10.12
CA ASP A 41 4.65 5.93 9.64
C ASP A 41 3.85 4.63 9.54
N LEU A 42 3.04 4.54 8.49
CA LEU A 42 2.23 3.35 8.27
C LEU A 42 2.89 2.42 7.26
N SER A 43 3.98 2.87 6.65
CA SER A 43 4.69 2.07 5.68
C SER A 43 5.25 0.81 6.32
N LYS A 44 5.38 0.83 7.65
CA LYS A 44 5.89 -0.32 8.38
C LYS A 44 4.77 -1.27 8.78
N TRP A 45 3.53 -0.84 8.58
CA TRP A 45 2.38 -1.67 8.93
C TRP A 45 2.11 -2.70 7.84
N LYS A 46 1.77 -3.92 8.26
CA LYS A 46 1.47 -4.98 7.31
C LYS A 46 0.24 -4.64 6.49
N TYR A 47 0.11 -5.30 5.34
CA TYR A 47 -1.02 -5.06 4.47
C TYR A 47 -2.31 -5.34 5.23
N ALA A 48 -2.36 -6.49 5.89
CA ALA A 48 -3.55 -6.86 6.65
C ALA A 48 -3.81 -5.85 7.77
N GLU A 49 -2.74 -5.41 8.42
CA GLU A 49 -2.86 -4.46 9.52
C GLU A 49 -3.44 -3.13 9.02
N LEU A 50 -2.94 -2.66 7.88
CA LEU A 50 -3.43 -1.42 7.31
C LEU A 50 -4.89 -1.54 6.91
N ARG A 51 -5.24 -2.70 6.36
CA ARG A 51 -6.61 -2.93 5.95
C ARG A 51 -7.54 -2.81 7.15
N ASP A 52 -7.16 -3.46 8.24
CA ASP A 52 -7.95 -3.41 9.46
C ASP A 52 -7.98 -1.99 10.01
N THR A 53 -6.84 -1.31 9.94
CA THR A 53 -6.75 0.05 10.44
C THR A 53 -7.74 0.95 9.72
N ILE A 54 -7.81 0.83 8.40
CA ILE A 54 -8.72 1.64 7.60
C ILE A 54 -10.17 1.37 7.99
N ASN A 55 -10.53 0.11 8.10
CA ASN A 55 -11.89 -0.27 8.46
C ASN A 55 -12.27 0.26 9.83
N THR A 56 -11.32 0.22 10.76
CA THR A 56 -11.58 0.70 12.11
C THR A 56 -11.23 2.18 12.24
N SER A 57 -10.69 2.78 11.17
CA SER A 57 -10.31 4.18 11.21
C SER A 57 -11.53 5.08 11.36
N CYS A 58 -11.41 6.06 12.22
CA CYS A 58 -12.50 7.00 12.46
C CYS A 58 -12.10 8.41 12.03
N ASP A 59 -10.84 8.57 11.63
CA ASP A 59 -10.35 9.88 11.21
C ASP A 59 -9.96 9.88 9.73
N ILE A 60 -10.29 10.95 9.03
CA ILE A 60 -9.98 11.05 7.61
C ILE A 60 -8.47 11.21 7.40
N GLU A 61 -7.80 11.79 8.39
CA GLU A 61 -6.36 12.00 8.31
C GLU A 61 -5.63 10.66 8.22
N LEU A 62 -6.02 9.73 9.10
CA LEU A 62 -5.41 8.42 9.11
C LEU A 62 -5.75 7.68 7.81
N LEU A 63 -6.98 7.82 7.37
CA LEU A 63 -7.43 7.15 6.15
C LEU A 63 -6.59 7.63 4.97
N ALA A 64 -6.35 8.93 4.91
CA ALA A 64 -5.54 9.49 3.85
C ALA A 64 -4.12 8.93 3.91
N ALA A 65 -3.61 8.75 5.12
CA ALA A 65 -2.26 8.23 5.30
C ALA A 65 -2.15 6.81 4.77
N CYS A 66 -3.16 6.01 5.05
CA CYS A 66 -3.16 4.62 4.60
C CYS A 66 -3.26 4.56 3.09
N ARG A 67 -4.10 5.42 2.53
CA ARG A 67 -4.26 5.46 1.09
C ARG A 67 -2.94 5.82 0.42
N GLU A 68 -2.26 6.82 0.98
CA GLU A 68 -0.98 7.25 0.44
C GLU A 68 0.06 6.15 0.61
N GLU A 69 0.02 5.47 1.76
CA GLU A 69 0.96 4.40 2.03
C GLU A 69 0.79 3.27 1.01
N PHE A 70 -0.47 2.98 0.68
CA PHE A 70 -0.79 1.93 -0.28
C PHE A 70 -0.24 2.29 -1.65
N HIS A 71 -0.36 3.56 -2.03
CA HIS A 71 0.12 3.99 -3.33
C HIS A 71 1.62 3.76 -3.43
N ARG A 72 2.36 4.14 -2.40
CA ARG A 72 3.79 3.95 -2.41
C ARG A 72 4.14 2.47 -2.51
N ARG A 73 3.46 1.65 -1.73
CA ARG A 73 3.71 0.21 -1.77
C ARG A 73 3.42 -0.33 -3.16
N LEU A 74 2.32 0.12 -3.75
CA LEU A 74 1.96 -0.32 -5.09
C LEU A 74 3.01 0.11 -6.10
N LYS A 75 3.51 1.34 -5.94
CA LYS A 75 4.52 1.86 -6.85
C LYS A 75 5.76 0.99 -6.84
N VAL A 76 6.25 0.66 -5.66
CA VAL A 76 7.42 -0.18 -5.53
C VAL A 76 7.15 -1.55 -6.14
N TYR A 77 5.95 -2.07 -5.89
CA TYR A 77 5.57 -3.37 -6.41
C TYR A 77 5.66 -3.38 -7.93
N HIS A 78 5.10 -2.35 -8.55
CA HIS A 78 5.13 -2.24 -10.01
C HIS A 78 6.58 -2.21 -10.50
N ALA A 79 7.39 -1.39 -9.85
CA ALA A 79 8.79 -1.27 -10.24
C ALA A 79 9.51 -2.61 -10.10
N TRP A 80 9.21 -3.35 -9.03
CA TRP A 80 9.84 -4.63 -8.81
C TRP A 80 9.53 -5.58 -9.97
N LYS A 81 8.26 -5.62 -10.36
CA LYS A 81 7.83 -6.46 -11.48
C LYS A 81 8.53 -6.04 -12.76
N SER A 82 8.68 -4.74 -12.93
CA SER A 82 9.34 -4.23 -14.12
C SER A 82 10.78 -4.73 -14.18
N LYS A 83 11.46 -4.72 -13.04
CA LYS A 83 12.85 -5.17 -12.98
C LYS A 83 12.96 -6.66 -13.30
N ASN A 84 12.07 -7.46 -12.72
CA ASN A 84 12.10 -8.91 -12.94
C ASN A 84 11.62 -9.26 -14.35
N LYS A 85 10.61 -8.55 -14.82
CA LYS A 85 10.06 -8.78 -16.16
C LYS A 85 11.02 -8.27 -17.22
N LYS A 86 11.61 -7.12 -16.94
CA LYS A 86 12.55 -6.51 -17.87
C LYS A 86 13.84 -6.11 -17.17
N ARG A 87 14.97 -6.35 -17.82
CA ARG A 87 16.27 -6.02 -17.25
C ARG A 87 16.94 -4.91 -18.06
N ILE B 9 11.32 -17.35 -4.57
CA ILE B 9 12.13 -16.23 -4.00
C ILE B 9 11.55 -14.90 -4.47
N GLU B 10 11.24 -14.84 -5.77
CA GLU B 10 10.68 -13.61 -6.34
C GLU B 10 9.35 -13.27 -5.69
N ASN B 11 8.52 -14.29 -5.50
CA ASN B 11 7.21 -14.08 -4.88
C ASN B 11 7.37 -13.54 -3.47
N ASP B 12 8.38 -14.05 -2.76
CA ASP B 12 8.63 -13.60 -1.39
C ASP B 12 8.95 -12.11 -1.38
N GLU B 13 9.79 -11.67 -2.31
CA GLU B 13 10.18 -10.27 -2.39
C GLU B 13 8.96 -9.40 -2.66
N ALA B 14 8.10 -9.86 -3.56
CA ALA B 14 6.89 -9.11 -3.90
C ALA B 14 5.99 -8.99 -2.69
N PHE B 15 5.90 -10.06 -1.91
CA PHE B 15 5.07 -10.05 -0.71
C PHE B 15 5.57 -9.00 0.27
N ALA B 16 6.87 -8.93 0.45
CA ALA B 16 7.45 -7.95 1.36
C ALA B 16 7.11 -6.54 0.91
N ILE B 17 7.19 -6.30 -0.40
CA ILE B 17 6.87 -4.98 -0.93
C ILE B 17 5.44 -4.60 -0.60
N LEU B 18 4.52 -5.54 -0.72
CA LEU B 18 3.12 -5.30 -0.45
C LEU B 18 2.69 -5.83 0.91
N ASP B 19 3.63 -5.90 1.86
CA ASP B 19 3.32 -6.39 3.20
C ASP B 19 4.33 -5.87 4.21
N GLY B 20 5.58 -6.25 4.02
CA GLY B 20 6.64 -5.80 4.92
C GLY B 20 7.01 -4.34 4.64
N GLY B 21 6.50 -3.79 3.54
CA GLY B 21 6.81 -2.42 3.18
C GLY B 21 8.26 -2.30 2.71
N ALA B 22 8.86 -3.44 2.35
CA ALA B 22 10.24 -3.44 1.91
C ALA B 22 10.37 -2.84 0.50
N PRO B 23 11.45 -2.17 0.21
CA PRO B 23 11.68 -1.57 -1.13
C PRO B 23 12.24 -2.58 -2.13
N GLY B 24 11.60 -3.74 -2.21
CA GLY B 24 12.03 -4.78 -3.12
C GLY B 24 12.14 -4.25 -4.55
N ARG A 6 0.19 -13.09 8.33
CA ARG A 6 0.46 -12.40 7.04
C ARG A 6 -0.66 -12.74 6.04
N PRO A 7 -0.80 -11.95 5.01
CA PRO A 7 -1.84 -12.17 3.97
C PRO A 7 -1.51 -13.37 3.09
N LYS A 8 -2.54 -14.15 2.77
CA LYS A 8 -2.37 -15.32 1.92
C LYS A 8 -2.58 -14.96 0.45
N MET A 9 -3.00 -13.73 0.18
CA MET A 9 -3.24 -13.28 -1.19
C MET A 9 -1.91 -13.10 -1.92
N THR A 10 -1.91 -13.41 -3.21
CA THR A 10 -0.70 -13.28 -4.02
C THR A 10 -0.35 -11.80 -4.20
N PRO A 11 0.88 -11.51 -4.55
CA PRO A 11 1.33 -10.11 -4.75
C PRO A 11 0.41 -9.34 -5.71
N GLU A 12 0.00 -9.99 -6.78
CA GLU A 12 -0.88 -9.36 -7.75
C GLU A 12 -2.25 -9.10 -7.12
N GLN A 13 -2.74 -10.07 -6.36
CA GLN A 13 -4.04 -9.93 -5.70
C GLN A 13 -4.03 -8.79 -4.70
N MET A 14 -2.95 -8.70 -3.93
CA MET A 14 -2.85 -7.66 -2.93
C MET A 14 -2.83 -6.29 -3.59
N ALA A 15 -2.10 -6.18 -4.69
CA ALA A 15 -2.02 -4.91 -5.41
C ALA A 15 -3.39 -4.51 -5.95
N LYS A 16 -4.13 -5.49 -6.46
CA LYS A 16 -5.45 -5.23 -7.01
C LYS A 16 -6.38 -4.69 -5.93
N GLU A 17 -6.33 -5.26 -4.74
CA GLU A 17 -7.17 -4.82 -3.66
C GLU A 17 -6.81 -3.37 -3.26
N MET A 18 -5.52 -3.07 -3.24
CA MET A 18 -5.08 -1.73 -2.88
C MET A 18 -5.61 -0.71 -3.89
N SER A 19 -5.56 -1.05 -5.17
CA SER A 19 -6.04 -0.14 -6.20
C SER A 19 -7.54 0.10 -6.06
N GLU A 20 -8.27 -0.93 -5.70
CA GLU A 20 -9.71 -0.81 -5.53
C GLU A 20 -10.04 0.18 -4.41
N PHE A 21 -9.31 0.08 -3.31
CA PHE A 21 -9.54 0.98 -2.19
C PHE A 21 -9.16 2.40 -2.55
N LEU A 22 -8.06 2.55 -3.27
CA LEU A 22 -7.60 3.87 -3.70
C LEU A 22 -8.61 4.52 -4.64
N SER A 23 -9.16 3.71 -5.54
CA SER A 23 -10.14 4.21 -6.50
C SER A 23 -11.39 4.72 -5.78
N ARG A 24 -11.85 3.95 -4.79
CA ARG A 24 -13.03 4.34 -4.05
C ARG A 24 -12.81 5.66 -3.31
N GLY A 25 -11.62 5.83 -2.77
CA GLY A 25 -11.30 7.05 -2.04
C GLY A 25 -10.94 8.18 -3.01
N PRO A 26 -10.98 9.40 -2.55
CA PRO A 26 -10.65 10.59 -3.40
C PRO A 26 -9.14 10.71 -3.65
N ALA A 27 -8.80 11.23 -4.83
CA ALA A 27 -7.39 11.38 -5.19
C ALA A 27 -6.94 12.84 -5.00
N VAL A 28 -7.88 13.77 -5.17
CA VAL A 28 -7.57 15.18 -5.03
C VAL A 28 -7.13 15.49 -3.60
N LEU A 29 -7.87 14.95 -2.63
CA LEU A 29 -7.55 15.18 -1.23
C LEU A 29 -6.23 14.49 -0.86
N ALA A 30 -5.90 13.44 -1.61
CA ALA A 30 -4.67 12.70 -1.35
C ALA A 30 -3.45 13.63 -1.46
N THR A 31 -3.57 14.67 -2.27
CA THR A 31 -2.47 15.61 -2.45
C THR A 31 -2.07 16.24 -1.11
N LYS A 32 -2.98 17.00 -0.52
CA LYS A 32 -2.70 17.65 0.76
C LYS A 32 -2.51 16.61 1.86
N ALA A 33 -3.19 15.48 1.73
CA ALA A 33 -3.10 14.42 2.73
C ALA A 33 -1.69 13.86 2.78
N ALA A 34 -0.96 13.99 1.66
CA ALA A 34 0.40 13.49 1.59
C ALA A 34 1.26 14.11 2.69
N ALA A 35 1.01 15.37 2.99
CA ALA A 35 1.77 16.07 4.01
C ALA A 35 1.61 15.38 5.36
N GLY A 36 0.41 14.88 5.64
CA GLY A 36 0.15 14.21 6.91
C GLY A 36 0.58 12.76 6.86
N THR A 37 0.52 12.17 5.68
CA THR A 37 0.89 10.77 5.53
C THR A 37 2.37 10.57 5.86
N LYS A 38 3.17 11.58 5.58
CA LYS A 38 4.60 11.51 5.87
C LYS A 38 4.84 11.35 7.37
N LYS A 39 4.07 12.09 8.17
CA LYS A 39 4.21 12.03 9.61
C LYS A 39 3.80 10.66 10.12
N TYR A 40 2.76 10.09 9.52
CA TYR A 40 2.27 8.78 9.93
C TYR A 40 3.07 7.67 9.26
N ASP A 41 3.85 6.95 10.07
CA ASP A 41 4.67 5.86 9.54
C ASP A 41 3.86 4.56 9.53
N LEU A 42 3.25 4.25 8.39
CA LEU A 42 2.45 3.04 8.26
C LEU A 42 3.11 2.06 7.28
N SER A 43 4.28 2.44 6.75
CA SER A 43 4.99 1.58 5.82
C SER A 43 5.47 0.31 6.51
N LYS A 44 5.43 0.33 7.83
CA LYS A 44 5.86 -0.84 8.60
C LYS A 44 4.67 -1.73 8.95
N TRP A 45 3.46 -1.24 8.66
CA TRP A 45 2.25 -1.99 8.96
C TRP A 45 1.94 -2.97 7.82
N LYS A 46 1.63 -4.20 8.19
CA LYS A 46 1.31 -5.22 7.19
C LYS A 46 0.07 -4.83 6.39
N TYR A 47 -0.10 -5.45 5.23
CA TYR A 47 -1.25 -5.16 4.38
C TYR A 47 -2.52 -5.41 5.16
N ALA A 48 -2.59 -6.55 5.83
CA ALA A 48 -3.78 -6.89 6.61
C ALA A 48 -4.00 -5.87 7.73
N GLU A 49 -2.91 -5.45 8.37
CA GLU A 49 -3.00 -4.49 9.46
C GLU A 49 -3.54 -3.15 8.95
N LEU A 50 -3.04 -2.71 7.80
CA LEU A 50 -3.51 -1.46 7.23
C LEU A 50 -4.97 -1.56 6.84
N ARG A 51 -5.35 -2.71 6.30
CA ARG A 51 -6.74 -2.92 5.89
C ARG A 51 -7.66 -2.79 7.10
N ASP A 52 -7.30 -3.45 8.20
CA ASP A 52 -8.08 -3.37 9.41
C ASP A 52 -8.05 -1.97 9.99
N THR A 53 -6.89 -1.32 9.90
CA THR A 53 -6.75 0.03 10.42
C THR A 53 -7.70 0.99 9.70
N ILE A 54 -7.76 0.88 8.38
CA ILE A 54 -8.63 1.75 7.59
C ILE A 54 -10.09 1.53 7.97
N ASN A 55 -10.49 0.27 8.06
CA ASN A 55 -11.88 -0.07 8.41
C ASN A 55 -12.24 0.46 9.79
N THR A 56 -11.30 0.37 10.72
CA THR A 56 -11.54 0.85 12.08
C THR A 56 -11.12 2.31 12.23
N SER A 57 -10.56 2.89 11.17
CA SER A 57 -10.12 4.28 11.23
C SER A 57 -11.31 5.21 11.41
N CYS A 58 -11.16 6.16 12.33
CA CYS A 58 -12.22 7.12 12.58
C CYS A 58 -11.75 8.54 12.25
N ASP A 59 -10.52 8.66 11.75
CA ASP A 59 -9.97 9.97 11.40
C ASP A 59 -9.63 10.03 9.92
N ILE A 60 -9.99 11.13 9.27
CA ILE A 60 -9.70 11.30 7.85
C ILE A 60 -8.19 11.29 7.60
N GLU A 61 -7.44 11.84 8.55
CA GLU A 61 -5.99 11.90 8.41
C GLU A 61 -5.40 10.49 8.36
N LEU A 62 -5.89 9.61 9.23
CA LEU A 62 -5.41 8.24 9.26
C LEU A 62 -5.78 7.54 7.96
N LEU A 63 -6.99 7.79 7.49
CA LEU A 63 -7.47 7.16 6.25
C LEU A 63 -6.57 7.55 5.09
N ALA A 64 -6.21 8.82 5.04
CA ALA A 64 -5.32 9.32 4.01
C ALA A 64 -3.94 8.68 4.13
N ALA A 65 -3.54 8.43 5.37
CA ALA A 65 -2.22 7.83 5.62
C ALA A 65 -2.13 6.46 4.99
N CYS A 66 -3.18 5.66 5.18
CA CYS A 66 -3.21 4.31 4.63
C CYS A 66 -3.31 4.37 3.11
N ARG A 67 -4.11 5.29 2.61
CA ARG A 67 -4.28 5.44 1.17
C ARG A 67 -2.96 5.80 0.51
N GLU A 68 -2.22 6.71 1.13
CA GLU A 68 -0.93 7.12 0.61
C GLU A 68 0.05 5.96 0.64
N GLU A 69 0.03 5.20 1.74
CA GLU A 69 0.94 4.06 1.87
C GLU A 69 0.67 3.04 0.77
N PHE A 70 -0.61 2.81 0.49
CA PHE A 70 -0.99 1.85 -0.53
C PHE A 70 -0.47 2.29 -1.89
N HIS A 71 -0.63 3.56 -2.22
CA HIS A 71 -0.16 4.08 -3.50
C HIS A 71 1.34 3.88 -3.64
N ARG A 72 2.09 4.27 -2.60
CA ARG A 72 3.54 4.14 -2.63
C ARG A 72 3.94 2.67 -2.74
N ARG A 73 3.25 1.82 -1.99
CA ARG A 73 3.54 0.39 -2.02
C ARG A 73 3.25 -0.18 -3.40
N LEU A 74 2.14 0.24 -4.00
CA LEU A 74 1.78 -0.22 -5.33
C LEU A 74 2.84 0.18 -6.34
N LYS A 75 3.36 1.40 -6.21
CA LYS A 75 4.37 1.88 -7.13
C LYS A 75 5.61 0.99 -7.07
N VAL A 76 6.04 0.67 -5.86
CA VAL A 76 7.21 -0.17 -5.67
C VAL A 76 6.96 -1.55 -6.28
N TYR A 77 5.75 -2.05 -6.06
CA TYR A 77 5.38 -3.37 -6.59
C TYR A 77 5.53 -3.39 -8.10
N HIS A 78 4.99 -2.38 -8.76
CA HIS A 78 5.07 -2.29 -10.22
C HIS A 78 6.52 -2.22 -10.67
N ALA A 79 7.30 -1.37 -10.02
CA ALA A 79 8.70 -1.21 -10.36
C ALA A 79 9.46 -2.54 -10.16
N TRP A 80 9.12 -3.26 -9.09
CA TRP A 80 9.78 -4.52 -8.80
C TRP A 80 9.55 -5.51 -9.95
N LYS A 81 8.30 -5.60 -10.39
CA LYS A 81 7.95 -6.50 -11.48
C LYS A 81 8.67 -6.09 -12.75
N SER A 82 8.79 -4.80 -12.96
CA SER A 82 9.47 -4.28 -14.13
C SER A 82 10.93 -4.73 -14.15
N LYS A 83 11.56 -4.72 -12.98
CA LYS A 83 12.96 -5.12 -12.88
C LYS A 83 13.12 -6.62 -13.14
N ASN A 84 12.23 -7.42 -12.53
CA ASN A 84 12.28 -8.87 -12.70
C ASN A 84 11.89 -9.28 -14.11
N LYS A 85 10.89 -8.60 -14.66
CA LYS A 85 10.41 -8.89 -16.01
C LYS A 85 11.41 -8.39 -17.05
N LYS A 86 11.93 -7.19 -16.80
CA LYS A 86 12.90 -6.59 -17.71
C LYS A 86 14.07 -5.98 -16.95
N ARG A 87 15.24 -6.01 -17.57
CA ARG A 87 16.43 -5.46 -16.95
C ARG A 87 16.77 -6.22 -15.67
N ILE B 9 14.04 -15.11 -2.19
CA ILE B 9 12.99 -15.56 -3.15
C ILE B 9 12.31 -14.35 -3.77
N GLU B 10 12.10 -14.40 -5.08
CA GLU B 10 11.46 -13.28 -5.78
C GLU B 10 10.04 -13.08 -5.26
N ASN B 11 9.33 -14.17 -5.06
CA ASN B 11 7.95 -14.08 -4.56
C ASN B 11 7.92 -13.42 -3.19
N ASP B 12 8.91 -13.77 -2.36
CA ASP B 12 8.99 -13.21 -1.02
C ASP B 12 9.18 -11.70 -1.08
N GLU B 13 10.02 -11.26 -2.02
CA GLU B 13 10.28 -9.82 -2.16
C GLU B 13 9.00 -9.09 -2.53
N ALA B 14 8.23 -9.67 -3.44
CA ALA B 14 6.97 -9.05 -3.85
C ALA B 14 6.01 -8.92 -2.66
N PHE B 15 5.98 -9.96 -1.83
CA PHE B 15 5.11 -9.96 -0.67
C PHE B 15 5.50 -8.83 0.29
N ALA B 16 6.79 -8.68 0.52
CA ALA B 16 7.28 -7.64 1.42
C ALA B 16 6.90 -6.26 0.89
N ILE B 17 6.99 -6.08 -0.42
CA ILE B 17 6.64 -4.81 -1.03
C ILE B 17 5.19 -4.46 -0.76
N LEU B 18 4.32 -5.45 -0.84
CA LEU B 18 2.89 -5.24 -0.62
C LEU B 18 2.48 -5.69 0.77
N ASP B 19 3.42 -5.69 1.71
CA ASP B 19 3.11 -6.09 3.08
C ASP B 19 3.99 -5.35 4.07
N GLY B 20 5.30 -5.58 3.99
CA GLY B 20 6.24 -4.92 4.88
C GLY B 20 6.62 -3.53 4.33
N GLY B 21 6.16 -3.21 3.13
CA GLY B 21 6.47 -1.93 2.51
C GLY B 21 7.94 -1.88 2.09
N ALA B 22 8.55 -3.05 1.95
CA ALA B 22 9.95 -3.13 1.56
C ALA B 22 10.12 -2.76 0.08
N PRO B 23 11.32 -2.41 -0.32
CA PRO B 23 11.61 -2.04 -1.73
C PRO B 23 11.60 -3.24 -2.67
N GLY B 24 11.77 -4.43 -2.10
CA GLY B 24 11.77 -5.65 -2.90
C GLY B 24 12.90 -6.59 -2.45
N ARG A 6 2.36 -16.42 1.68
CA ARG A 6 0.96 -16.30 1.19
C ARG A 6 0.02 -16.39 2.39
N PRO A 7 0.08 -15.43 3.27
CA PRO A 7 -0.78 -15.39 4.49
C PRO A 7 -2.25 -15.16 4.14
N LYS A 8 -2.50 -14.37 3.11
CA LYS A 8 -3.86 -14.08 2.68
C LYS A 8 -4.07 -14.48 1.23
N MET A 9 -3.36 -13.80 0.33
CA MET A 9 -3.47 -14.08 -1.10
C MET A 9 -2.17 -13.77 -1.82
N THR A 10 -2.19 -13.83 -3.15
CA THR A 10 -1.01 -13.57 -3.95
C THR A 10 -0.68 -12.07 -3.96
N PRO A 11 0.53 -11.71 -4.30
CA PRO A 11 0.96 -10.28 -4.33
C PRO A 11 0.09 -9.44 -5.27
N GLU A 12 -0.26 -10.04 -6.41
CA GLU A 12 -1.09 -9.33 -7.39
C GLU A 12 -2.47 -9.03 -6.80
N GLN A 13 -3.01 -9.98 -6.04
CA GLN A 13 -4.31 -9.79 -5.43
C GLN A 13 -4.27 -8.64 -4.43
N MET A 14 -3.19 -8.57 -3.66
CA MET A 14 -3.07 -7.51 -2.67
C MET A 14 -3.03 -6.15 -3.36
N ALA A 15 -2.30 -6.08 -4.46
CA ALA A 15 -2.19 -4.83 -5.21
C ALA A 15 -3.55 -4.41 -5.75
N LYS A 16 -4.29 -5.38 -6.29
CA LYS A 16 -5.60 -5.09 -6.86
C LYS A 16 -6.55 -4.58 -5.79
N GLU A 17 -6.49 -5.19 -4.62
CA GLU A 17 -7.36 -4.78 -3.52
C GLU A 17 -7.06 -3.35 -3.10
N MET A 18 -5.77 -3.02 -2.99
CA MET A 18 -5.38 -1.68 -2.60
C MET A 18 -5.80 -0.67 -3.67
N SER A 19 -5.63 -1.05 -4.93
CA SER A 19 -5.99 -0.17 -6.03
C SER A 19 -7.48 0.15 -6.00
N GLU A 20 -8.29 -0.87 -5.76
CA GLU A 20 -9.73 -0.68 -5.70
C GLU A 20 -10.11 0.26 -4.57
N PHE A 21 -9.44 0.12 -3.42
CA PHE A 21 -9.73 0.97 -2.28
C PHE A 21 -9.33 2.41 -2.58
N LEU A 22 -8.21 2.57 -3.26
CA LEU A 22 -7.73 3.90 -3.63
C LEU A 22 -8.72 4.61 -4.55
N SER A 23 -9.26 3.86 -5.50
CA SER A 23 -10.23 4.42 -6.44
C SER A 23 -11.48 4.88 -5.70
N ARG A 24 -11.98 4.03 -4.81
CA ARG A 24 -13.18 4.35 -4.04
C ARG A 24 -12.93 5.55 -3.14
N GLY A 25 -11.75 5.59 -2.53
CA GLY A 25 -11.39 6.68 -1.62
C GLY A 25 -11.75 8.04 -2.23
N PRO A 26 -12.83 8.68 -1.79
CA PRO A 26 -13.25 10.01 -2.35
C PRO A 26 -12.17 11.07 -2.15
N ALA A 27 -11.45 10.98 -1.04
CA ALA A 27 -10.40 11.94 -0.73
C ALA A 27 -9.31 11.93 -1.80
N VAL A 28 -9.22 10.83 -2.53
CA VAL A 28 -8.22 10.71 -3.57
C VAL A 28 -8.42 11.80 -4.62
N LEU A 29 -9.68 12.03 -4.98
CA LEU A 29 -10.00 13.06 -5.98
C LEU A 29 -9.28 12.78 -7.29
N ALA A 30 -8.82 11.54 -7.46
CA ALA A 30 -8.11 11.15 -8.67
C ALA A 30 -6.99 12.12 -8.98
N THR A 31 -6.42 12.72 -7.92
CA THR A 31 -5.34 13.68 -8.09
C THR A 31 -4.17 13.34 -7.18
N LYS A 32 -4.49 12.76 -6.02
CA LYS A 32 -3.46 12.40 -5.05
C LYS A 32 -2.65 13.62 -4.65
N ALA A 33 -3.34 14.65 -4.16
CA ALA A 33 -2.67 15.88 -3.74
C ALA A 33 -1.66 15.58 -2.63
N ALA A 34 -0.59 16.36 -2.60
CA ALA A 34 0.45 16.19 -1.59
C ALA A 34 0.05 16.87 -0.29
N ALA A 35 -1.02 16.38 0.32
CA ALA A 35 -1.50 16.94 1.58
C ALA A 35 -0.44 16.82 2.66
N GLY A 36 0.27 15.70 2.67
CA GLY A 36 1.31 15.48 3.67
C GLY A 36 0.85 14.48 4.73
N THR A 37 -0.29 13.84 4.49
CA THR A 37 -0.81 12.87 5.43
C THR A 37 0.08 11.62 5.43
N LYS A 38 0.76 11.39 4.33
CA LYS A 38 1.64 10.23 4.23
C LYS A 38 2.76 10.29 5.27
N LYS A 39 2.92 11.45 5.91
CA LYS A 39 3.95 11.63 6.91
C LYS A 39 3.93 10.49 7.94
N TYR A 40 2.77 9.84 8.07
CA TYR A 40 2.64 8.74 9.02
C TYR A 40 3.49 7.56 8.56
N ASP A 41 4.15 6.91 9.52
CA ASP A 41 4.98 5.76 9.20
C ASP A 41 4.18 4.47 9.23
N LEU A 42 3.39 4.24 8.18
CA LEU A 42 2.57 3.04 8.09
C LEU A 42 3.22 2.01 7.17
N SER A 43 4.38 2.35 6.62
CA SER A 43 5.09 1.44 5.73
C SER A 43 5.55 0.19 6.49
N LYS A 44 5.53 0.27 7.81
CA LYS A 44 5.93 -0.86 8.64
C LYS A 44 4.71 -1.73 8.99
N TRP A 45 3.52 -1.22 8.71
CA TRP A 45 2.30 -1.95 9.00
C TRP A 45 1.98 -2.95 7.90
N LYS A 46 1.64 -4.16 8.30
CA LYS A 46 1.31 -5.20 7.33
C LYS A 46 0.08 -4.81 6.52
N TYR A 47 -0.08 -5.47 5.38
CA TYR A 47 -1.22 -5.21 4.51
C TYR A 47 -2.51 -5.44 5.29
N ALA A 48 -2.58 -6.56 5.99
CA ALA A 48 -3.78 -6.88 6.77
C ALA A 48 -3.98 -5.85 7.87
N GLU A 49 -2.89 -5.43 8.49
CA GLU A 49 -2.96 -4.44 9.57
C GLU A 49 -3.51 -3.11 9.06
N LEU A 50 -3.04 -2.69 7.89
CA LEU A 50 -3.52 -1.44 7.31
C LEU A 50 -4.99 -1.55 6.97
N ARG A 51 -5.38 -2.70 6.46
CA ARG A 51 -6.76 -2.91 6.08
C ARG A 51 -7.65 -2.75 7.31
N ASP A 52 -7.28 -3.40 8.40
CA ASP A 52 -8.04 -3.29 9.64
C ASP A 52 -7.99 -1.86 10.15
N THR A 53 -6.84 -1.22 10.02
CA THR A 53 -6.69 0.15 10.50
C THR A 53 -7.68 1.07 9.77
N ILE A 54 -7.77 0.92 8.46
CA ILE A 54 -8.67 1.75 7.67
C ILE A 54 -10.13 1.53 8.10
N ASN A 55 -10.52 0.27 8.23
CA ASN A 55 -11.88 -0.07 8.62
C ASN A 55 -12.20 0.48 10.01
N THR A 56 -11.23 0.39 10.91
CA THR A 56 -11.44 0.88 12.27
C THR A 56 -11.04 2.36 12.39
N SER A 57 -10.55 2.93 11.29
CA SER A 57 -10.14 4.32 11.31
C SER A 57 -11.31 5.23 11.63
N CYS A 58 -11.06 6.22 12.49
CA CYS A 58 -12.09 7.16 12.88
C CYS A 58 -11.69 8.59 12.52
N ASP A 59 -10.74 8.73 11.59
CA ASP A 59 -10.27 10.04 11.17
C ASP A 59 -9.86 10.02 9.71
N ILE A 60 -10.02 11.15 9.04
CA ILE A 60 -9.65 11.25 7.64
C ILE A 60 -8.14 11.21 7.46
N GLU A 61 -7.42 11.68 8.48
CA GLU A 61 -5.96 11.70 8.43
C GLU A 61 -5.40 10.29 8.34
N LEU A 62 -5.94 9.40 9.17
CA LEU A 62 -5.49 8.02 9.17
C LEU A 62 -5.89 7.33 7.86
N LEU A 63 -7.10 7.62 7.40
CA LEU A 63 -7.60 7.01 6.18
C LEU A 63 -6.70 7.39 5.01
N ALA A 64 -6.33 8.65 4.96
CA ALA A 64 -5.45 9.15 3.92
C ALA A 64 -4.06 8.54 4.07
N ALA A 65 -3.66 8.29 5.31
CA ALA A 65 -2.35 7.73 5.57
C ALA A 65 -2.22 6.35 4.94
N CYS A 66 -3.25 5.54 5.10
CA CYS A 66 -3.23 4.20 4.55
C CYS A 66 -3.28 4.26 3.03
N ARG A 67 -4.09 5.17 2.52
CA ARG A 67 -4.23 5.33 1.08
C ARG A 67 -2.89 5.72 0.47
N GLU A 68 -2.18 6.63 1.13
CA GLU A 68 -0.88 7.06 0.65
C GLU A 68 0.11 5.91 0.69
N GLU A 69 0.05 5.12 1.76
CA GLU A 69 0.95 3.99 1.89
C GLU A 69 0.72 3.00 0.76
N PHE A 70 -0.55 2.78 0.44
CA PHE A 70 -0.89 1.85 -0.61
C PHE A 70 -0.39 2.34 -1.96
N HIS A 71 -0.52 3.64 -2.22
CA HIS A 71 -0.07 4.19 -3.47
C HIS A 71 1.43 3.96 -3.65
N ARG A 72 2.19 4.27 -2.60
CA ARG A 72 3.65 4.08 -2.64
C ARG A 72 4.00 2.61 -2.77
N ARG A 73 3.31 1.77 -2.02
CA ARG A 73 3.57 0.34 -2.06
C ARG A 73 3.26 -0.24 -3.44
N LEU A 74 2.16 0.23 -4.04
CA LEU A 74 1.78 -0.23 -5.36
C LEU A 74 2.83 0.16 -6.40
N LYS A 75 3.35 1.38 -6.28
CA LYS A 75 4.36 1.86 -7.21
C LYS A 75 5.62 0.99 -7.14
N VAL A 76 6.04 0.68 -5.92
CA VAL A 76 7.23 -0.13 -5.72
C VAL A 76 7.00 -1.53 -6.29
N TYR A 77 5.80 -2.05 -6.09
CA TYR A 77 5.45 -3.37 -6.58
C TYR A 77 5.62 -3.43 -8.09
N HIS A 78 5.07 -2.43 -8.77
CA HIS A 78 5.17 -2.37 -10.22
C HIS A 78 6.63 -2.24 -10.65
N ALA A 79 7.38 -1.40 -9.94
CA ALA A 79 8.79 -1.20 -10.26
C ALA A 79 9.57 -2.51 -10.09
N TRP A 80 9.27 -3.23 -9.02
CA TRP A 80 9.95 -4.49 -8.77
C TRP A 80 9.71 -5.46 -9.92
N LYS A 81 8.45 -5.56 -10.35
CA LYS A 81 8.11 -6.45 -11.45
C LYS A 81 8.90 -6.09 -12.69
N SER A 82 9.05 -4.81 -12.93
CA SER A 82 9.82 -4.38 -14.10
C SER A 82 11.28 -4.78 -13.95
N LYS A 83 11.78 -4.81 -12.72
CA LYS A 83 13.18 -5.17 -12.50
C LYS A 83 13.46 -6.60 -12.94
N ASN A 84 12.58 -7.52 -12.56
CA ASN A 84 12.78 -8.92 -12.95
C ASN A 84 12.22 -9.21 -14.34
N LYS A 85 11.08 -8.58 -14.66
CA LYS A 85 10.48 -8.78 -15.97
C LYS A 85 11.37 -8.18 -17.05
N LYS A 86 11.92 -7.03 -16.75
CA LYS A 86 12.80 -6.35 -17.69
C LYS A 86 14.15 -6.02 -17.06
N ARG A 87 15.22 -6.25 -17.81
CA ARG A 87 16.57 -5.98 -17.32
C ARG A 87 17.33 -5.07 -18.30
N ILE B 9 13.49 -15.18 -2.17
CA ILE B 9 12.60 -15.61 -3.28
C ILE B 9 11.96 -14.37 -3.92
N GLU B 10 11.71 -14.44 -5.21
CA GLU B 10 11.11 -13.32 -5.92
C GLU B 10 9.71 -13.03 -5.37
N ASN B 11 8.96 -14.10 -5.13
CA ASN B 11 7.61 -13.96 -4.60
C ASN B 11 7.66 -13.32 -3.23
N ASP B 12 8.64 -13.71 -2.43
CA ASP B 12 8.79 -13.16 -1.08
C ASP B 12 9.04 -11.67 -1.15
N GLU B 13 9.87 -11.25 -2.10
CA GLU B 13 10.19 -9.83 -2.26
C GLU B 13 8.92 -9.04 -2.61
N ALA B 14 8.12 -9.60 -3.51
CA ALA B 14 6.88 -8.94 -3.93
C ALA B 14 5.93 -8.82 -2.74
N PHE B 15 5.85 -9.86 -1.93
CA PHE B 15 4.98 -9.84 -0.77
C PHE B 15 5.38 -8.73 0.19
N ALA B 16 6.68 -8.60 0.43
CA ALA B 16 7.17 -7.57 1.34
C ALA B 16 6.80 -6.18 0.82
N ILE B 17 6.90 -6.01 -0.48
CA ILE B 17 6.56 -4.73 -1.08
C ILE B 17 5.13 -4.35 -0.80
N LEU B 18 4.22 -5.33 -0.89
CA LEU B 18 2.81 -5.07 -0.64
C LEU B 18 2.39 -5.53 0.74
N ASP B 19 3.33 -5.62 1.66
CA ASP B 19 3.02 -6.06 3.02
C ASP B 19 3.88 -5.31 4.03
N GLY B 20 5.19 -5.48 3.92
CA GLY B 20 6.12 -4.82 4.82
C GLY B 20 6.54 -3.46 4.28
N GLY B 21 6.08 -3.12 3.07
CA GLY B 21 6.43 -1.83 2.47
C GLY B 21 7.89 -1.82 2.05
N ALA B 22 8.46 -3.01 1.88
CA ALA B 22 9.87 -3.13 1.49
C ALA B 22 10.06 -2.73 0.03
N PRO B 23 11.26 -2.38 -0.35
CA PRO B 23 11.56 -2.00 -1.76
C PRO B 23 11.53 -3.19 -2.71
N GLY B 24 11.63 -4.40 -2.15
CA GLY B 24 11.60 -5.60 -2.96
C GLY B 24 12.90 -6.40 -2.80
N ARG A 6 0.13 -10.86 7.35
CA ARG A 6 0.81 -11.93 6.58
C ARG A 6 -0.24 -12.78 5.85
N PRO A 7 -0.95 -12.19 4.92
CA PRO A 7 -1.99 -12.88 4.14
C PRO A 7 -1.40 -13.87 3.15
N LYS A 8 -2.18 -14.88 2.82
CA LYS A 8 -1.75 -15.91 1.88
C LYS A 8 -2.02 -15.48 0.43
N MET A 9 -2.69 -14.34 0.26
CA MET A 9 -2.99 -13.84 -1.06
C MET A 9 -1.72 -13.57 -1.84
N THR A 10 -1.75 -13.83 -3.14
CA THR A 10 -0.59 -13.60 -3.98
C THR A 10 -0.30 -12.11 -4.10
N PRO A 11 0.90 -11.75 -4.49
CA PRO A 11 1.29 -10.31 -4.64
C PRO A 11 0.32 -9.56 -5.54
N GLU A 12 -0.06 -10.20 -6.64
CA GLU A 12 -0.99 -9.57 -7.59
C GLU A 12 -2.36 -9.39 -6.96
N GLN A 13 -2.80 -10.39 -6.20
CA GLN A 13 -4.11 -10.34 -5.55
C GLN A 13 -4.15 -9.20 -4.55
N MET A 14 -3.08 -9.05 -3.78
CA MET A 14 -3.02 -7.99 -2.80
C MET A 14 -3.05 -6.63 -3.47
N ALA A 15 -2.34 -6.52 -4.59
CA ALA A 15 -2.30 -5.26 -5.33
C ALA A 15 -3.68 -4.88 -5.84
N LYS A 16 -4.42 -5.86 -6.33
CA LYS A 16 -5.75 -5.59 -6.85
C LYS A 16 -6.66 -5.07 -5.74
N GLU A 17 -6.54 -5.66 -4.57
CA GLU A 17 -7.37 -5.22 -3.45
C GLU A 17 -7.03 -3.78 -3.06
N MET A 18 -5.76 -3.44 -3.08
CA MET A 18 -5.34 -2.08 -2.72
C MET A 18 -5.93 -1.07 -3.70
N SER A 19 -5.90 -1.41 -4.98
CA SER A 19 -6.45 -0.51 -6.00
C SER A 19 -7.95 -0.32 -5.80
N GLU A 20 -8.64 -1.41 -5.51
CA GLU A 20 -10.08 -1.36 -5.31
C GLU A 20 -10.43 -0.45 -4.13
N PHE A 21 -9.64 -0.54 -3.06
CA PHE A 21 -9.89 0.29 -1.89
C PHE A 21 -9.65 1.76 -2.22
N LEU A 22 -8.62 2.02 -3.00
CA LEU A 22 -8.28 3.38 -3.39
C LEU A 22 -9.40 3.99 -4.23
N SER A 23 -9.95 3.19 -5.14
CA SER A 23 -11.03 3.67 -5.99
C SER A 23 -12.29 3.97 -5.17
N ARG A 24 -12.56 3.12 -4.20
CA ARG A 24 -13.73 3.30 -3.34
C ARG A 24 -13.61 4.59 -2.54
N GLY A 25 -12.41 4.86 -2.06
CA GLY A 25 -12.18 6.07 -1.26
C GLY A 25 -12.26 7.33 -2.13
N PRO A 26 -12.60 8.45 -1.55
CA PRO A 26 -12.70 9.74 -2.31
C PRO A 26 -11.33 10.30 -2.67
N ALA A 27 -11.23 10.88 -3.87
CA ALA A 27 -9.97 11.45 -4.34
C ALA A 27 -9.55 12.60 -3.43
N VAL A 28 -10.50 13.16 -2.70
CA VAL A 28 -10.21 14.26 -1.80
C VAL A 28 -9.19 13.83 -0.75
N LEU A 29 -9.35 12.63 -0.22
CA LEU A 29 -8.42 12.13 0.78
C LEU A 29 -7.02 11.98 0.20
N ALA A 30 -6.96 11.50 -1.04
CA ALA A 30 -5.67 11.31 -1.70
C ALA A 30 -4.93 12.63 -1.86
N THR A 31 -5.68 13.69 -2.17
CA THR A 31 -5.07 15.00 -2.36
C THR A 31 -4.54 15.54 -1.04
N LYS A 32 -5.30 15.34 0.01
CA LYS A 32 -4.90 15.80 1.33
C LYS A 32 -3.63 15.10 1.79
N ALA A 33 -3.54 13.81 1.50
CA ALA A 33 -2.36 13.04 1.88
C ALA A 33 -1.11 13.59 1.21
N ALA A 34 -1.24 13.88 -0.09
CA ALA A 34 -0.12 14.41 -0.86
C ALA A 34 0.35 15.73 -0.27
N ALA A 35 -0.60 16.55 0.16
CA ALA A 35 -0.27 17.83 0.75
C ALA A 35 0.60 17.65 2.00
N GLY A 36 0.34 16.57 2.74
CA GLY A 36 1.10 16.31 3.95
C GLY A 36 0.21 16.41 5.19
N THR A 37 -1.03 15.94 5.05
CA THR A 37 -1.98 15.99 6.16
C THR A 37 -1.97 14.65 6.90
N LYS A 38 -0.89 13.91 6.76
CA LYS A 38 -0.77 12.62 7.40
C LYS A 38 0.42 12.60 8.36
N LYS A 39 1.62 12.52 7.80
CA LYS A 39 2.84 12.49 8.60
C LYS A 39 2.92 11.21 9.43
N TYR A 40 2.16 10.20 9.02
CA TYR A 40 2.16 8.92 9.73
C TYR A 40 2.95 7.88 8.95
N ASP A 41 3.86 7.20 9.63
CA ASP A 41 4.68 6.18 8.99
C ASP A 41 3.99 4.82 9.08
N LEU A 42 3.09 4.56 8.15
CA LEU A 42 2.35 3.31 8.12
C LEU A 42 2.98 2.33 7.13
N SER A 43 4.12 2.70 6.56
CA SER A 43 4.79 1.85 5.60
C SER A 43 5.32 0.59 6.29
N LYS A 44 5.34 0.60 7.62
CA LYS A 44 5.82 -0.55 8.38
C LYS A 44 4.66 -1.46 8.76
N TRP A 45 3.43 -1.01 8.53
CA TRP A 45 2.25 -1.80 8.87
C TRP A 45 1.95 -2.81 7.78
N LYS A 46 1.63 -4.03 8.20
CA LYS A 46 1.32 -5.09 7.25
C LYS A 46 0.09 -4.74 6.43
N TYR A 47 -0.06 -5.40 5.30
CA TYR A 47 -1.21 -5.16 4.44
C TYR A 47 -2.49 -5.40 5.21
N ALA A 48 -2.55 -6.53 5.90
CA ALA A 48 -3.73 -6.87 6.68
C ALA A 48 -3.96 -5.83 7.78
N GLU A 49 -2.88 -5.40 8.41
CA GLU A 49 -2.96 -4.42 9.50
C GLU A 49 -3.52 -3.11 8.99
N LEU A 50 -3.06 -2.66 7.83
CA LEU A 50 -3.55 -1.42 7.25
C LEU A 50 -5.01 -1.54 6.89
N ARG A 51 -5.39 -2.68 6.38
CA ARG A 51 -6.77 -2.90 5.99
C ARG A 51 -7.67 -2.75 7.21
N ASP A 52 -7.28 -3.40 8.30
CA ASP A 52 -8.05 -3.33 9.53
C ASP A 52 -8.03 -1.90 10.07
N THR A 53 -6.88 -1.25 9.97
CA THR A 53 -6.76 0.11 10.47
C THR A 53 -7.73 1.03 9.75
N ILE A 54 -7.79 0.92 8.43
CA ILE A 54 -8.69 1.77 7.65
C ILE A 54 -10.14 1.53 8.04
N ASN A 55 -10.53 0.26 8.14
CA ASN A 55 -11.91 -0.08 8.49
C ASN A 55 -12.27 0.45 9.88
N THR A 56 -11.32 0.37 10.81
CA THR A 56 -11.56 0.86 12.16
C THR A 56 -11.17 2.34 12.31
N SER A 57 -10.63 2.92 11.25
CA SER A 57 -10.21 4.32 11.30
C SER A 57 -11.41 5.23 11.46
N CYS A 58 -11.27 6.21 12.35
CA CYS A 58 -12.33 7.17 12.59
C CYS A 58 -11.88 8.57 12.19
N ASP A 59 -10.60 8.72 11.86
CA ASP A 59 -10.06 10.01 11.47
C ASP A 59 -9.74 10.03 9.98
N ILE A 60 -10.04 11.15 9.33
CA ILE A 60 -9.78 11.28 7.89
C ILE A 60 -8.28 11.35 7.63
N GLU A 61 -7.53 11.87 8.61
CA GLU A 61 -6.09 12.00 8.47
C GLU A 61 -5.44 10.63 8.33
N LEU A 62 -5.85 9.71 9.18
CA LEU A 62 -5.31 8.36 9.13
C LEU A 62 -5.72 7.67 7.84
N LEU A 63 -6.96 7.89 7.43
CA LEU A 63 -7.48 7.28 6.21
C LEU A 63 -6.66 7.72 5.01
N ALA A 64 -6.35 9.01 4.98
CA ALA A 64 -5.54 9.56 3.91
C ALA A 64 -4.14 8.94 3.92
N ALA A 65 -3.63 8.70 5.12
CA ALA A 65 -2.29 8.13 5.27
C ALA A 65 -2.25 6.72 4.68
N CYS A 66 -3.29 5.96 4.93
CA CYS A 66 -3.35 4.59 4.42
C CYS A 66 -3.41 4.59 2.91
N ARG A 67 -4.20 5.50 2.36
CA ARG A 67 -4.33 5.60 0.92
C ARG A 67 -2.99 5.91 0.28
N GLU A 68 -2.28 6.86 0.87
CA GLU A 68 -0.97 7.23 0.36
C GLU A 68 0.03 6.09 0.54
N GLU A 69 -0.06 5.41 1.68
CA GLU A 69 0.85 4.31 1.96
C GLU A 69 0.66 3.20 0.94
N PHE A 70 -0.60 2.94 0.60
CA PHE A 70 -0.94 1.90 -0.37
C PHE A 70 -0.37 2.25 -1.74
N HIS A 71 -0.46 3.53 -2.11
CA HIS A 71 0.06 3.96 -3.40
C HIS A 71 1.56 3.73 -3.46
N ARG A 72 2.26 4.04 -2.38
CA ARG A 72 3.71 3.85 -2.35
C ARG A 72 4.05 2.37 -2.48
N ARG A 73 3.33 1.54 -1.73
CA ARG A 73 3.57 0.10 -1.80
C ARG A 73 3.26 -0.44 -3.19
N LEU A 74 2.16 0.02 -3.77
CA LEU A 74 1.76 -0.43 -5.10
C LEU A 74 2.79 0.00 -6.15
N LYS A 75 3.31 1.21 -6.01
CA LYS A 75 4.29 1.72 -6.95
C LYS A 75 5.54 0.85 -6.93
N VAL A 76 5.99 0.50 -5.73
CA VAL A 76 7.18 -0.33 -5.58
C VAL A 76 6.93 -1.70 -6.20
N TYR A 77 5.74 -2.24 -5.97
CA TYR A 77 5.39 -3.54 -6.49
C TYR A 77 5.50 -3.54 -8.02
N HIS A 78 4.90 -2.53 -8.64
CA HIS A 78 4.94 -2.42 -10.09
C HIS A 78 6.38 -2.30 -10.57
N ALA A 79 7.14 -1.44 -9.93
CA ALA A 79 8.53 -1.23 -10.31
C ALA A 79 9.32 -2.52 -10.17
N TRP A 80 9.06 -3.28 -9.11
CA TRP A 80 9.74 -4.53 -8.88
C TRP A 80 9.48 -5.50 -10.04
N LYS A 81 8.23 -5.60 -10.44
CA LYS A 81 7.90 -6.49 -11.53
C LYS A 81 8.65 -6.08 -12.78
N SER A 82 8.75 -4.79 -13.01
CA SER A 82 9.45 -4.29 -14.19
C SER A 82 10.96 -4.34 -14.00
N LYS A 83 11.40 -4.49 -12.74
CA LYS A 83 12.83 -4.55 -12.47
C LYS A 83 13.37 -5.93 -12.83
N ASN A 84 12.54 -6.96 -12.66
CA ASN A 84 12.97 -8.31 -12.96
C ASN A 84 12.42 -8.77 -14.31
N LYS A 85 11.37 -8.12 -14.80
CA LYS A 85 10.80 -8.49 -16.08
C LYS A 85 11.28 -7.53 -17.16
N LYS A 86 11.30 -6.25 -16.82
CA LYS A 86 11.75 -5.23 -17.76
C LYS A 86 13.10 -4.66 -17.34
N ARG A 87 13.62 -3.77 -18.15
CA ARG A 87 14.92 -3.15 -17.87
C ARG A 87 16.00 -4.21 -17.74
N ILE B 9 11.81 -16.90 -3.55
CA ILE B 9 12.81 -15.81 -3.68
C ILE B 9 12.13 -14.55 -4.23
N GLU B 10 11.86 -14.56 -5.53
CA GLU B 10 11.22 -13.41 -6.16
C GLU B 10 9.83 -13.20 -5.57
N ASN B 11 9.10 -14.28 -5.35
CA ASN B 11 7.76 -14.18 -4.79
C ASN B 11 7.82 -13.55 -3.40
N ASP B 12 8.83 -13.94 -2.65
CA ASP B 12 8.99 -13.41 -1.30
C ASP B 12 9.24 -11.91 -1.34
N GLU B 13 10.03 -11.47 -2.32
CA GLU B 13 10.34 -10.05 -2.46
C GLU B 13 9.06 -9.25 -2.72
N ALA B 14 8.21 -9.77 -3.59
CA ALA B 14 6.97 -9.10 -3.90
C ALA B 14 6.07 -9.01 -2.67
N PHE B 15 6.04 -10.10 -1.90
CA PHE B 15 5.23 -10.13 -0.69
C PHE B 15 5.67 -9.04 0.27
N ALA B 16 6.97 -8.89 0.44
CA ALA B 16 7.49 -7.88 1.36
C ALA B 16 7.06 -6.50 0.88
N ILE B 17 7.13 -6.28 -0.42
CA ILE B 17 6.74 -4.99 -0.97
C ILE B 17 5.29 -4.67 -0.65
N LEU B 18 4.43 -5.68 -0.78
CA LEU B 18 3.01 -5.48 -0.51
C LEU B 18 2.62 -6.00 0.88
N ASP B 19 3.57 -6.01 1.81
CA ASP B 19 3.27 -6.48 3.17
C ASP B 19 4.25 -5.87 4.17
N GLY B 20 5.52 -6.16 3.99
CA GLY B 20 6.54 -5.63 4.87
C GLY B 20 6.88 -4.18 4.52
N GLY B 21 6.36 -3.69 3.41
CA GLY B 21 6.63 -2.32 2.98
C GLY B 21 8.07 -2.20 2.46
N ALA B 22 8.68 -3.34 2.14
CA ALA B 22 10.06 -3.35 1.66
C ALA B 22 10.15 -2.85 0.23
N PRO B 23 11.30 -2.40 -0.20
CA PRO B 23 11.49 -1.91 -1.58
C PRO B 23 11.52 -3.03 -2.61
N GLY B 24 11.81 -4.25 -2.14
CA GLY B 24 11.86 -5.40 -3.03
C GLY B 24 13.12 -6.22 -2.78
N ARG A 6 1.51 -11.59 6.98
CA ARG A 6 1.51 -11.35 5.51
C ARG A 6 0.18 -11.83 4.93
N PRO A 7 -0.21 -11.30 3.79
CA PRO A 7 -1.48 -11.68 3.12
C PRO A 7 -1.41 -13.09 2.53
N LYS A 8 -2.54 -13.77 2.51
CA LYS A 8 -2.62 -15.12 1.96
C LYS A 8 -2.84 -15.07 0.45
N MET A 9 -3.09 -13.87 -0.08
CA MET A 9 -3.33 -13.71 -1.52
C MET A 9 -2.01 -13.45 -2.24
N THR A 10 -2.02 -13.61 -3.55
CA THR A 10 -0.82 -13.39 -4.34
C THR A 10 -0.48 -11.90 -4.42
N PRO A 11 0.74 -11.57 -4.75
CA PRO A 11 1.18 -10.15 -4.84
C PRO A 11 0.28 -9.32 -5.77
N GLU A 12 -0.11 -9.94 -6.88
CA GLU A 12 -0.97 -9.26 -7.84
C GLU A 12 -2.35 -9.01 -7.23
N GLN A 13 -2.87 -10.01 -6.52
CA GLN A 13 -4.17 -9.87 -5.89
C GLN A 13 -4.14 -8.82 -4.79
N MET A 14 -3.05 -8.78 -4.02
CA MET A 14 -2.92 -7.82 -2.95
C MET A 14 -2.96 -6.41 -3.51
N ALA A 15 -2.26 -6.21 -4.63
CA ALA A 15 -2.23 -4.90 -5.26
C ALA A 15 -3.61 -4.50 -5.75
N LYS A 16 -4.33 -5.46 -6.33
CA LYS A 16 -5.67 -5.19 -6.84
C LYS A 16 -6.60 -4.78 -5.70
N GLU A 17 -6.48 -5.43 -4.56
CA GLU A 17 -7.32 -5.09 -3.42
C GLU A 17 -7.03 -3.67 -2.96
N MET A 18 -5.77 -3.28 -2.94
CA MET A 18 -5.40 -1.94 -2.52
C MET A 18 -5.99 -0.91 -3.47
N SER A 19 -5.93 -1.22 -4.76
CA SER A 19 -6.47 -0.31 -5.77
C SER A 19 -7.97 -0.12 -5.59
N GLU A 20 -8.66 -1.21 -5.29
CA GLU A 20 -10.11 -1.16 -5.11
C GLU A 20 -10.46 -0.28 -3.91
N PHE A 21 -9.69 -0.40 -2.84
CA PHE A 21 -9.94 0.41 -1.65
C PHE A 21 -9.71 1.89 -1.96
N LEU A 22 -8.68 2.17 -2.74
CA LEU A 22 -8.37 3.55 -3.10
C LEU A 22 -9.51 4.18 -3.89
N SER A 23 -10.06 3.41 -4.82
CA SER A 23 -11.17 3.88 -5.65
C SER A 23 -12.40 4.15 -4.80
N ARG A 24 -12.64 3.27 -3.83
CA ARG A 24 -13.80 3.43 -2.95
C ARG A 24 -13.70 4.73 -2.16
N GLY A 25 -12.50 5.05 -1.72
CA GLY A 25 -12.30 6.27 -0.94
C GLY A 25 -12.74 7.50 -1.74
N PRO A 26 -13.24 8.52 -1.08
CA PRO A 26 -13.71 9.77 -1.74
C PRO A 26 -12.56 10.68 -2.15
N ALA A 27 -12.44 10.93 -3.46
CA ALA A 27 -11.38 11.80 -3.97
C ALA A 27 -10.04 11.48 -3.32
N VAL A 28 -9.68 10.20 -3.34
CA VAL A 28 -8.43 9.77 -2.72
C VAL A 28 -7.25 10.47 -3.36
N LEU A 29 -7.25 10.51 -4.70
CA LEU A 29 -6.17 11.16 -5.43
C LEU A 29 -6.55 12.59 -5.80
N ALA A 30 -7.85 12.85 -5.90
CA ALA A 30 -8.32 14.18 -6.25
C ALA A 30 -7.89 15.19 -5.19
N THR A 31 -7.90 14.76 -3.94
CA THR A 31 -7.51 15.64 -2.84
C THR A 31 -6.03 15.98 -2.92
N LYS A 32 -5.26 15.07 -3.52
CA LYS A 32 -3.82 15.28 -3.66
C LYS A 32 -3.19 15.61 -2.32
N ALA A 33 -3.54 14.85 -1.30
CA ALA A 33 -3.01 15.07 0.03
C ALA A 33 -1.49 14.90 0.04
N ALA A 34 -1.02 13.88 -0.66
CA ALA A 34 0.42 13.61 -0.74
C ALA A 34 1.04 13.63 0.66
N ALA A 35 0.23 13.31 1.66
CA ALA A 35 0.70 13.29 3.04
C ALA A 35 -0.14 12.35 3.90
N GLY A 36 0.46 11.83 4.96
CA GLY A 36 -0.25 10.92 5.85
C GLY A 36 0.71 9.91 6.48
N THR A 37 1.67 9.44 5.68
CA THR A 37 2.64 8.49 6.20
C THR A 37 3.71 9.20 7.02
N LYS A 38 3.77 10.53 6.91
CA LYS A 38 4.76 11.30 7.65
C LYS A 38 4.43 11.31 9.13
N LYS A 39 3.15 11.44 9.45
CA LYS A 39 2.71 11.47 10.84
C LYS A 39 2.44 10.05 11.34
N TYR A 40 2.05 9.16 10.43
CA TYR A 40 1.76 7.79 10.82
C TYR A 40 2.76 6.83 10.17
N ASP A 41 3.33 5.95 10.97
CA ASP A 41 4.30 4.98 10.47
C ASP A 41 3.59 3.72 10.00
N LEU A 42 2.98 3.79 8.82
CA LEU A 42 2.27 2.64 8.27
C LEU A 42 3.13 1.89 7.26
N SER A 43 4.31 2.42 6.96
CA SER A 43 5.22 1.79 6.01
C SER A 43 5.68 0.44 6.54
N LYS A 44 5.56 0.26 7.86
CA LYS A 44 5.97 -0.99 8.47
C LYS A 44 4.73 -1.84 8.82
N TRP A 45 3.55 -1.30 8.57
CA TRP A 45 2.32 -2.02 8.87
C TRP A 45 1.99 -3.03 7.78
N LYS A 46 1.69 -4.26 8.19
CA LYS A 46 1.35 -5.31 7.24
C LYS A 46 0.07 -4.97 6.50
N TYR A 47 -0.16 -5.66 5.39
CA TYR A 47 -1.36 -5.44 4.59
C TYR A 47 -2.59 -5.66 5.45
N ALA A 48 -2.59 -6.76 6.19
CA ALA A 48 -3.73 -7.08 7.05
C ALA A 48 -3.92 -6.00 8.12
N GLU A 49 -2.80 -5.52 8.66
CA GLU A 49 -2.84 -4.48 9.69
C GLU A 49 -3.45 -3.20 9.13
N LEU A 50 -3.05 -2.83 7.92
CA LEU A 50 -3.58 -1.63 7.28
C LEU A 50 -5.06 -1.80 6.99
N ARG A 51 -5.45 -3.01 6.60
CA ARG A 51 -6.84 -3.26 6.30
C ARG A 51 -7.71 -2.99 7.52
N ASP A 52 -7.27 -3.49 8.67
CA ASP A 52 -7.99 -3.28 9.89
C ASP A 52 -8.05 -1.79 10.22
N THR A 53 -6.93 -1.10 9.96
CA THR A 53 -6.88 0.33 10.23
C THR A 53 -7.93 1.07 9.41
N ILE A 54 -8.05 0.72 8.15
CA ILE A 54 -9.02 1.37 7.27
C ILE A 54 -10.45 1.18 7.80
N ASN A 55 -10.78 -0.06 8.16
CA ASN A 55 -12.11 -0.37 8.67
C ASN A 55 -12.38 0.37 9.97
N THR A 56 -11.34 0.48 10.80
CA THR A 56 -11.47 1.18 12.08
C THR A 56 -11.16 2.66 11.95
N SER A 57 -10.81 3.10 10.74
CA SER A 57 -10.47 4.49 10.52
C SER A 57 -11.64 5.38 10.87
N CYS A 58 -11.38 6.36 11.71
CA CYS A 58 -12.40 7.31 12.13
C CYS A 58 -11.99 8.74 11.78
N ASP A 59 -10.75 8.89 11.32
CA ASP A 59 -10.25 10.21 10.96
C ASP A 59 -9.77 10.24 9.51
N ILE A 60 -9.87 11.40 8.87
CA ILE A 60 -9.43 11.54 7.49
C ILE A 60 -7.92 11.44 7.38
N GLU A 61 -7.23 11.82 8.45
CA GLU A 61 -5.77 11.77 8.46
C GLU A 61 -5.31 10.33 8.35
N LEU A 62 -5.94 9.45 9.12
CA LEU A 62 -5.58 8.04 9.10
C LEU A 62 -5.89 7.44 7.74
N LEU A 63 -7.03 7.81 7.18
CA LEU A 63 -7.45 7.30 5.88
C LEU A 63 -6.43 7.68 4.83
N ALA A 64 -5.94 8.91 4.91
CA ALA A 64 -4.93 9.37 3.97
C ALA A 64 -3.62 8.62 4.19
N ALA A 65 -3.33 8.30 5.47
CA ALA A 65 -2.10 7.60 5.81
C ALA A 65 -2.05 6.21 5.18
N CYS A 66 -3.12 5.44 5.36
CA CYS A 66 -3.18 4.10 4.81
C CYS A 66 -3.28 4.14 3.29
N ARG A 67 -4.07 5.08 2.78
CA ARG A 67 -4.23 5.22 1.35
C ARG A 67 -2.90 5.58 0.69
N GLU A 68 -2.17 6.49 1.33
CA GLU A 68 -0.88 6.91 0.81
C GLU A 68 0.09 5.75 0.80
N GLU A 69 0.06 4.95 1.86
CA GLU A 69 0.96 3.80 1.96
C GLU A 69 0.69 2.83 0.83
N PHE A 70 -0.58 2.64 0.50
CA PHE A 70 -0.94 1.73 -0.57
C PHE A 70 -0.41 2.24 -1.90
N HIS A 71 -0.51 3.52 -2.13
CA HIS A 71 -0.01 4.08 -3.38
C HIS A 71 1.50 3.89 -3.48
N ARG A 72 2.21 4.16 -2.39
CA ARG A 72 3.66 4.02 -2.39
C ARG A 72 4.07 2.55 -2.55
N ARG A 73 3.37 1.68 -1.83
CA ARG A 73 3.65 0.26 -1.90
C ARG A 73 3.34 -0.31 -3.28
N LEU A 74 2.22 0.14 -3.84
CA LEU A 74 1.81 -0.30 -5.17
C LEU A 74 2.83 0.13 -6.22
N LYS A 75 3.33 1.36 -6.08
CA LYS A 75 4.30 1.89 -7.03
C LYS A 75 5.57 1.02 -7.01
N VAL A 76 6.03 0.69 -5.80
CA VAL A 76 7.24 -0.11 -5.66
C VAL A 76 7.01 -1.49 -6.27
N TYR A 77 5.82 -2.03 -6.04
CA TYR A 77 5.48 -3.35 -6.57
C TYR A 77 5.60 -3.34 -8.09
N HIS A 78 5.04 -2.32 -8.72
CA HIS A 78 5.09 -2.20 -10.18
C HIS A 78 6.53 -2.13 -10.66
N ALA A 79 7.32 -1.27 -10.03
CA ALA A 79 8.72 -1.13 -10.42
C ALA A 79 9.47 -2.45 -10.23
N TRP A 80 9.19 -3.16 -9.14
CA TRP A 80 9.83 -4.42 -8.88
C TRP A 80 9.51 -5.42 -10.00
N LYS A 81 8.25 -5.48 -10.38
CA LYS A 81 7.81 -6.38 -11.44
C LYS A 81 8.49 -6.02 -12.75
N SER A 82 8.64 -4.73 -12.99
CA SER A 82 9.28 -4.26 -14.21
C SER A 82 10.73 -4.75 -14.27
N LYS A 83 11.41 -4.71 -13.12
CA LYS A 83 12.81 -5.15 -13.07
C LYS A 83 12.92 -6.65 -13.35
N ASN A 84 12.03 -7.42 -12.72
CA ASN A 84 12.05 -8.87 -12.91
C ASN A 84 11.58 -9.28 -14.31
N LYS A 85 10.56 -8.58 -14.80
CA LYS A 85 10.00 -8.86 -16.12
C LYS A 85 10.96 -8.39 -17.20
N LYS A 86 11.56 -7.23 -16.96
CA LYS A 86 12.52 -6.66 -17.91
C LYS A 86 13.74 -6.09 -17.19
N ARG A 87 14.89 -6.21 -17.85
CA ARG A 87 16.14 -5.70 -17.27
C ARG A 87 16.91 -4.87 -18.29
N ILE B 9 11.72 -16.76 -3.53
CA ILE B 9 12.69 -15.63 -3.42
C ILE B 9 12.06 -14.36 -3.98
N GLU B 10 11.81 -14.37 -5.28
CA GLU B 10 11.21 -13.20 -5.93
C GLU B 10 9.81 -12.94 -5.38
N ASN B 11 9.05 -14.01 -5.19
CA ASN B 11 7.70 -13.87 -4.66
C ASN B 11 7.73 -13.25 -3.28
N ASP B 12 8.72 -13.65 -2.49
CA ASP B 12 8.86 -13.13 -1.13
C ASP B 12 9.10 -11.63 -1.17
N GLU B 13 9.93 -11.19 -2.09
CA GLU B 13 10.24 -9.77 -2.21
C GLU B 13 8.98 -8.98 -2.54
N ALA B 14 8.17 -9.52 -3.45
CA ALA B 14 6.94 -8.85 -3.84
C ALA B 14 5.99 -8.72 -2.65
N PHE B 15 5.91 -9.77 -1.86
CA PHE B 15 5.05 -9.76 -0.68
C PHE B 15 5.49 -8.67 0.29
N ALA B 16 6.79 -8.56 0.51
CA ALA B 16 7.32 -7.55 1.41
C ALA B 16 6.97 -6.15 0.90
N ILE B 17 7.05 -5.96 -0.40
CA ILE B 17 6.74 -4.67 -1.00
C ILE B 17 5.30 -4.26 -0.68
N LEU B 18 4.39 -5.22 -0.74
CA LEU B 18 2.99 -4.94 -0.48
C LEU B 18 2.58 -5.42 0.92
N ASP B 19 3.54 -5.51 1.83
CA ASP B 19 3.24 -5.96 3.19
C ASP B 19 4.19 -5.31 4.20
N GLY B 20 5.48 -5.58 4.04
CA GLY B 20 6.48 -5.01 4.93
C GLY B 20 6.92 -3.63 4.45
N GLY B 21 6.40 -3.19 3.29
CA GLY B 21 6.76 -1.90 2.74
C GLY B 21 8.20 -1.91 2.23
N ALA B 22 8.73 -3.10 1.97
CA ALA B 22 10.10 -3.22 1.50
C ALA B 22 10.24 -2.73 0.06
N PRO B 23 11.43 -2.36 -0.35
CA PRO B 23 11.69 -1.86 -1.72
C PRO B 23 11.64 -2.99 -2.76
N GLY B 24 11.82 -4.21 -2.30
CA GLY B 24 11.80 -5.36 -3.20
C GLY B 24 13.05 -6.21 -3.01
#